data_1P9U
#
_entry.id   1P9U
#
_cell.length_a   72.390
_cell.length_b   158.550
_cell.length_c   88.200
_cell.angle_alpha   90.00
_cell.angle_beta   94.40
_cell.angle_gamma   90.00
#
_symmetry.space_group_name_H-M   'P 1 21 1'
#
loop_
_entity.id
_entity.type
_entity.pdbx_description
1 polymer 'putative coronavirus nsp2 (3CL-PRO)'
2 polymer 'PHQ-VNSTLQ-CHLOROMETHYLKETONE INHIBITOR'
3 non-polymer 'SULFATE ION'
4 non-polymer (4R)-2-METHYLPENTANE-2,4-DIOL
5 water water
#
loop_
_entity_poly.entity_id
_entity_poly.type
_entity_poly.pdbx_seq_one_letter_code
_entity_poly.pdbx_strand_id
1 'polypeptide(L)'
;SGLRKMAQPSGLVEPCIVRVSYGNNVLNGLWLGDEVICPRHVIASDTTRVINYENEMSSVRLHNFSVSKNNVFLGVVSAR
YKGVNLVLKVNQVNPNTPEHKFKSIKAGESFNILACYEGCPGSVYGVNMRSQGTIKGSFIAGTCGSVGYVLENGILYFVY
MHHLELGNGSHVGSNFEGEMYGGYEDQPSMQLEGTNVMSSDNVVAFLYAALINGERWFVTNTSMSLESYNTWAKTNSFTE
LSSTDAFSMLAAKTGQSVEKLLDSIVRLNKGFGGRTILSYGSLCDEFTPTEVIRQMYGVNLQ
;
A,B,C,D,E,F
2 'polypeptide(L)' (PHQ)VNSTLQ(0QE) G,H
#
loop_
_chem_comp.id
_chem_comp.type
_chem_comp.name
_chem_comp.formula
0QE non-polymer chloromethane 'C H3 Cl'
MRD non-polymer (4R)-2-METHYLPENTANE-2,4-DIOL 'C6 H14 O2'
PHQ non-polymer 'benzyl chlorocarbonate' 'C8 H7 Cl O2'
SO4 non-polymer 'SULFATE ION' 'O4 S -2'
#
# COMPACT_ATOMS: atom_id res chain seq x y z
N SER A 1 3.87 -4.52 38.91
CA SER A 1 2.51 -4.18 38.39
C SER A 1 1.89 -5.38 37.67
N GLY A 2 0.63 -5.25 37.25
CA GLY A 2 -0.03 -6.35 36.57
C GLY A 2 -0.87 -7.19 37.55
N LEU A 3 -2.09 -7.55 37.16
CA LEU A 3 -2.96 -8.34 38.04
C LEU A 3 -3.04 -9.82 37.67
N ARG A 4 -2.54 -10.67 38.56
CA ARG A 4 -2.55 -12.12 38.38
C ARG A 4 -3.11 -12.79 39.63
N LYS A 5 -3.91 -13.84 39.45
CA LYS A 5 -4.46 -14.56 40.59
C LYS A 5 -3.31 -15.36 41.17
N MET A 6 -3.06 -15.19 42.45
CA MET A 6 -1.97 -15.90 43.10
C MET A 6 -2.38 -16.82 44.24
N ALA A 7 -1.41 -17.60 44.70
CA ALA A 7 -1.62 -18.53 45.79
C ALA A 7 -0.48 -18.36 46.77
N GLN A 8 -0.75 -18.68 48.02
CA GLN A 8 0.26 -18.61 49.05
C GLN A 8 1.04 -19.92 48.94
N PRO A 9 2.32 -19.92 49.36
CA PRO A 9 3.16 -21.13 49.28
C PRO A 9 2.49 -22.35 49.92
N SER A 10 2.74 -23.52 49.32
CA SER A 10 2.15 -24.77 49.79
C SER A 10 3.07 -25.67 50.64
N GLY A 11 4.30 -25.23 50.87
CA GLY A 11 5.24 -26.02 51.64
C GLY A 11 4.75 -26.64 52.94
N LEU A 12 3.92 -25.92 53.68
CA LEU A 12 3.40 -26.44 54.95
C LEU A 12 2.32 -27.49 54.76
N VAL A 13 1.67 -27.48 53.61
CA VAL A 13 0.58 -28.41 53.34
C VAL A 13 1.00 -29.70 52.61
N GLU A 14 1.94 -29.57 51.69
CA GLU A 14 2.40 -30.71 50.90
C GLU A 14 2.70 -32.00 51.68
N PRO A 15 3.42 -31.89 52.81
CA PRO A 15 3.75 -33.09 53.60
C PRO A 15 2.54 -33.78 54.24
N CYS A 16 1.40 -33.12 54.25
CA CYS A 16 0.19 -33.68 54.86
C CYS A 16 -0.73 -34.39 53.89
N ILE A 17 -0.40 -34.38 52.61
CA ILE A 17 -1.25 -35.04 51.64
C ILE A 17 -0.92 -36.51 51.50
N VAL A 18 -1.96 -37.34 51.52
CA VAL A 18 -1.78 -38.76 51.37
C VAL A 18 -2.77 -39.31 50.36
N ARG A 19 -2.43 -40.48 49.82
CA ARG A 19 -3.27 -41.17 48.87
C ARG A 19 -4.18 -42.07 49.68
N VAL A 20 -5.48 -42.02 49.39
CA VAL A 20 -6.46 -42.83 50.07
C VAL A 20 -7.33 -43.56 49.03
N SER A 21 -7.30 -44.90 49.06
CA SER A 21 -8.11 -45.67 48.13
C SER A 21 -8.96 -46.69 48.87
N TYR A 22 -10.09 -47.04 48.26
CA TYR A 22 -11.04 -48.01 48.80
C TYR A 22 -11.82 -48.52 47.60
N GLY A 23 -11.90 -49.83 47.41
CA GLY A 23 -12.60 -50.37 46.27
C GLY A 23 -12.01 -49.83 44.98
N ASN A 24 -12.85 -49.22 44.14
CA ASN A 24 -12.38 -48.65 42.89
C ASN A 24 -12.10 -47.14 43.01
N ASN A 25 -12.30 -46.59 44.21
CA ASN A 25 -12.10 -45.17 44.42
C ASN A 25 -10.72 -44.80 44.96
N VAL A 26 -10.09 -43.84 44.29
CA VAL A 26 -8.78 -43.33 44.68
C VAL A 26 -8.85 -41.81 44.75
N LEU A 27 -8.58 -41.24 45.92
CA LEU A 27 -8.60 -39.79 46.06
C LEU A 27 -7.51 -39.34 47.02
N ASN A 28 -7.59 -38.08 47.46
CA ASN A 28 -6.59 -37.51 48.36
C ASN A 28 -7.13 -37.33 49.77
N GLY A 29 -6.23 -37.40 50.75
CA GLY A 29 -6.61 -37.22 52.14
C GLY A 29 -5.63 -36.29 52.84
N LEU A 30 -6.07 -35.72 53.97
CA LEU A 30 -5.23 -34.81 54.75
C LEU A 30 -4.80 -35.56 56.02
N TRP A 31 -3.49 -35.74 56.17
CA TRP A 31 -2.92 -36.46 57.31
C TRP A 31 -2.36 -35.48 58.36
N LEU A 32 -3.07 -35.38 59.48
CA LEU A 32 -2.68 -34.49 60.57
C LEU A 32 -2.68 -35.30 61.87
N GLY A 33 -1.54 -35.30 62.55
CA GLY A 33 -1.46 -36.07 63.78
C GLY A 33 -1.56 -37.54 63.43
N ASP A 34 -2.45 -38.25 64.10
CA ASP A 34 -2.63 -39.67 63.83
C ASP A 34 -3.95 -39.90 63.08
N GLU A 35 -4.42 -38.87 62.41
CA GLU A 35 -5.67 -38.98 61.66
C GLU A 35 -5.57 -38.55 60.20
N VAL A 36 -6.39 -39.18 59.37
CA VAL A 36 -6.45 -38.87 57.94
C VAL A 36 -7.90 -38.53 57.61
N ILE A 37 -8.12 -37.32 57.10
CA ILE A 37 -9.45 -36.87 56.73
C ILE A 37 -9.59 -36.82 55.19
N CYS A 38 -10.72 -37.28 54.68
CA CYS A 38 -10.96 -37.29 53.24
C CYS A 38 -12.46 -37.39 52.97
N PRO A 39 -12.87 -37.17 51.71
CA PRO A 39 -14.30 -37.27 51.41
C PRO A 39 -14.79 -38.69 51.73
N ARG A 40 -15.92 -38.79 52.42
CA ARG A 40 -16.46 -40.10 52.78
C ARG A 40 -16.95 -40.85 51.55
N HIS A 41 -17.24 -40.14 50.46
CA HIS A 41 -17.72 -40.83 49.28
C HIS A 41 -16.66 -41.78 48.71
N VAL A 42 -15.48 -41.78 49.33
CA VAL A 42 -14.41 -42.68 48.90
C VAL A 42 -14.81 -44.09 49.35
N ILE A 43 -15.85 -44.15 50.18
CA ILE A 43 -16.33 -45.40 50.73
C ILE A 43 -17.44 -46.04 49.87
N ALA A 44 -18.01 -45.25 48.96
CA ALA A 44 -19.09 -45.71 48.10
C ALA A 44 -18.72 -46.85 47.15
N SER A 45 -19.55 -47.90 47.18
CA SER A 45 -19.32 -49.05 46.32
C SER A 45 -19.81 -48.82 44.89
N ASP A 46 -20.66 -47.81 44.70
CA ASP A 46 -21.20 -47.50 43.38
C ASP A 46 -21.60 -46.03 43.28
N THR A 47 -20.66 -45.21 42.83
CA THR A 47 -20.87 -43.77 42.71
C THR A 47 -21.75 -43.29 41.55
N THR A 48 -22.28 -44.21 40.74
CA THR A 48 -23.16 -43.83 39.65
C THR A 48 -24.61 -43.86 40.14
N ARG A 49 -24.81 -44.32 41.37
CA ARG A 49 -26.15 -44.44 41.96
C ARG A 49 -26.19 -43.82 43.35
N VAL A 50 -27.41 -43.50 43.81
CA VAL A 50 -27.60 -42.93 45.13
C VAL A 50 -26.80 -43.75 46.13
N ILE A 51 -26.18 -43.07 47.09
CA ILE A 51 -25.35 -43.72 48.10
C ILE A 51 -25.99 -43.78 49.48
N ASN A 52 -26.06 -44.98 50.04
CA ASN A 52 -26.61 -45.16 51.38
C ASN A 52 -25.37 -45.22 52.28
N TYR A 53 -25.01 -44.08 52.86
CA TYR A 53 -23.82 -44.04 53.69
C TYR A 53 -23.87 -44.87 54.96
N GLU A 54 -25.07 -45.09 55.52
CA GLU A 54 -25.15 -45.92 56.72
C GLU A 54 -24.75 -47.34 56.36
N ASN A 55 -25.29 -47.86 55.26
CA ASN A 55 -24.95 -49.20 54.82
C ASN A 55 -23.47 -49.33 54.46
N GLU A 56 -22.95 -48.35 53.71
CA GLU A 56 -21.54 -48.41 53.33
C GLU A 56 -20.62 -48.47 54.54
N MET A 57 -20.98 -47.73 55.60
CA MET A 57 -20.15 -47.73 56.80
C MET A 57 -20.30 -49.05 57.57
N SER A 58 -21.49 -49.64 57.55
CA SER A 58 -21.71 -50.91 58.24
C SER A 58 -20.88 -52.04 57.63
N SER A 59 -20.79 -52.07 56.30
CA SER A 59 -20.05 -53.12 55.63
C SER A 59 -18.56 -52.83 55.44
N VAL A 60 -18.11 -51.69 55.96
CA VAL A 60 -16.71 -51.33 55.83
C VAL A 60 -15.78 -52.32 56.52
N ARG A 61 -14.63 -52.56 55.90
CA ARG A 61 -13.62 -53.44 56.46
C ARG A 61 -12.33 -52.65 56.35
N LEU A 62 -11.77 -52.30 57.50
CA LEU A 62 -10.55 -51.51 57.55
C LEU A 62 -9.44 -51.95 56.60
N HIS A 63 -9.21 -53.25 56.48
CA HIS A 63 -8.16 -53.74 55.60
C HIS A 63 -8.37 -53.39 54.13
N ASN A 64 -9.58 -52.95 53.77
CA ASN A 64 -9.83 -52.59 52.39
C ASN A 64 -9.26 -51.23 52.07
N PHE A 65 -8.96 -50.44 53.10
CA PHE A 65 -8.40 -49.11 52.89
C PHE A 65 -6.93 -49.22 52.52
N SER A 66 -6.43 -48.18 51.88
CA SER A 66 -5.04 -48.11 51.48
C SER A 66 -4.61 -46.66 51.61
N VAL A 67 -3.99 -46.34 52.75
CA VAL A 67 -3.52 -44.99 52.99
C VAL A 67 -2.01 -44.95 52.85
N SER A 68 -1.50 -44.05 52.04
CA SER A 68 -0.06 -43.98 51.88
C SER A 68 0.47 -42.62 51.50
N LYS A 69 1.76 -42.43 51.73
CA LYS A 69 2.44 -41.21 51.35
C LYS A 69 3.81 -41.60 50.81
N ASN A 70 4.04 -41.25 49.55
CA ASN A 70 5.30 -41.59 48.91
C ASN A 70 5.49 -43.09 49.06
N ASN A 71 4.46 -43.83 48.64
CA ASN A 71 4.45 -45.30 48.68
C ASN A 71 4.73 -45.95 50.04
N VAL A 72 4.69 -45.17 51.11
CA VAL A 72 4.90 -45.69 52.45
C VAL A 72 3.49 -45.75 53.04
N PHE A 73 3.06 -46.94 53.41
CA PHE A 73 1.70 -47.12 53.92
C PHE A 73 1.49 -46.91 55.41
N LEU A 74 0.28 -46.46 55.73
CA LEU A 74 -0.14 -46.21 57.10
C LEU A 74 -1.29 -47.17 57.36
N GLY A 75 -1.23 -47.89 58.49
CA GLY A 75 -2.30 -48.80 58.82
C GLY A 75 -3.50 -48.06 59.36
N VAL A 76 -4.68 -48.38 58.87
CA VAL A 76 -5.90 -47.72 59.34
C VAL A 76 -6.39 -48.48 60.56
N VAL A 77 -6.61 -47.78 61.67
CA VAL A 77 -7.07 -48.45 62.89
C VAL A 77 -8.58 -48.30 63.11
N SER A 78 -9.17 -47.28 62.51
CA SER A 78 -10.61 -47.07 62.65
C SER A 78 -11.14 -46.04 61.65
N ALA A 79 -12.46 -46.07 61.43
CA ALA A 79 -13.10 -45.17 60.49
C ALA A 79 -14.44 -44.67 61.02
N ARG A 80 -14.66 -43.36 60.96
CA ARG A 80 -15.90 -42.77 61.41
C ARG A 80 -16.28 -41.60 60.51
N TYR A 81 -17.56 -41.24 60.53
CA TYR A 81 -18.03 -40.12 59.73
C TYR A 81 -18.01 -38.87 60.59
N LYS A 82 -17.83 -37.72 59.95
CA LYS A 82 -17.89 -36.44 60.64
C LYS A 82 -18.52 -35.56 59.58
N GLY A 83 -19.84 -35.55 59.56
CA GLY A 83 -20.53 -34.79 58.54
C GLY A 83 -20.24 -35.55 57.25
N VAL A 84 -19.84 -34.85 56.21
CA VAL A 84 -19.54 -35.51 54.93
C VAL A 84 -18.09 -35.92 54.81
N ASN A 85 -17.36 -35.87 55.92
CA ASN A 85 -15.97 -36.26 55.89
C ASN A 85 -15.76 -37.60 56.55
N LEU A 86 -14.74 -38.32 56.07
CA LEU A 86 -14.37 -39.60 56.64
C LEU A 86 -13.11 -39.31 57.44
N VAL A 87 -13.10 -39.78 58.69
CA VAL A 87 -11.92 -39.58 59.54
C VAL A 87 -11.35 -40.95 59.83
N LEU A 88 -10.11 -41.16 59.41
CA LEU A 88 -9.45 -42.42 59.63
C LEU A 88 -8.38 -42.22 60.70
N LYS A 89 -8.33 -43.14 61.67
CA LYS A 89 -7.30 -43.10 62.68
C LYS A 89 -6.22 -44.00 62.12
N VAL A 90 -4.98 -43.54 62.06
CA VAL A 90 -3.91 -44.37 61.53
C VAL A 90 -2.88 -44.72 62.59
N ASN A 91 -2.15 -45.81 62.34
CA ASN A 91 -1.13 -46.31 63.26
C ASN A 91 0.14 -45.49 63.28
N GLN A 92 0.08 -44.23 62.86
CA GLN A 92 1.28 -43.42 62.83
C GLN A 92 0.98 -41.93 62.80
N VAL A 93 1.77 -41.17 63.55
CA VAL A 93 1.61 -39.73 63.64
C VAL A 93 2.42 -39.03 62.55
N ASN A 94 1.81 -38.04 61.89
CA ASN A 94 2.51 -37.32 60.84
C ASN A 94 3.58 -36.46 61.48
N PRO A 95 4.85 -36.86 61.33
CA PRO A 95 5.94 -36.09 61.92
C PRO A 95 6.05 -34.67 61.39
N ASN A 96 5.41 -34.41 60.26
CA ASN A 96 5.44 -33.08 59.66
C ASN A 96 4.13 -32.32 59.83
N THR A 97 3.37 -32.69 60.85
CA THR A 97 2.10 -32.02 61.12
C THR A 97 2.40 -30.56 61.50
N PRO A 98 2.00 -29.61 60.65
CA PRO A 98 2.24 -28.20 60.94
C PRO A 98 1.26 -27.69 61.98
N GLU A 99 1.64 -26.64 62.69
CA GLU A 99 0.74 -26.04 63.67
C GLU A 99 -0.38 -25.53 62.80
N HIS A 100 -1.64 -25.71 63.22
CA HIS A 100 -2.75 -25.26 62.38
C HIS A 100 -4.05 -25.05 63.11
N LYS A 101 -5.05 -24.60 62.36
CA LYS A 101 -6.39 -24.35 62.87
C LYS A 101 -7.40 -24.56 61.74
N PHE A 102 -8.66 -24.72 62.11
CA PHE A 102 -9.72 -24.92 61.12
C PHE A 102 -10.70 -23.77 61.18
N LYS A 103 -11.11 -23.27 60.01
CA LYS A 103 -12.09 -22.19 59.97
C LYS A 103 -12.85 -22.26 58.65
N SER A 104 -14.02 -21.65 58.63
CA SER A 104 -14.84 -21.63 57.42
C SER A 104 -14.61 -20.36 56.62
N ILE A 105 -14.66 -20.52 55.31
CA ILE A 105 -14.50 -19.41 54.38
C ILE A 105 -15.88 -18.84 54.09
N LYS A 106 -15.95 -17.53 53.88
CA LYS A 106 -17.22 -16.90 53.57
C LYS A 106 -17.24 -16.45 52.11
N ALA A 107 -18.44 -16.18 51.60
CA ALA A 107 -18.61 -15.72 50.24
C ALA A 107 -17.74 -14.49 49.98
N GLY A 108 -17.10 -14.46 48.81
CA GLY A 108 -16.26 -13.33 48.48
C GLY A 108 -14.82 -13.45 48.98
N GLU A 109 -14.57 -14.35 49.93
CA GLU A 109 -13.22 -14.50 50.45
C GLU A 109 -12.37 -15.45 49.62
N SER A 110 -11.08 -15.18 49.58
CA SER A 110 -10.13 -15.98 48.81
C SER A 110 -9.38 -16.98 49.68
N PHE A 111 -8.90 -18.03 49.04
CA PHE A 111 -8.10 -19.04 49.70
C PHE A 111 -7.32 -19.85 48.68
N ASN A 112 -6.45 -20.72 49.15
CA ASN A 112 -5.60 -21.49 48.26
C ASN A 112 -6.00 -22.94 48.16
N ILE A 113 -5.90 -23.50 46.96
CA ILE A 113 -6.18 -24.90 46.75
C ILE A 113 -4.88 -25.59 46.35
N LEU A 114 -4.60 -26.70 47.01
CA LEU A 114 -3.43 -27.49 46.67
C LEU A 114 -4.07 -28.67 45.94
N ALA A 115 -4.06 -28.61 44.60
CA ALA A 115 -4.64 -29.67 43.78
C ALA A 115 -3.74 -30.88 43.76
N CYS A 116 -4.29 -32.03 44.14
CA CYS A 116 -3.51 -33.25 44.18
C CYS A 116 -4.13 -34.33 43.34
N TYR A 117 -3.28 -35.25 42.90
CA TYR A 117 -3.72 -36.35 42.08
C TYR A 117 -3.24 -37.65 42.70
N GLU A 118 -4.18 -38.40 43.26
CA GLU A 118 -3.88 -39.68 43.89
C GLU A 118 -2.80 -39.59 44.96
N GLY A 119 -3.01 -38.70 45.93
CA GLY A 119 -2.06 -38.53 47.02
C GLY A 119 -0.79 -37.80 46.66
N CYS A 120 -0.76 -37.18 45.49
CA CYS A 120 0.42 -36.46 45.04
C CYS A 120 0.14 -34.99 44.70
N PRO A 121 0.83 -34.06 45.38
CA PRO A 121 0.66 -32.61 45.13
C PRO A 121 0.98 -32.29 43.66
N GLY A 122 0.04 -31.65 42.97
CA GLY A 122 0.25 -31.35 41.56
C GLY A 122 0.35 -29.87 41.25
N SER A 123 -0.57 -29.08 41.80
CA SER A 123 -0.52 -27.65 41.55
C SER A 123 -1.17 -26.83 42.65
N VAL A 124 -0.84 -25.53 42.69
CA VAL A 124 -1.40 -24.62 43.67
C VAL A 124 -1.91 -23.40 42.94
N TYR A 125 -3.04 -22.89 43.41
CA TYR A 125 -3.64 -21.72 42.81
C TYR A 125 -4.70 -21.14 43.74
N GLY A 126 -5.02 -19.87 43.53
CA GLY A 126 -6.01 -19.22 44.38
C GLY A 126 -7.39 -19.27 43.78
N VAL A 127 -8.39 -19.30 44.66
CA VAL A 127 -9.79 -19.36 44.27
C VAL A 127 -10.57 -18.37 45.13
N ASN A 128 -11.86 -18.24 44.86
CA ASN A 128 -12.69 -17.32 45.61
C ASN A 128 -14.07 -17.93 45.83
N MET A 129 -14.51 -17.93 47.08
CA MET A 129 -15.80 -18.50 47.45
C MET A 129 -16.99 -17.77 46.84
N ARG A 130 -17.80 -18.49 46.06
CA ARG A 130 -18.98 -17.88 45.45
C ARG A 130 -20.13 -17.84 46.47
N SER A 131 -21.15 -17.05 46.17
CA SER A 131 -22.30 -16.87 47.05
C SER A 131 -23.05 -18.15 47.44
N GLN A 132 -23.12 -19.12 46.53
CA GLN A 132 -23.80 -20.38 46.79
C GLN A 132 -22.92 -21.37 47.55
N GLY A 133 -21.68 -20.99 47.82
CA GLY A 133 -20.79 -21.86 48.56
C GLY A 133 -19.88 -22.74 47.70
N THR A 134 -19.85 -22.45 46.41
CA THR A 134 -19.01 -23.21 45.48
C THR A 134 -17.80 -22.35 45.09
N ILE A 135 -16.94 -22.91 44.25
CA ILE A 135 -15.77 -22.18 43.74
C ILE A 135 -15.54 -22.60 42.31
N LYS A 136 -14.90 -21.73 41.55
CA LYS A 136 -14.59 -21.99 40.16
C LYS A 136 -13.14 -22.45 40.19
N GLY A 137 -12.94 -23.73 40.48
CA GLY A 137 -11.59 -24.24 40.52
C GLY A 137 -11.34 -25.15 39.34
N SER A 138 -10.26 -25.91 39.41
CA SER A 138 -9.95 -26.83 38.35
C SER A 138 -9.58 -28.16 38.96
N PHE A 139 -10.50 -29.09 38.85
CA PHE A 139 -10.32 -30.42 39.37
C PHE A 139 -10.78 -31.40 38.31
N ILE A 140 -10.02 -32.47 38.12
CA ILE A 140 -10.41 -33.49 37.16
C ILE A 140 -10.46 -34.78 37.95
N ALA A 141 -11.05 -35.82 37.37
CA ALA A 141 -11.15 -37.11 38.04
C ALA A 141 -9.83 -37.41 38.73
N GLY A 142 -9.87 -37.55 40.06
CA GLY A 142 -8.67 -37.87 40.81
C GLY A 142 -8.17 -36.78 41.74
N THR A 143 -8.74 -35.59 41.66
CA THR A 143 -8.30 -34.49 42.53
C THR A 143 -9.21 -34.35 43.74
N CYS A 144 -10.17 -35.26 43.87
CA CYS A 144 -11.09 -35.25 45.00
C CYS A 144 -10.28 -35.29 46.29
N GLY A 145 -10.71 -34.52 47.28
CA GLY A 145 -10.00 -34.48 48.55
C GLY A 145 -8.88 -33.46 48.54
N SER A 146 -8.78 -32.67 47.48
CA SER A 146 -7.74 -31.64 47.44
C SER A 146 -8.06 -30.66 48.56
N VAL A 147 -7.02 -30.07 49.14
CA VAL A 147 -7.17 -29.18 50.28
C VAL A 147 -7.14 -27.67 50.03
N GLY A 148 -8.03 -26.97 50.72
CA GLY A 148 -8.09 -25.52 50.64
C GLY A 148 -7.49 -24.96 51.91
N TYR A 149 -6.66 -23.92 51.81
CA TYR A 149 -6.04 -23.35 53.00
C TYR A 149 -5.71 -21.89 52.83
N VAL A 150 -5.51 -21.21 53.95
CA VAL A 150 -5.13 -19.80 53.97
C VAL A 150 -4.12 -19.57 55.07
N LEU A 151 -3.18 -18.67 54.83
CA LEU A 151 -2.18 -18.29 55.81
C LEU A 151 -2.54 -16.86 56.18
N GLU A 152 -2.83 -16.65 57.45
CA GLU A 152 -3.19 -15.33 57.96
C GLU A 152 -2.49 -15.11 59.30
N ASN A 153 -1.81 -13.98 59.43
CA ASN A 153 -1.09 -13.65 60.66
C ASN A 153 -0.24 -14.82 61.17
N GLY A 154 0.55 -15.40 60.29
CA GLY A 154 1.40 -16.50 60.70
C GLY A 154 0.65 -17.74 61.20
N ILE A 155 -0.61 -17.89 60.80
CA ILE A 155 -1.38 -19.05 61.20
C ILE A 155 -1.94 -19.78 59.98
N LEU A 156 -1.73 -21.07 59.92
CA LEU A 156 -2.22 -21.88 58.80
C LEU A 156 -3.63 -22.38 59.11
N TYR A 157 -4.55 -22.08 58.20
CA TYR A 157 -5.93 -22.52 58.33
C TYR A 157 -6.32 -23.49 57.22
N PHE A 158 -6.89 -24.63 57.61
CA PHE A 158 -7.37 -25.60 56.65
C PHE A 158 -8.84 -25.23 56.56
N VAL A 159 -9.31 -24.89 55.38
CA VAL A 159 -10.68 -24.41 55.21
C VAL A 159 -11.58 -25.14 54.23
N TYR A 160 -11.01 -25.96 53.37
CA TYR A 160 -11.80 -26.63 52.35
C TYR A 160 -11.19 -27.93 51.90
N MET A 161 -12.06 -28.85 51.53
CA MET A 161 -11.68 -30.16 51.03
C MET A 161 -12.63 -30.41 49.88
N HIS A 162 -12.09 -30.64 48.68
CA HIS A 162 -12.93 -30.87 47.51
C HIS A 162 -13.67 -32.20 47.53
N HIS A 163 -14.96 -32.13 47.21
CA HIS A 163 -15.81 -33.32 47.19
C HIS A 163 -16.32 -33.67 45.80
N LEU A 164 -16.95 -32.72 45.12
CA LEU A 164 -17.51 -33.04 43.82
C LEU A 164 -17.68 -31.85 42.87
N GLU A 165 -18.05 -32.17 41.65
CA GLU A 165 -18.29 -31.16 40.63
C GLU A 165 -19.76 -31.23 40.22
N LEU A 166 -20.42 -30.07 40.16
CA LEU A 166 -21.82 -30.00 39.77
C LEU A 166 -21.96 -30.04 38.25
N GLY A 167 -23.19 -30.27 37.78
CA GLY A 167 -23.43 -30.32 36.35
C GLY A 167 -22.99 -29.07 35.62
N ASN A 168 -23.09 -27.92 36.28
CA ASN A 168 -22.69 -26.66 35.66
C ASN A 168 -21.20 -26.38 35.77
N GLY A 169 -20.43 -27.36 36.22
CA GLY A 169 -18.99 -27.16 36.33
C GLY A 169 -18.47 -26.51 37.59
N SER A 170 -19.37 -26.01 38.44
CA SER A 170 -18.96 -25.39 39.70
C SER A 170 -18.49 -26.46 40.67
N HIS A 171 -17.56 -26.11 41.55
CA HIS A 171 -17.03 -27.09 42.48
C HIS A 171 -17.54 -26.97 43.91
N VAL A 172 -17.81 -28.14 44.48
CA VAL A 172 -18.35 -28.29 45.82
C VAL A 172 -17.39 -28.98 46.77
N GLY A 173 -17.35 -28.51 48.02
CA GLY A 173 -16.48 -29.09 49.01
C GLY A 173 -16.98 -28.74 50.38
N SER A 174 -16.32 -29.27 51.41
CA SER A 174 -16.74 -29.02 52.76
C SER A 174 -15.63 -28.40 53.61
N ASN A 175 -15.99 -28.03 54.84
CA ASN A 175 -15.00 -27.48 55.77
C ASN A 175 -14.58 -28.71 56.59
N PHE A 176 -13.66 -28.54 57.53
CA PHE A 176 -13.23 -29.70 58.30
C PHE A 176 -14.10 -30.04 59.49
N GLU A 177 -15.26 -29.40 59.53
CA GLU A 177 -16.23 -29.65 60.59
C GLU A 177 -17.18 -30.67 59.96
N GLY A 178 -16.94 -30.97 58.68
CA GLY A 178 -17.77 -31.94 57.98
C GLY A 178 -19.02 -31.34 57.37
N GLU A 179 -19.10 -30.02 57.34
CA GLU A 179 -20.24 -29.32 56.75
C GLU A 179 -19.92 -28.97 55.29
N MET A 180 -20.81 -29.34 54.39
CA MET A 180 -20.60 -29.03 52.97
C MET A 180 -20.97 -27.58 52.69
N TYR A 181 -20.05 -26.82 52.10
CA TYR A 181 -20.36 -25.43 51.78
C TYR A 181 -21.58 -25.42 50.86
N GLY A 182 -22.52 -24.51 51.10
CA GLY A 182 -23.71 -24.42 50.28
C GLY A 182 -24.73 -25.49 50.60
N GLY A 183 -24.41 -26.38 51.52
CA GLY A 183 -25.34 -27.42 51.89
C GLY A 183 -25.61 -28.44 50.79
N TYR A 184 -24.75 -28.50 49.79
CA TYR A 184 -24.96 -29.49 48.72
C TYR A 184 -24.77 -30.89 49.31
N GLU A 185 -25.46 -31.88 48.74
CA GLU A 185 -25.36 -33.25 49.21
C GLU A 185 -24.21 -34.00 48.53
N ASP A 186 -23.57 -34.91 49.25
CA ASP A 186 -22.48 -35.67 48.67
C ASP A 186 -23.04 -36.94 48.02
N GLN A 187 -23.73 -36.71 46.90
CA GLN A 187 -24.37 -37.76 46.11
C GLN A 187 -24.11 -37.48 44.64
N PRO A 188 -24.18 -38.52 43.79
CA PRO A 188 -23.95 -38.28 42.36
C PRO A 188 -25.25 -37.78 41.75
N SER A 189 -25.95 -36.93 42.50
CA SER A 189 -27.22 -36.38 42.05
C SER A 189 -27.01 -35.22 41.10
N MET A 190 -28.10 -34.67 40.59
CA MET A 190 -28.03 -33.57 39.65
C MET A 190 -28.45 -32.25 40.26
N GLN A 191 -28.09 -32.04 41.52
CA GLN A 191 -28.44 -30.82 42.22
C GLN A 191 -27.92 -29.59 41.47
N LEU A 192 -28.68 -28.49 41.55
CA LEU A 192 -28.31 -27.24 40.88
C LEU A 192 -27.60 -26.30 41.82
N GLU A 193 -26.71 -25.48 41.27
CA GLU A 193 -25.96 -24.52 42.07
C GLU A 193 -26.87 -23.45 42.63
N GLY A 194 -27.65 -22.83 41.76
CA GLY A 194 -28.54 -21.76 42.18
C GLY A 194 -28.04 -20.47 41.58
N THR A 195 -28.72 -19.37 41.88
CA THR A 195 -28.33 -18.07 41.33
C THR A 195 -27.06 -17.55 41.99
N ASN A 196 -26.06 -17.23 41.17
CA ASN A 196 -24.80 -16.72 41.70
C ASN A 196 -24.83 -15.20 41.90
N VAL A 197 -24.48 -14.75 43.10
CA VAL A 197 -24.46 -13.33 43.40
C VAL A 197 -23.02 -12.83 43.41
N MET A 198 -22.72 -11.88 42.51
CA MET A 198 -21.39 -11.30 42.38
C MET A 198 -21.01 -10.44 43.59
N SER A 199 -19.75 -10.55 44.01
CA SER A 199 -19.24 -9.78 45.13
C SER A 199 -18.90 -8.35 44.67
N SER A 200 -19.76 -7.40 45.01
CA SER A 200 -19.54 -6.02 44.61
C SER A 200 -18.18 -5.44 44.99
N ASP A 201 -17.75 -5.66 46.23
CA ASP A 201 -16.47 -5.12 46.66
C ASP A 201 -15.31 -5.71 45.85
N ASN A 202 -15.43 -6.97 45.46
CA ASN A 202 -14.39 -7.64 44.67
C ASN A 202 -14.31 -7.05 43.24
N VAL A 203 -15.46 -6.74 42.65
CA VAL A 203 -15.50 -6.16 41.30
C VAL A 203 -14.92 -4.74 41.32
N VAL A 204 -15.19 -3.98 42.37
CA VAL A 204 -14.67 -2.63 42.48
C VAL A 204 -13.13 -2.75 42.47
N ALA A 205 -12.63 -3.69 43.27
CA ALA A 205 -11.21 -3.96 43.39
C ALA A 205 -10.62 -4.23 42.01
N PHE A 206 -11.31 -5.08 41.25
CA PHE A 206 -10.92 -5.47 39.91
C PHE A 206 -10.86 -4.24 39.01
N LEU A 207 -11.89 -3.41 39.07
CA LEU A 207 -11.93 -2.21 38.26
C LEU A 207 -10.77 -1.28 38.65
N TYR A 208 -10.48 -1.20 39.94
CA TYR A 208 -9.36 -0.36 40.37
C TYR A 208 -8.09 -0.93 39.76
N ALA A 209 -7.92 -2.24 39.89
CA ALA A 209 -6.75 -2.89 39.34
C ALA A 209 -6.67 -2.52 37.86
N ALA A 210 -7.79 -2.60 37.14
CA ALA A 210 -7.75 -2.24 35.72
C ALA A 210 -7.27 -0.80 35.50
N LEU A 211 -7.74 0.14 36.31
CA LEU A 211 -7.34 1.55 36.20
C LEU A 211 -5.82 1.70 36.31
N ILE A 212 -5.25 1.06 37.33
CA ILE A 212 -3.81 1.09 37.61
C ILE A 212 -3.03 0.57 36.41
N ASN A 213 -3.70 -0.21 35.57
CA ASN A 213 -3.04 -0.78 34.42
C ASN A 213 -3.18 0.08 33.18
N GLY A 214 -3.89 1.20 33.30
CA GLY A 214 -4.02 2.08 32.16
C GLY A 214 -5.31 1.93 31.38
N GLU A 215 -6.15 0.96 31.75
CA GLU A 215 -7.43 0.78 31.06
C GLU A 215 -8.41 1.80 31.64
N ARG A 216 -9.08 2.54 30.77
CA ARG A 216 -10.02 3.55 31.24
C ARG A 216 -11.31 3.68 30.45
N TRP A 217 -11.44 2.89 29.38
CA TRP A 217 -12.63 2.97 28.54
C TRP A 217 -13.94 2.79 29.28
N PHE A 218 -13.90 2.16 30.45
CA PHE A 218 -15.12 1.93 31.22
C PHE A 218 -15.42 3.05 32.20
N VAL A 219 -14.51 4.01 32.33
CA VAL A 219 -14.70 5.12 33.25
C VAL A 219 -15.55 6.21 32.60
N THR A 220 -16.72 6.45 33.18
CA THR A 220 -17.61 7.47 32.68
C THR A 220 -17.41 8.78 33.40
N ASN A 221 -18.28 9.75 33.09
CA ASN A 221 -18.22 11.05 33.72
C ASN A 221 -19.45 11.16 34.60
N THR A 222 -19.86 10.02 35.14
CA THR A 222 -21.03 9.93 35.99
C THR A 222 -20.64 9.24 37.30
N SER A 223 -21.56 9.25 38.26
CA SER A 223 -21.33 8.63 39.55
C SER A 223 -22.65 8.14 40.12
N MET A 224 -22.60 7.02 40.85
CA MET A 224 -23.79 6.45 41.45
C MET A 224 -23.58 6.27 42.94
N SER A 225 -24.40 6.95 43.74
CA SER A 225 -24.25 6.86 45.18
C SER A 225 -24.35 5.44 45.70
N LEU A 226 -23.65 5.20 46.80
CA LEU A 226 -23.61 3.92 47.45
C LEU A 226 -25.04 3.44 47.71
N GLU A 227 -25.89 4.33 48.21
CA GLU A 227 -27.27 3.96 48.51
C GLU A 227 -28.01 3.50 47.26
N SER A 228 -27.90 4.26 46.18
CA SER A 228 -28.56 3.92 44.93
C SER A 228 -28.03 2.57 44.44
N TYR A 229 -26.70 2.44 44.43
CA TYR A 229 -26.08 1.20 43.98
C TYR A 229 -26.60 0.01 44.79
N ASN A 230 -26.53 0.14 46.12
CA ASN A 230 -26.98 -0.93 46.99
C ASN A 230 -28.42 -1.32 46.72
N THR A 231 -29.19 -0.39 46.17
CA THR A 231 -30.59 -0.65 45.84
C THR A 231 -30.63 -1.52 44.58
N TRP A 232 -29.90 -1.10 43.55
CA TRP A 232 -29.81 -1.81 42.27
C TRP A 232 -29.26 -3.24 42.40
N ALA A 233 -28.21 -3.40 43.20
CA ALA A 233 -27.56 -4.69 43.38
C ALA A 233 -28.51 -5.80 43.86
N LYS A 234 -29.28 -5.50 44.89
CA LYS A 234 -30.23 -6.45 45.46
C LYS A 234 -31.14 -7.11 44.43
N THR A 235 -31.30 -6.49 43.27
CA THR A 235 -32.15 -7.03 42.23
C THR A 235 -31.39 -7.49 41.00
N ASN A 236 -30.08 -7.29 41.00
CA ASN A 236 -29.27 -7.69 39.84
C ASN A 236 -28.15 -8.67 40.16
N SER A 237 -28.34 -9.44 41.23
CA SER A 237 -27.36 -10.45 41.63
C SER A 237 -25.98 -9.89 41.94
N PHE A 238 -25.94 -8.96 42.88
CA PHE A 238 -24.71 -8.33 43.35
C PHE A 238 -24.90 -8.10 44.83
N THR A 239 -23.83 -8.23 45.60
CA THR A 239 -23.90 -8.02 47.03
C THR A 239 -24.01 -6.55 47.33
N GLU A 240 -24.22 -6.23 48.60
CA GLU A 240 -24.35 -4.85 49.04
C GLU A 240 -22.98 -4.30 49.43
N LEU A 241 -22.64 -3.13 48.91
CA LEU A 241 -21.36 -2.50 49.22
C LEU A 241 -21.54 -1.76 50.56
N SER A 242 -21.08 -2.38 51.64
CA SER A 242 -21.20 -1.82 52.98
C SER A 242 -20.59 -0.42 53.13
N SER A 243 -19.35 -0.26 52.70
CA SER A 243 -18.69 1.03 52.79
C SER A 243 -17.58 1.15 51.75
N THR A 244 -17.09 2.37 51.55
CA THR A 244 -16.03 2.64 50.59
C THR A 244 -14.66 2.71 51.27
N ASP A 245 -14.63 2.52 52.58
CA ASP A 245 -13.39 2.60 53.35
C ASP A 245 -12.28 1.69 52.86
N ALA A 246 -12.65 0.51 52.39
CA ALA A 246 -11.68 -0.47 51.91
C ALA A 246 -10.91 -0.04 50.66
N PHE A 247 -11.46 0.92 49.91
CA PHE A 247 -10.80 1.35 48.68
C PHE A 247 -10.12 2.72 48.72
N SER A 248 -10.01 3.30 49.91
CA SER A 248 -9.40 4.61 50.06
C SER A 248 -8.07 4.78 49.33
N MET A 249 -7.17 3.84 49.56
CA MET A 249 -5.85 3.88 48.93
C MET A 249 -5.97 3.85 47.40
N LEU A 250 -6.78 2.92 46.90
CA LEU A 250 -6.98 2.78 45.46
C LEU A 250 -7.62 4.05 44.89
N ALA A 251 -8.53 4.64 45.66
CA ALA A 251 -9.20 5.86 45.23
C ALA A 251 -8.21 7.02 45.08
N ALA A 252 -7.34 7.18 46.08
CA ALA A 252 -6.36 8.25 46.06
C ALA A 252 -5.36 8.08 44.93
N LYS A 253 -4.91 6.85 44.73
CA LYS A 253 -3.93 6.52 43.70
C LYS A 253 -4.43 6.70 42.27
N THR A 254 -5.70 6.37 42.03
CA THR A 254 -6.27 6.47 40.69
C THR A 254 -7.02 7.76 40.46
N GLY A 255 -7.59 8.31 41.53
CA GLY A 255 -8.34 9.54 41.41
C GLY A 255 -9.81 9.33 41.14
N GLN A 256 -10.24 8.07 41.19
CA GLN A 256 -11.65 7.73 40.98
C GLN A 256 -12.21 7.18 42.28
N SER A 257 -13.24 7.84 42.79
CA SER A 257 -13.89 7.40 44.03
C SER A 257 -14.72 6.15 43.75
N VAL A 258 -15.00 5.39 44.80
CA VAL A 258 -15.79 4.17 44.64
C VAL A 258 -17.04 4.39 43.80
N GLU A 259 -17.89 5.30 44.25
CA GLU A 259 -19.14 5.59 43.58
C GLU A 259 -19.05 5.73 42.07
N LYS A 260 -17.94 6.26 41.56
CA LYS A 260 -17.79 6.36 40.11
C LYS A 260 -17.71 4.94 39.54
N LEU A 261 -16.94 4.08 40.19
CA LEU A 261 -16.80 2.70 39.76
C LEU A 261 -18.13 1.94 39.87
N LEU A 262 -18.91 2.27 40.91
CA LEU A 262 -20.21 1.63 41.09
C LEU A 262 -21.08 1.93 39.87
N ASP A 263 -20.93 3.14 39.33
CA ASP A 263 -21.67 3.56 38.15
C ASP A 263 -21.25 2.69 36.96
N SER A 264 -19.94 2.43 36.86
CA SER A 264 -19.42 1.58 35.79
C SER A 264 -20.00 0.18 35.85
N ILE A 265 -19.96 -0.42 37.02
CA ILE A 265 -20.50 -1.77 37.21
C ILE A 265 -21.91 -1.86 36.64
N VAL A 266 -22.80 -1.00 37.12
CA VAL A 266 -24.18 -1.02 36.64
C VAL A 266 -24.26 -0.93 35.12
N ARG A 267 -23.39 -0.12 34.51
CA ARG A 267 -23.42 0.03 33.07
C ARG A 267 -22.66 -1.03 32.29
N LEU A 268 -21.78 -1.78 32.95
CA LEU A 268 -21.02 -2.83 32.29
C LEU A 268 -21.77 -4.15 32.41
N ASN A 269 -22.65 -4.22 33.40
CA ASN A 269 -23.45 -5.41 33.68
C ASN A 269 -24.25 -5.94 32.49
N LYS A 270 -24.43 -5.13 31.45
CA LYS A 270 -25.19 -5.58 30.28
C LYS A 270 -24.31 -6.02 29.10
N GLY A 271 -23.00 -6.04 29.31
CA GLY A 271 -22.08 -6.42 28.25
C GLY A 271 -20.95 -5.42 28.12
N PHE A 272 -19.80 -5.89 27.66
CA PHE A 272 -18.62 -5.04 27.49
C PHE A 272 -18.54 -4.43 26.09
N GLY A 273 -19.52 -4.73 25.25
CA GLY A 273 -19.49 -4.22 23.89
C GLY A 273 -18.28 -4.73 23.14
N GLY A 274 -17.93 -5.99 23.39
CA GLY A 274 -16.78 -6.61 22.72
C GLY A 274 -15.42 -6.19 23.27
N ARG A 275 -15.42 -5.25 24.21
CA ARG A 275 -14.17 -4.78 24.80
C ARG A 275 -13.76 -5.69 25.97
N THR A 276 -12.57 -5.46 26.50
CA THR A 276 -12.08 -6.28 27.60
C THR A 276 -11.51 -5.47 28.76
N ILE A 277 -11.50 -6.08 29.93
CA ILE A 277 -10.93 -5.43 31.11
C ILE A 277 -9.95 -6.45 31.66
N LEU A 278 -8.66 -6.15 31.52
CA LEU A 278 -7.60 -7.06 31.97
C LEU A 278 -7.75 -8.39 31.24
N SER A 279 -8.05 -8.30 29.95
CA SER A 279 -8.21 -9.46 29.07
C SER A 279 -9.52 -10.23 29.20
N TYR A 280 -10.27 -9.99 30.28
CA TYR A 280 -11.54 -10.67 30.47
C TYR A 280 -12.68 -9.99 29.73
N GLY A 281 -13.68 -10.77 29.35
CA GLY A 281 -14.82 -10.24 28.62
C GLY A 281 -16.04 -9.97 29.47
N SER A 282 -15.88 -10.03 30.78
CA SER A 282 -16.98 -9.76 31.70
C SER A 282 -16.38 -9.39 33.04
N LEU A 283 -17.21 -8.88 33.95
CA LEU A 283 -16.73 -8.47 35.26
C LEU A 283 -16.20 -9.67 36.04
N CYS A 284 -15.13 -9.42 36.79
CA CYS A 284 -14.50 -10.46 37.60
C CYS A 284 -14.63 -10.12 39.07
N ASP A 285 -15.09 -11.08 39.87
CA ASP A 285 -15.22 -10.83 41.29
C ASP A 285 -14.38 -11.82 42.10
N GLU A 286 -13.29 -12.31 41.51
CA GLU A 286 -12.44 -13.26 42.20
C GLU A 286 -11.31 -12.66 43.04
N PHE A 287 -11.10 -11.34 42.98
CA PHE A 287 -10.06 -10.70 43.78
C PHE A 287 -10.67 -9.81 44.84
N THR A 288 -10.24 -9.97 46.09
CA THR A 288 -10.75 -9.16 47.17
C THR A 288 -10.00 -7.83 47.16
N PRO A 289 -10.54 -6.81 47.84
CA PRO A 289 -9.85 -5.51 47.85
C PRO A 289 -8.41 -5.67 48.37
N THR A 290 -8.26 -6.46 49.44
CA THR A 290 -6.95 -6.70 50.03
C THR A 290 -5.99 -7.29 49.01
N GLU A 291 -6.47 -8.28 48.27
CA GLU A 291 -5.67 -8.93 47.25
C GLU A 291 -5.13 -7.90 46.27
N VAL A 292 -6.01 -7.05 45.77
CA VAL A 292 -5.65 -6.01 44.81
C VAL A 292 -4.67 -4.98 45.39
N ILE A 293 -4.96 -4.47 46.57
CA ILE A 293 -4.10 -3.48 47.20
C ILE A 293 -2.67 -3.99 47.34
N ARG A 294 -2.53 -5.21 47.86
CA ARG A 294 -1.20 -5.80 48.04
C ARG A 294 -0.46 -5.90 46.72
N GLN A 295 -1.17 -6.28 45.67
CA GLN A 295 -0.55 -6.44 44.36
C GLN A 295 -0.32 -5.15 43.59
N MET A 296 -1.03 -4.09 43.96
CA MET A 296 -0.84 -2.83 43.27
C MET A 296 0.50 -2.24 43.70
N TYR A 297 0.55 -1.63 44.87
CA TYR A 297 1.81 -1.05 45.32
C TYR A 297 2.09 -1.23 46.81
N GLY A 298 3.35 -1.55 47.11
CA GLY A 298 3.83 -1.76 48.47
C GLY A 298 2.85 -1.82 49.63
N VAL A 299 2.51 -3.04 50.05
CA VAL A 299 1.60 -3.26 51.18
C VAL A 299 1.99 -4.56 51.87
N SER B 1 -14.84 -27.46 34.66
CA SER B 1 -13.60 -26.71 35.05
C SER B 1 -12.84 -26.16 33.84
N GLY B 2 -12.95 -24.84 33.64
CA GLY B 2 -12.29 -24.19 32.51
C GLY B 2 -10.77 -24.19 32.55
N LEU B 3 -10.18 -23.20 31.88
CA LEU B 3 -8.73 -23.07 31.80
C LEU B 3 -8.20 -22.01 32.76
N ARG B 4 -7.48 -22.46 33.78
CA ARG B 4 -6.90 -21.59 34.79
C ARG B 4 -5.39 -21.80 34.94
N LYS B 5 -4.63 -20.70 35.02
CA LYS B 5 -3.18 -20.78 35.15
C LYS B 5 -2.79 -21.31 36.54
N MET B 6 -1.93 -22.31 36.57
CA MET B 6 -1.51 -22.91 37.83
C MET B 6 -0.01 -22.88 38.06
N ALA B 7 0.39 -23.23 39.26
CA ALA B 7 1.80 -23.28 39.64
C ALA B 7 2.09 -24.63 40.32
N GLN B 8 3.27 -25.17 40.09
CA GLN B 8 3.63 -26.43 40.72
C GLN B 8 3.99 -26.16 42.17
N PRO B 9 3.77 -27.13 43.06
CA PRO B 9 4.09 -26.94 44.48
C PRO B 9 5.44 -26.27 44.67
N SER B 10 5.54 -25.45 45.71
CA SER B 10 6.76 -24.70 45.99
C SER B 10 7.56 -25.19 47.21
N GLY B 11 7.11 -26.27 47.82
CA GLY B 11 7.78 -26.78 49.00
C GLY B 11 9.29 -26.99 48.93
N LEU B 12 9.78 -27.42 47.77
CA LEU B 12 11.19 -27.68 47.57
C LEU B 12 12.03 -26.42 47.50
N VAL B 13 11.44 -25.36 46.98
CA VAL B 13 12.14 -24.08 46.83
C VAL B 13 12.09 -23.15 48.03
N GLU B 14 11.01 -23.21 48.80
CA GLU B 14 10.86 -22.34 49.97
C GLU B 14 12.04 -22.30 50.93
N PRO B 15 12.63 -23.46 51.25
CA PRO B 15 13.78 -23.46 52.18
C PRO B 15 15.03 -22.78 51.63
N CYS B 16 15.06 -22.51 50.33
CA CYS B 16 16.23 -21.88 49.73
C CYS B 16 16.15 -20.36 49.61
N ILE B 17 14.99 -19.79 49.88
CA ILE B 17 14.85 -18.36 49.78
C ILE B 17 15.44 -17.67 51.01
N VAL B 18 16.27 -16.65 50.77
CA VAL B 18 16.85 -15.89 51.86
C VAL B 18 16.69 -14.41 51.62
N ARG B 19 16.90 -13.64 52.68
CA ARG B 19 16.81 -12.19 52.62
C ARG B 19 18.25 -11.66 52.47
N VAL B 20 18.47 -10.78 51.50
CA VAL B 20 19.80 -10.23 51.27
C VAL B 20 19.70 -8.71 51.32
N SER B 21 20.49 -8.09 52.19
CA SER B 21 20.49 -6.64 52.27
C SER B 21 21.92 -6.13 52.32
N TYR B 22 22.08 -4.91 51.81
CA TYR B 22 23.37 -4.23 51.77
C TYR B 22 22.96 -2.79 51.87
N GLY B 23 23.38 -2.12 52.94
CA GLY B 23 23.01 -0.73 53.10
C GLY B 23 21.49 -0.65 53.12
N ASN B 24 20.94 0.24 52.30
CA ASN B 24 19.50 0.42 52.24
C ASN B 24 18.75 -0.45 51.25
N ASN B 25 19.43 -1.41 50.63
CA ASN B 25 18.77 -2.29 49.66
C ASN B 25 18.42 -3.62 50.28
N VAL B 26 17.21 -4.10 50.00
CA VAL B 26 16.75 -5.38 50.51
C VAL B 26 15.99 -6.10 49.43
N LEU B 27 16.40 -7.34 49.15
CA LEU B 27 15.73 -8.14 48.15
C LEU B 27 15.90 -9.61 48.51
N ASN B 28 15.42 -10.49 47.64
CA ASN B 28 15.49 -11.92 47.88
C ASN B 28 16.69 -12.56 47.22
N GLY B 29 17.09 -13.71 47.75
CA GLY B 29 18.22 -14.43 47.20
C GLY B 29 17.92 -15.91 47.23
N LEU B 30 18.78 -16.70 46.60
CA LEU B 30 18.58 -18.15 46.57
C LEU B 30 19.82 -18.82 47.19
N TRP B 31 19.59 -19.55 48.27
CA TRP B 31 20.65 -20.23 49.01
C TRP B 31 20.70 -21.74 48.68
N LEU B 32 21.71 -22.11 47.91
CA LEU B 32 21.93 -23.49 47.48
C LEU B 32 23.36 -23.85 47.90
N GLY B 33 23.53 -24.99 48.57
CA GLY B 33 24.86 -25.36 49.02
C GLY B 33 25.42 -24.23 49.87
N ASP B 34 26.66 -23.83 49.60
CA ASP B 34 27.29 -22.76 50.36
C ASP B 34 27.30 -21.46 49.55
N GLU B 35 26.37 -21.34 48.61
CA GLU B 35 26.26 -20.14 47.78
C GLU B 35 24.89 -19.48 47.88
N VAL B 36 24.88 -18.16 47.66
CA VAL B 36 23.65 -17.40 47.67
C VAL B 36 23.69 -16.53 46.43
N ILE B 37 22.67 -16.64 45.60
CA ILE B 37 22.59 -15.85 44.37
C ILE B 37 21.46 -14.84 44.51
N CYS B 38 21.66 -13.63 44.01
CA CYS B 38 20.64 -12.60 44.08
C CYS B 38 21.00 -11.51 43.06
N PRO B 39 20.04 -10.64 42.72
CA PRO B 39 20.33 -9.56 41.76
C PRO B 39 21.50 -8.72 42.27
N ARG B 40 22.40 -8.33 41.38
CA ARG B 40 23.57 -7.58 41.81
C ARG B 40 23.33 -6.13 42.21
N HIS B 41 22.28 -5.50 41.71
CA HIS B 41 22.05 -4.10 42.06
C HIS B 41 21.79 -3.89 43.55
N VAL B 42 21.75 -4.97 44.32
CA VAL B 42 21.53 -4.85 45.76
C VAL B 42 22.68 -4.06 46.39
N ILE B 43 23.85 -4.11 45.77
CA ILE B 43 24.99 -3.37 46.32
C ILE B 43 25.10 -1.97 45.73
N ALA B 44 24.16 -1.60 44.86
CA ALA B 44 24.22 -0.27 44.26
C ALA B 44 23.87 0.79 45.30
N SER B 45 24.67 1.85 45.34
CA SER B 45 24.46 2.95 46.28
C SER B 45 23.11 3.62 46.06
N ASP B 46 22.66 3.63 44.81
CA ASP B 46 21.39 4.24 44.44
C ASP B 46 20.84 3.61 43.17
N THR B 47 19.89 2.70 43.32
CA THR B 47 19.31 2.00 42.17
C THR B 47 18.40 2.88 41.32
N THR B 48 18.35 4.17 41.66
CA THR B 48 17.51 5.12 40.94
C THR B 48 18.18 5.78 39.74
N ARG B 49 19.50 5.91 39.78
CA ARG B 49 20.24 6.51 38.66
C ARG B 49 21.17 5.47 38.07
N VAL B 50 21.80 5.80 36.93
CA VAL B 50 22.72 4.87 36.28
C VAL B 50 23.80 4.36 37.23
N ILE B 51 24.08 3.07 37.12
CA ILE B 51 25.04 2.41 38.00
C ILE B 51 26.33 1.98 37.34
N ASN B 52 27.44 2.22 38.02
CA ASN B 52 28.74 1.79 37.53
C ASN B 52 28.99 0.58 38.42
N TYR B 53 28.72 -0.61 37.89
CA TYR B 53 28.87 -1.84 38.67
C TYR B 53 30.29 -2.18 39.09
N GLU B 54 31.26 -1.79 38.28
CA GLU B 54 32.66 -2.06 38.61
C GLU B 54 33.01 -1.31 39.89
N ASN B 55 32.64 -0.03 39.94
CA ASN B 55 32.90 0.79 41.12
C ASN B 55 32.16 0.29 42.36
N GLU B 56 30.88 -0.02 42.20
CA GLU B 56 30.11 -0.51 43.34
C GLU B 56 30.77 -1.76 43.90
N MET B 57 31.28 -2.60 43.02
CA MET B 57 31.94 -3.83 43.47
C MET B 57 33.28 -3.52 44.13
N SER B 58 33.98 -2.51 43.61
CA SER B 58 35.29 -2.11 44.15
C SER B 58 35.14 -1.59 45.58
N SER B 59 34.01 -0.95 45.88
CA SER B 59 33.79 -0.41 47.21
C SER B 59 32.97 -1.29 48.14
N VAL B 60 32.69 -2.53 47.74
CA VAL B 60 31.89 -3.39 48.60
C VAL B 60 32.69 -3.99 49.76
N ARG B 61 32.09 -3.99 50.94
CA ARG B 61 32.74 -4.57 52.11
C ARG B 61 31.90 -5.76 52.53
N LEU B 62 32.46 -6.96 52.44
CA LEU B 62 31.74 -8.17 52.78
C LEU B 62 30.90 -8.10 54.05
N HIS B 63 31.46 -7.54 55.12
CA HIS B 63 30.74 -7.46 56.38
C HIS B 63 29.51 -6.58 56.37
N ASN B 64 29.29 -5.82 55.30
CA ASN B 64 28.12 -4.96 55.22
C ASN B 64 26.90 -5.71 54.66
N PHE B 65 27.12 -6.95 54.26
CA PHE B 65 26.03 -7.78 53.76
C PHE B 65 25.24 -8.33 54.93
N SER B 66 24.00 -8.67 54.66
CA SER B 66 23.14 -9.25 55.68
C SER B 66 22.34 -10.32 54.96
N VAL B 67 22.73 -11.58 55.17
CA VAL B 67 22.04 -12.70 54.54
C VAL B 67 21.44 -13.60 55.61
N SER B 68 20.13 -13.78 55.56
CA SER B 68 19.46 -14.60 56.55
C SER B 68 18.29 -15.37 55.99
N LYS B 69 18.14 -16.61 56.42
CA LYS B 69 17.01 -17.40 55.97
C LYS B 69 15.91 -16.86 56.88
N ASN B 70 15.83 -17.36 58.11
CA ASN B 70 14.83 -16.83 59.06
C ASN B 70 15.63 -16.18 60.19
N ASN B 71 15.89 -16.95 61.23
CA ASN B 71 16.68 -16.47 62.37
C ASN B 71 18.14 -16.84 62.13
N VAL B 72 18.39 -17.56 61.05
CA VAL B 72 19.75 -17.98 60.73
C VAL B 72 20.44 -16.95 59.83
N PHE B 73 21.43 -16.27 60.39
CA PHE B 73 22.20 -15.27 59.66
C PHE B 73 23.46 -15.92 59.12
N LEU B 74 23.70 -15.73 57.82
CA LEU B 74 24.84 -16.32 57.15
C LEU B 74 25.99 -15.33 57.00
N GLY B 75 27.21 -15.84 57.11
CA GLY B 75 28.37 -14.98 56.96
C GLY B 75 28.90 -15.01 55.53
N VAL B 76 29.02 -13.84 54.92
CA VAL B 76 29.52 -13.74 53.56
C VAL B 76 31.04 -13.74 53.56
N VAL B 77 31.65 -14.76 52.95
CA VAL B 77 33.11 -14.84 52.91
C VAL B 77 33.68 -14.26 51.60
N SER B 78 32.84 -14.16 50.56
CA SER B 78 33.28 -13.58 49.29
C SER B 78 32.12 -13.21 48.37
N ALA B 79 32.33 -12.20 47.54
CA ALA B 79 31.30 -11.73 46.60
C ALA B 79 31.88 -11.52 45.22
N ARG B 80 31.13 -11.93 44.20
CA ARG B 80 31.58 -11.75 42.81
C ARG B 80 30.36 -11.64 41.90
N TYR B 81 30.56 -11.01 40.75
CA TYR B 81 29.48 -10.89 39.78
C TYR B 81 29.55 -12.10 38.86
N LYS B 82 28.39 -12.52 38.39
CA LYS B 82 28.29 -13.61 37.41
C LYS B 82 27.14 -13.09 36.56
N GLY B 83 27.49 -12.26 35.59
CA GLY B 83 26.47 -11.66 34.77
C GLY B 83 25.79 -10.58 35.60
N VAL B 84 24.47 -10.54 35.58
CA VAL B 84 23.77 -9.53 36.36
C VAL B 84 23.44 -9.99 37.78
N ASN B 85 23.95 -11.15 38.16
CA ASN B 85 23.69 -11.66 39.50
C ASN B 85 24.94 -11.58 40.37
N LEU B 86 24.69 -11.50 41.67
CA LEU B 86 25.76 -11.46 42.65
C LEU B 86 25.82 -12.88 43.19
N VAL B 87 27.01 -13.45 43.23
CA VAL B 87 27.20 -14.80 43.77
C VAL B 87 27.95 -14.65 45.09
N LEU B 88 27.28 -14.99 46.18
CA LEU B 88 27.90 -14.88 47.50
C LEU B 88 28.26 -16.22 48.12
N LYS B 89 29.49 -16.32 48.60
CA LYS B 89 29.95 -17.53 49.28
C LYS B 89 29.60 -17.29 50.73
N VAL B 90 28.97 -18.27 51.38
CA VAL B 90 28.59 -18.13 52.77
C VAL B 90 29.25 -19.21 53.62
N ASN B 91 29.34 -18.97 54.93
CA ASN B 91 29.99 -19.91 55.83
C ASN B 91 29.17 -21.14 56.20
N GLN B 92 27.96 -21.25 55.65
CA GLN B 92 27.11 -22.40 55.95
C GLN B 92 26.48 -23.01 54.72
N VAL B 93 26.45 -24.33 54.67
CA VAL B 93 25.83 -25.05 53.57
C VAL B 93 24.34 -25.15 53.92
N ASN B 94 23.46 -24.82 52.98
CA ASN B 94 22.03 -24.91 53.22
C ASN B 94 21.69 -26.39 53.38
N PRO B 95 21.30 -26.78 54.59
CA PRO B 95 20.95 -28.19 54.85
C PRO B 95 19.73 -28.67 54.07
N ASN B 96 18.88 -27.73 53.62
CA ASN B 96 17.69 -28.12 52.87
C ASN B 96 17.85 -27.92 51.37
N THR B 97 19.09 -27.98 50.89
CA THR B 97 19.33 -27.81 49.46
C THR B 97 18.77 -29.03 48.72
N PRO B 98 17.78 -28.80 47.86
CA PRO B 98 17.16 -29.90 47.10
C PRO B 98 18.05 -30.27 45.93
N GLU B 99 17.79 -31.45 45.36
CA GLU B 99 18.53 -31.91 44.20
C GLU B 99 18.09 -30.94 43.11
N HIS B 100 19.02 -30.44 42.30
CA HIS B 100 18.62 -29.47 41.29
C HIS B 100 19.60 -29.31 40.14
N LYS B 101 19.13 -28.63 39.10
CA LYS B 101 19.90 -28.32 37.91
C LYS B 101 19.46 -26.92 37.49
N PHE B 102 20.10 -26.39 36.46
CA PHE B 102 19.75 -25.06 35.96
C PHE B 102 19.56 -25.13 34.46
N LYS B 103 18.76 -24.22 33.93
CA LYS B 103 18.54 -24.16 32.50
C LYS B 103 17.76 -22.90 32.18
N SER B 104 17.72 -22.55 30.90
CA SER B 104 17.01 -21.35 30.47
C SER B 104 15.65 -21.72 29.89
N ILE B 105 14.69 -20.80 29.99
CA ILE B 105 13.36 -21.03 29.44
C ILE B 105 13.34 -20.42 28.06
N LYS B 106 12.71 -21.10 27.11
CA LYS B 106 12.62 -20.57 25.77
C LYS B 106 11.28 -19.87 25.62
N ALA B 107 11.15 -19.06 24.58
CA ALA B 107 9.90 -18.35 24.35
C ALA B 107 8.75 -19.35 24.27
N GLY B 108 7.61 -18.99 24.84
CA GLY B 108 6.45 -19.86 24.81
C GLY B 108 6.39 -20.94 25.86
N GLU B 109 7.45 -21.10 26.64
CA GLU B 109 7.44 -22.13 27.68
C GLU B 109 6.97 -21.52 29.00
N SER B 110 6.40 -22.35 29.85
CA SER B 110 5.90 -21.91 31.14
C SER B 110 6.78 -22.36 32.30
N PHE B 111 6.65 -21.65 33.42
CA PHE B 111 7.37 -21.97 34.65
C PHE B 111 6.67 -21.31 35.84
N ASN B 112 7.18 -21.55 37.04
CA ASN B 112 6.58 -20.98 38.25
C ASN B 112 7.45 -19.90 38.86
N ILE B 113 6.78 -18.91 39.43
CA ILE B 113 7.45 -17.82 40.12
C ILE B 113 7.12 -17.98 41.61
N LEU B 114 8.14 -17.98 42.45
CA LEU B 114 7.94 -18.02 43.89
C LEU B 114 8.37 -16.62 44.30
N ALA B 115 7.37 -15.74 44.47
CA ALA B 115 7.60 -14.35 44.83
C ALA B 115 7.73 -14.21 46.34
N CYS B 116 8.78 -13.53 46.76
CA CYS B 116 9.01 -13.34 48.18
C CYS B 116 9.23 -11.87 48.47
N TYR B 117 8.91 -11.48 49.70
CA TYR B 117 9.06 -10.10 50.11
C TYR B 117 10.14 -10.06 51.18
N GLU B 118 11.31 -9.53 50.82
CA GLU B 118 12.43 -9.43 51.75
C GLU B 118 12.79 -10.75 52.44
N GLY B 119 12.96 -11.80 51.64
CA GLY B 119 13.34 -13.10 52.18
C GLY B 119 12.21 -13.99 52.65
N CYS B 120 10.97 -13.51 52.53
CA CYS B 120 9.82 -14.30 52.95
C CYS B 120 8.92 -14.67 51.78
N PRO B 121 8.78 -16.00 51.53
CA PRO B 121 7.93 -16.51 50.44
C PRO B 121 6.49 -16.05 50.66
N GLY B 122 5.96 -15.25 49.74
CA GLY B 122 4.61 -14.77 49.87
C GLY B 122 3.60 -15.39 48.93
N SER B 123 4.02 -15.66 47.70
CA SER B 123 3.12 -16.26 46.74
C SER B 123 3.82 -17.01 45.61
N VAL B 124 3.04 -17.85 44.94
CA VAL B 124 3.52 -18.65 43.85
C VAL B 124 2.46 -18.63 42.75
N TYR B 125 2.91 -18.53 41.52
CA TYR B 125 1.99 -18.48 40.39
C TYR B 125 2.71 -18.80 39.09
N GLY B 126 1.95 -19.27 38.11
CA GLY B 126 2.53 -19.64 36.84
C GLY B 126 2.65 -18.47 35.86
N VAL B 127 3.66 -18.55 35.00
CA VAL B 127 3.89 -17.52 33.99
C VAL B 127 4.35 -18.19 32.71
N ASN B 128 4.42 -17.42 31.63
CA ASN B 128 4.87 -17.93 30.34
C ASN B 128 5.83 -16.91 29.73
N MET B 129 6.97 -17.40 29.26
CA MET B 129 7.99 -16.54 28.66
C MET B 129 7.57 -16.00 27.29
N ARG B 130 7.57 -14.67 27.15
CA ARG B 130 7.21 -14.00 25.90
C ARG B 130 8.44 -13.97 24.98
N SER B 131 8.22 -13.68 23.69
CA SER B 131 9.29 -13.66 22.70
C SER B 131 10.40 -12.64 22.94
N GLN B 132 10.07 -11.51 23.57
CA GLN B 132 11.07 -10.48 23.86
C GLN B 132 11.83 -10.73 25.15
N GLY B 133 11.63 -11.90 25.76
CA GLY B 133 12.34 -12.21 26.99
C GLY B 133 11.72 -11.59 28.22
N THR B 134 10.41 -11.40 28.21
CA THR B 134 9.73 -10.84 29.36
C THR B 134 8.60 -11.75 29.78
N ILE B 135 8.02 -11.46 30.94
CA ILE B 135 6.88 -12.21 31.42
C ILE B 135 5.90 -11.22 32.01
N LYS B 136 4.62 -11.58 31.99
CA LYS B 136 3.59 -10.73 32.58
C LYS B 136 3.31 -11.35 33.93
N GLY B 137 3.99 -10.82 34.94
CA GLY B 137 3.79 -11.32 36.29
C GLY B 137 3.27 -10.21 37.16
N SER B 138 3.52 -10.33 38.45
CA SER B 138 3.09 -9.31 39.39
C SER B 138 4.16 -9.24 40.47
N PHE B 139 4.97 -8.21 40.36
CA PHE B 139 6.04 -8.01 41.32
C PHE B 139 5.94 -6.60 41.86
N ILE B 140 6.00 -6.48 43.18
CA ILE B 140 5.94 -5.17 43.80
C ILE B 140 7.31 -4.87 44.39
N ALA B 141 7.57 -3.60 44.69
CA ALA B 141 8.85 -3.22 45.26
C ALA B 141 9.20 -4.22 46.35
N GLY B 142 10.37 -4.83 46.25
CA GLY B 142 10.78 -5.79 47.25
C GLY B 142 10.74 -7.24 46.80
N THR B 143 10.15 -7.51 45.64
CA THR B 143 10.08 -8.89 45.14
C THR B 143 11.25 -9.25 44.23
N CYS B 144 12.15 -8.30 44.00
CA CYS B 144 13.31 -8.55 43.16
C CYS B 144 14.07 -9.71 43.76
N GLY B 145 14.62 -10.56 42.92
CA GLY B 145 15.32 -11.72 43.42
C GLY B 145 14.37 -12.89 43.52
N SER B 146 13.09 -12.67 43.20
CA SER B 146 12.11 -13.76 43.25
C SER B 146 12.60 -14.84 42.30
N VAL B 147 12.29 -16.08 42.63
CA VAL B 147 12.77 -17.22 41.87
C VAL B 147 11.78 -17.96 40.96
N GLY B 148 12.26 -18.27 39.77
CA GLY B 148 11.47 -19.00 38.79
C GLY B 148 11.98 -20.44 38.75
N TYR B 149 11.06 -21.39 38.69
CA TYR B 149 11.46 -22.79 38.67
C TYR B 149 10.45 -23.67 37.94
N VAL B 150 10.92 -24.83 37.49
CA VAL B 150 10.07 -25.80 36.80
C VAL B 150 10.42 -27.20 37.31
N LEU B 151 9.42 -28.05 37.35
CA LEU B 151 9.59 -29.44 37.76
C LEU B 151 9.24 -30.22 36.50
N GLU B 152 10.26 -30.85 35.91
CA GLU B 152 10.07 -31.65 34.72
C GLU B 152 10.56 -33.06 34.98
N ASN B 153 9.61 -33.97 35.15
CA ASN B 153 9.88 -35.37 35.41
C ASN B 153 10.88 -35.62 36.55
N GLY B 154 10.44 -35.32 37.77
CA GLY B 154 11.28 -35.51 38.95
C GLY B 154 12.44 -34.55 39.14
N ILE B 155 12.72 -33.75 38.11
CA ILE B 155 13.82 -32.82 38.17
C ILE B 155 13.42 -31.36 38.40
N LEU B 156 14.02 -30.77 39.42
CA LEU B 156 13.77 -29.38 39.75
C LEU B 156 14.80 -28.52 39.02
N TYR B 157 14.32 -27.60 38.19
CA TYR B 157 15.22 -26.70 37.49
C TYR B 157 15.03 -25.27 37.99
N PHE B 158 16.13 -24.59 38.28
CA PHE B 158 16.04 -23.18 38.66
C PHE B 158 16.25 -22.49 37.32
N VAL B 159 15.35 -21.58 36.98
CA VAL B 159 15.40 -20.97 35.66
C VAL B 159 15.28 -19.46 35.59
N TYR B 160 14.81 -18.84 36.67
CA TYR B 160 14.61 -17.40 36.62
C TYR B 160 14.86 -16.67 37.92
N MET B 161 15.45 -15.48 37.83
CA MET B 161 15.63 -14.63 38.99
C MET B 161 15.22 -13.22 38.56
N HIS B 162 14.23 -12.67 39.25
CA HIS B 162 13.69 -11.37 38.94
C HIS B 162 14.64 -10.19 39.19
N HIS B 163 14.73 -9.29 38.21
CA HIS B 163 15.61 -8.12 38.30
C HIS B 163 14.94 -6.76 38.23
N LEU B 164 14.05 -6.58 37.27
CA LEU B 164 13.44 -5.27 37.11
C LEU B 164 12.16 -5.29 36.31
N GLU B 165 11.53 -4.13 36.25
CA GLU B 165 10.29 -3.93 35.53
C GLU B 165 10.49 -2.87 34.44
N LEU B 166 10.12 -3.20 33.21
CA LEU B 166 10.25 -2.24 32.11
C LEU B 166 9.24 -1.12 32.28
N GLY B 167 9.48 -0.02 31.59
CA GLY B 167 8.58 1.12 31.66
C GLY B 167 7.14 0.77 31.33
N ASN B 168 6.97 -0.23 30.46
CA ASN B 168 5.63 -0.67 30.03
C ASN B 168 4.99 -1.70 30.97
N GLY B 169 5.66 -2.01 32.08
CA GLY B 169 5.10 -2.96 33.02
C GLY B 169 5.55 -4.42 32.88
N SER B 170 6.19 -4.75 31.78
CA SER B 170 6.67 -6.12 31.58
C SER B 170 7.81 -6.39 32.56
N HIS B 171 7.90 -7.65 32.99
CA HIS B 171 8.92 -8.01 33.95
C HIS B 171 10.11 -8.72 33.33
N VAL B 172 11.29 -8.29 33.76
CA VAL B 172 12.55 -8.79 33.26
C VAL B 172 13.37 -9.48 34.35
N GLY B 173 13.98 -10.60 33.98
CA GLY B 173 14.81 -11.35 34.91
C GLY B 173 15.94 -12.04 34.17
N SER B 174 16.70 -12.87 34.88
CA SER B 174 17.82 -13.56 34.29
C SER B 174 17.82 -15.04 34.63
N ASN B 175 18.62 -15.81 33.92
CA ASN B 175 18.74 -17.22 34.23
C ASN B 175 19.82 -17.28 35.32
N PHE B 176 20.28 -18.47 35.70
CA PHE B 176 21.26 -18.54 36.74
C PHE B 176 22.73 -18.47 36.31
N GLU B 177 22.95 -18.32 35.01
CA GLU B 177 24.31 -18.16 34.49
C GLU B 177 24.53 -16.66 34.59
N GLY B 178 23.44 -15.92 34.83
CA GLY B 178 23.54 -14.49 34.97
C GLY B 178 23.23 -13.72 33.69
N GLU B 179 22.64 -14.40 32.71
CA GLU B 179 22.29 -13.72 31.46
C GLU B 179 20.86 -13.21 31.58
N MET B 180 20.66 -11.93 31.31
CA MET B 180 19.33 -11.36 31.38
C MET B 180 18.48 -11.83 30.19
N TYR B 181 17.27 -12.33 30.46
CA TYR B 181 16.40 -12.75 29.37
C TYR B 181 16.06 -11.52 28.55
N GLY B 182 16.09 -11.67 27.23
CA GLY B 182 15.80 -10.55 26.34
C GLY B 182 16.97 -9.59 26.21
N GLY B 183 18.08 -9.92 26.86
CA GLY B 183 19.26 -9.08 26.80
C GLY B 183 19.15 -7.68 27.39
N TYR B 184 18.17 -7.45 28.27
CA TYR B 184 18.02 -6.12 28.88
C TYR B 184 19.12 -5.83 29.89
N GLU B 185 19.40 -4.55 30.09
CA GLU B 185 20.43 -4.13 31.04
C GLU B 185 19.82 -3.88 32.41
N ASP B 186 20.54 -4.22 33.48
CA ASP B 186 20.04 -3.97 34.82
C ASP B 186 20.36 -2.52 35.21
N GLN B 187 19.69 -1.59 34.52
CA GLN B 187 19.85 -0.15 34.73
C GLN B 187 18.48 0.51 34.70
N PRO B 188 18.33 1.63 35.44
CA PRO B 188 17.05 2.35 35.45
C PRO B 188 16.93 3.17 34.17
N SER B 189 17.44 2.60 33.07
CA SER B 189 17.40 3.28 31.78
C SER B 189 16.05 3.13 31.11
N MET B 190 15.97 3.58 29.86
CA MET B 190 14.74 3.49 29.11
C MET B 190 14.88 2.56 27.92
N GLN B 191 14.59 1.28 28.15
CA GLN B 191 14.68 0.27 27.12
C GLN B 191 13.28 -0.25 26.80
N LEU B 192 13.02 -0.41 25.51
CA LEU B 192 11.71 -0.86 25.02
C LEU B 192 11.67 -2.37 24.81
N GLU B 193 10.47 -2.93 24.98
CA GLU B 193 10.26 -4.37 24.80
C GLU B 193 10.23 -4.76 23.33
N GLY B 194 9.41 -4.08 22.53
CA GLY B 194 9.30 -4.42 21.12
C GLY B 194 8.05 -5.24 20.86
N THR B 195 7.80 -5.59 19.60
CA THR B 195 6.60 -6.37 19.28
C THR B 195 6.76 -7.83 19.68
N ASN B 196 5.82 -8.32 20.47
CA ASN B 196 5.85 -9.69 20.93
C ASN B 196 5.26 -10.59 19.85
N VAL B 197 5.81 -11.80 19.73
CA VAL B 197 5.34 -12.76 18.76
C VAL B 197 4.57 -13.86 19.48
N MET B 198 3.28 -13.93 19.22
CA MET B 198 2.40 -14.92 19.84
C MET B 198 2.89 -16.32 19.54
N SER B 199 2.80 -17.19 20.53
CA SER B 199 3.21 -18.59 20.35
C SER B 199 2.06 -19.38 19.73
N SER B 200 2.27 -19.86 18.50
CA SER B 200 1.25 -20.63 17.80
C SER B 200 0.93 -21.92 18.53
N ASP B 201 1.96 -22.57 19.03
CA ASP B 201 1.80 -23.81 19.79
C ASP B 201 0.75 -23.57 20.87
N ASN B 202 1.04 -22.58 21.72
CA ASN B 202 0.15 -22.26 22.84
C ASN B 202 -1.25 -21.82 22.44
N VAL B 203 -1.40 -21.06 21.37
CA VAL B 203 -2.74 -20.63 20.98
C VAL B 203 -3.55 -21.84 20.51
N VAL B 204 -2.94 -22.72 19.75
CA VAL B 204 -3.64 -23.92 19.29
C VAL B 204 -4.05 -24.69 20.53
N ALA B 205 -3.17 -24.74 21.52
CA ALA B 205 -3.47 -25.44 22.76
C ALA B 205 -4.68 -24.78 23.41
N PHE B 206 -4.66 -23.45 23.43
CA PHE B 206 -5.74 -22.66 24.00
C PHE B 206 -7.09 -23.06 23.41
N LEU B 207 -7.15 -23.12 22.08
CA LEU B 207 -8.37 -23.51 21.40
C LEU B 207 -8.82 -24.93 21.74
N TYR B 208 -7.88 -25.86 21.90
CA TYR B 208 -8.29 -27.22 22.26
C TYR B 208 -8.93 -27.17 23.62
N ALA B 209 -8.36 -26.36 24.51
CA ALA B 209 -8.89 -26.20 25.85
C ALA B 209 -10.34 -25.72 25.73
N ALA B 210 -10.58 -24.82 24.80
CA ALA B 210 -11.93 -24.29 24.57
C ALA B 210 -12.87 -25.40 24.11
N LEU B 211 -12.46 -26.13 23.07
CA LEU B 211 -13.28 -27.22 22.55
C LEU B 211 -13.58 -28.21 23.67
N ILE B 212 -12.56 -28.56 24.45
CA ILE B 212 -12.74 -29.49 25.54
C ILE B 212 -13.71 -28.94 26.59
N ASN B 213 -13.87 -27.63 26.62
CA ASN B 213 -14.76 -27.00 27.58
C ASN B 213 -16.17 -26.80 27.04
N GLY B 214 -16.40 -27.19 25.80
CA GLY B 214 -17.72 -27.05 25.22
C GLY B 214 -17.94 -25.88 24.29
N GLU B 215 -16.89 -25.10 24.04
CA GLU B 215 -17.00 -23.96 23.15
C GLU B 215 -16.47 -24.32 21.79
N ARG B 216 -17.27 -24.11 20.75
CA ARG B 216 -16.81 -24.43 19.41
C ARG B 216 -17.41 -23.51 18.35
N TRP B 217 -17.92 -22.36 18.78
CA TRP B 217 -18.51 -21.40 17.85
C TRP B 217 -17.46 -20.92 16.86
N PHE B 218 -16.19 -21.06 17.22
CA PHE B 218 -15.11 -20.62 16.34
C PHE B 218 -14.65 -21.72 15.39
N VAL B 219 -15.22 -22.93 15.54
CA VAL B 219 -14.87 -24.05 14.67
C VAL B 219 -15.34 -23.77 13.26
N THR B 220 -14.46 -24.00 12.29
CA THR B 220 -14.78 -23.74 10.90
C THR B 220 -14.88 -24.96 9.98
N ASN B 221 -14.48 -26.13 10.46
CA ASN B 221 -14.48 -27.35 9.65
C ASN B 221 -13.62 -27.19 8.40
N THR B 222 -13.14 -25.97 8.16
CA THR B 222 -12.27 -25.66 7.04
C THR B 222 -10.85 -25.67 7.61
N SER B 223 -9.92 -26.33 6.94
CA SER B 223 -8.56 -26.41 7.45
C SER B 223 -7.50 -25.67 6.62
N MET B 224 -6.41 -25.31 7.28
CA MET B 224 -5.31 -24.58 6.64
C MET B 224 -4.00 -25.34 6.85
N SER B 225 -3.37 -25.72 5.74
CA SER B 225 -2.12 -26.45 5.79
C SER B 225 -1.14 -25.76 6.73
N LEU B 226 -0.29 -26.55 7.37
CA LEU B 226 0.71 -26.02 8.28
C LEU B 226 1.64 -25.09 7.52
N GLU B 227 1.88 -25.41 6.26
CA GLU B 227 2.74 -24.62 5.40
C GLU B 227 2.14 -23.24 5.13
N SER B 228 0.85 -23.22 4.79
CA SER B 228 0.18 -21.95 4.52
C SER B 228 0.10 -21.13 5.79
N TYR B 229 -0.11 -21.81 6.91
CA TYR B 229 -0.20 -21.12 8.20
C TYR B 229 1.10 -20.41 8.51
N ASN B 230 2.21 -21.14 8.42
CA ASN B 230 3.52 -20.56 8.73
C ASN B 230 3.85 -19.31 7.92
N THR B 231 3.44 -19.27 6.65
CA THR B 231 3.73 -18.10 5.82
C THR B 231 2.91 -16.93 6.36
N TRP B 232 1.68 -17.22 6.76
CA TRP B 232 0.80 -16.20 7.31
C TRP B 232 1.35 -15.73 8.65
N ALA B 233 1.85 -16.68 9.43
CA ALA B 233 2.41 -16.42 10.75
C ALA B 233 3.53 -15.39 10.75
N LYS B 234 4.47 -15.53 9.82
CA LYS B 234 5.61 -14.63 9.72
C LYS B 234 5.24 -13.16 9.59
N THR B 235 4.15 -12.87 8.88
CA THR B 235 3.73 -11.48 8.68
C THR B 235 2.70 -11.00 9.70
N ASN B 236 2.27 -11.87 10.59
CA ASN B 236 1.27 -11.49 11.59
C ASN B 236 1.72 -11.62 13.05
N SER B 237 3.03 -11.74 13.26
CA SER B 237 3.60 -11.86 14.61
C SER B 237 3.17 -13.11 15.37
N PHE B 238 3.36 -14.26 14.75
CA PHE B 238 3.03 -15.54 15.35
C PHE B 238 4.19 -16.45 14.99
N THR B 239 4.48 -17.42 15.85
CA THR B 239 5.57 -18.35 15.58
C THR B 239 5.15 -19.39 14.56
N GLU B 240 6.12 -19.93 13.84
CA GLU B 240 5.82 -20.96 12.86
C GLU B 240 5.63 -22.29 13.58
N LEU B 241 4.60 -23.03 13.18
CA LEU B 241 4.30 -24.32 13.79
C LEU B 241 5.35 -25.36 13.46
N SER B 242 5.83 -26.04 14.51
CA SER B 242 6.83 -27.09 14.38
C SER B 242 6.25 -28.19 13.50
N SER B 243 5.16 -28.78 14.00
CA SER B 243 4.42 -29.83 13.33
C SER B 243 3.13 -29.95 14.12
N THR B 244 2.42 -31.06 13.98
CA THR B 244 1.17 -31.23 14.70
C THR B 244 1.26 -32.40 15.67
N ASP B 245 2.46 -32.98 15.77
CA ASP B 245 2.70 -34.12 16.63
C ASP B 245 2.43 -33.79 18.09
N ALA B 246 2.69 -32.54 18.47
CA ALA B 246 2.48 -32.11 19.85
C ALA B 246 1.03 -32.19 20.33
N PHE B 247 0.08 -32.19 19.40
CA PHE B 247 -1.31 -32.21 19.77
C PHE B 247 -2.07 -33.48 19.43
N SER B 248 -1.35 -34.48 18.93
CA SER B 248 -1.96 -35.75 18.55
C SER B 248 -3.11 -36.19 19.44
N MET B 249 -2.89 -36.16 20.75
CA MET B 249 -3.91 -36.59 21.70
C MET B 249 -5.11 -35.64 21.76
N LEU B 250 -4.82 -34.33 21.72
CA LEU B 250 -5.88 -33.32 21.78
C LEU B 250 -6.77 -33.38 20.55
N ALA B 251 -6.17 -33.63 19.39
CA ALA B 251 -6.94 -33.71 18.15
C ALA B 251 -7.85 -34.94 18.18
N ALA B 252 -7.41 -35.99 18.86
CA ALA B 252 -8.18 -37.23 18.95
C ALA B 252 -9.38 -37.07 19.87
N LYS B 253 -9.15 -36.49 21.04
CA LYS B 253 -10.21 -36.28 22.02
C LYS B 253 -11.31 -35.34 21.50
N THR B 254 -10.92 -34.35 20.71
CA THR B 254 -11.88 -33.38 20.19
C THR B 254 -12.40 -33.63 18.78
N GLY B 255 -11.62 -34.35 17.97
CA GLY B 255 -12.05 -34.62 16.61
C GLY B 255 -11.71 -33.47 15.67
N GLN B 256 -11.04 -32.45 16.21
CA GLN B 256 -10.63 -31.31 15.38
C GLN B 256 -9.14 -31.39 15.16
N SER B 257 -8.72 -31.37 13.91
CA SER B 257 -7.31 -31.45 13.59
C SER B 257 -6.68 -30.07 13.81
N VAL B 258 -5.35 -30.06 13.96
CA VAL B 258 -4.62 -28.81 14.16
C VAL B 258 -4.83 -27.85 12.98
N GLU B 259 -4.81 -28.39 11.77
CA GLU B 259 -5.00 -27.55 10.59
C GLU B 259 -6.31 -26.77 10.63
N LYS B 260 -7.34 -27.36 11.22
CA LYS B 260 -8.62 -26.66 11.34
C LYS B 260 -8.49 -25.50 12.32
N LEU B 261 -7.81 -25.73 13.44
CA LEU B 261 -7.61 -24.67 14.42
C LEU B 261 -6.75 -23.55 13.83
N LEU B 262 -5.79 -23.92 12.99
CA LEU B 262 -4.91 -22.92 12.37
C LEU B 262 -5.74 -21.97 11.52
N ASP B 263 -6.74 -22.51 10.83
CA ASP B 263 -7.62 -21.68 10.03
C ASP B 263 -8.42 -20.79 10.98
N SER B 264 -8.79 -21.36 12.13
CA SER B 264 -9.54 -20.61 13.14
C SER B 264 -8.68 -19.46 13.67
N ILE B 265 -7.39 -19.71 13.84
CA ILE B 265 -6.48 -18.69 14.36
C ILE B 265 -6.46 -17.48 13.46
N VAL B 266 -6.14 -17.73 12.19
CA VAL B 266 -6.06 -16.66 11.20
C VAL B 266 -7.30 -15.78 11.23
N ARG B 267 -8.47 -16.39 11.26
CA ARG B 267 -9.73 -15.63 11.28
C ARG B 267 -9.99 -14.95 12.61
N LEU B 268 -9.72 -15.66 13.70
CA LEU B 268 -9.91 -15.13 15.05
C LEU B 268 -8.99 -13.95 15.33
N ASN B 269 -7.82 -13.94 14.68
CA ASN B 269 -6.85 -12.87 14.88
C ASN B 269 -7.40 -11.52 14.41
N LYS B 270 -8.48 -11.55 13.64
CA LYS B 270 -9.08 -10.32 13.17
C LYS B 270 -10.02 -9.78 14.25
N GLY B 271 -10.21 -10.54 15.32
CA GLY B 271 -11.07 -10.11 16.41
C GLY B 271 -12.23 -11.03 16.75
N PHE B 272 -12.53 -11.14 18.03
CA PHE B 272 -13.62 -11.98 18.53
C PHE B 272 -14.97 -11.27 18.37
N GLY B 273 -14.93 -10.00 18.00
CA GLY B 273 -16.15 -9.22 17.88
C GLY B 273 -16.70 -9.07 19.30
N GLY B 274 -17.95 -9.51 19.51
CA GLY B 274 -18.54 -9.41 20.83
C GLY B 274 -18.59 -10.78 21.51
N ARG B 275 -17.82 -11.72 20.98
CA ARG B 275 -17.76 -13.08 21.50
C ARG B 275 -16.49 -13.32 22.31
N THR B 276 -16.52 -14.35 23.15
CA THR B 276 -15.37 -14.70 23.97
C THR B 276 -15.05 -16.20 23.89
N ILE B 277 -13.82 -16.55 24.26
CA ILE B 277 -13.35 -17.92 24.28
C ILE B 277 -12.75 -18.17 25.65
N LEU B 278 -13.39 -19.04 26.43
CA LEU B 278 -12.92 -19.32 27.79
C LEU B 278 -12.95 -17.99 28.53
N SER B 279 -13.95 -17.18 28.20
CA SER B 279 -14.17 -15.87 28.81
C SER B 279 -13.19 -14.77 28.44
N TYR B 280 -12.21 -15.09 27.60
CA TYR B 280 -11.25 -14.09 27.17
C TYR B 280 -11.75 -13.39 25.90
N GLY B 281 -11.29 -12.15 25.70
CA GLY B 281 -11.71 -11.38 24.54
C GLY B 281 -10.78 -11.44 23.35
N SER B 282 -9.68 -12.18 23.48
CA SER B 282 -8.73 -12.33 22.39
C SER B 282 -7.92 -13.62 22.55
N LEU B 283 -7.09 -13.92 21.57
CA LEU B 283 -6.28 -15.12 21.61
C LEU B 283 -5.29 -15.08 22.76
N CYS B 284 -5.21 -16.19 23.49
CA CYS B 284 -4.31 -16.31 24.62
C CYS B 284 -3.21 -17.32 24.31
N ASP B 285 -1.96 -16.92 24.48
CA ASP B 285 -0.85 -17.84 24.21
C ASP B 285 0.00 -18.14 25.45
N GLU B 286 -0.63 -18.09 26.62
CA GLU B 286 0.11 -18.35 27.86
C GLU B 286 0.03 -19.80 28.33
N PHE B 287 -0.71 -20.63 27.61
CA PHE B 287 -0.83 -22.03 27.98
C PHE B 287 -0.21 -22.93 26.91
N THR B 288 0.69 -23.80 27.35
CA THR B 288 1.38 -24.71 26.44
C THR B 288 0.56 -25.98 26.25
N PRO B 289 0.87 -26.75 25.20
CA PRO B 289 0.14 -27.99 24.94
C PRO B 289 0.19 -28.89 26.18
N THR B 290 1.39 -29.05 26.72
CA THR B 290 1.60 -29.89 27.89
C THR B 290 0.77 -29.42 29.05
N GLU B 291 0.74 -28.12 29.24
CA GLU B 291 -0.03 -27.51 30.32
C GLU B 291 -1.52 -27.82 30.14
N VAL B 292 -1.98 -27.69 28.91
CA VAL B 292 -3.38 -27.94 28.60
C VAL B 292 -3.75 -29.42 28.68
N ILE B 293 -2.83 -30.30 28.31
CA ILE B 293 -3.11 -31.74 28.37
C ILE B 293 -3.45 -32.09 29.81
N ARG B 294 -2.85 -31.34 30.72
CA ARG B 294 -3.14 -31.47 32.15
C ARG B 294 -4.20 -30.39 32.25
N GLN B 295 -4.86 -30.23 33.40
CA GLN B 295 -5.89 -29.20 33.49
C GLN B 295 -7.12 -29.77 32.78
N MET B 296 -6.90 -30.74 31.91
CA MET B 296 -7.99 -31.39 31.18
C MET B 296 -7.96 -32.90 31.39
N TYR B 297 -6.76 -33.45 31.60
CA TYR B 297 -6.62 -34.89 31.79
C TYR B 297 -5.62 -35.27 32.88
N GLY B 298 -4.79 -34.31 33.29
CA GLY B 298 -3.81 -34.54 34.34
C GLY B 298 -3.10 -35.88 34.34
N VAL B 299 -2.37 -36.17 33.27
CA VAL B 299 -1.63 -37.42 33.16
C VAL B 299 -0.13 -37.13 33.03
N ASN B 300 0.20 -35.84 33.01
CA ASN B 300 1.59 -35.39 32.91
C ASN B 300 2.30 -35.90 31.65
N SER C 1 29.50 21.59 -43.25
CA SER C 1 28.08 21.54 -43.73
C SER C 1 27.66 20.10 -44.02
N GLY C 2 26.38 19.92 -44.36
CA GLY C 2 25.85 18.61 -44.67
C GLY C 2 25.19 17.90 -43.50
N LEU C 3 24.17 17.09 -43.79
CA LEU C 3 23.46 16.35 -42.75
C LEU C 3 23.44 14.85 -43.03
N ARG C 4 24.06 14.07 -42.16
CA ARG C 4 24.09 12.63 -42.31
C ARG C 4 23.94 12.00 -40.93
N LYS C 5 23.24 10.87 -40.87
CA LYS C 5 23.07 10.19 -39.60
C LYS C 5 24.46 9.64 -39.28
N MET C 6 24.98 9.97 -38.11
CA MET C 6 26.29 9.49 -37.75
C MET C 6 26.24 8.61 -36.51
N ALA C 7 27.37 8.00 -36.20
CA ALA C 7 27.48 7.16 -35.02
C ALA C 7 28.76 7.59 -34.30
N GLN C 8 28.78 7.43 -32.98
CA GLN C 8 29.96 7.78 -32.22
C GLN C 8 30.96 6.64 -32.40
N PRO C 9 32.27 6.93 -32.36
CA PRO C 9 33.31 5.91 -32.51
C PRO C 9 33.01 4.65 -31.69
N SER C 10 33.33 3.48 -32.24
CA SER C 10 33.05 2.20 -31.59
C SER C 10 34.23 1.52 -30.88
N GLY C 11 35.41 2.13 -30.93
CA GLY C 11 36.60 1.57 -30.32
C GLY C 11 36.48 0.97 -28.93
N LEU C 12 35.85 1.68 -28.01
CA LEU C 12 35.69 1.18 -26.67
C LEU C 12 34.82 -0.07 -26.57
N VAL C 13 33.98 -0.32 -27.57
CA VAL C 13 33.09 -1.48 -27.53
C VAL C 13 33.56 -2.73 -28.24
N GLU C 14 34.14 -2.57 -29.42
CA GLU C 14 34.62 -3.69 -30.24
C GLU C 14 35.31 -4.80 -29.43
N PRO C 15 36.20 -4.45 -28.48
CA PRO C 15 36.89 -5.47 -27.68
C PRO C 15 36.03 -6.26 -26.70
N CYS C 16 34.78 -5.85 -26.51
CA CYS C 16 33.88 -6.54 -25.59
C CYS C 16 32.93 -7.50 -26.30
N ILE C 17 32.93 -7.46 -27.62
CA ILE C 17 32.07 -8.33 -28.38
C ILE C 17 32.66 -9.73 -28.48
N VAL C 18 31.84 -10.74 -28.22
CA VAL C 18 32.27 -12.13 -28.31
C VAL C 18 31.20 -13.00 -28.94
N ARG C 19 31.60 -14.17 -29.40
CA ARG C 19 30.70 -15.13 -30.02
C ARG C 19 30.12 -16.03 -28.94
N VAL C 20 28.80 -16.21 -28.95
CA VAL C 20 28.15 -17.06 -27.95
C VAL C 20 27.24 -18.07 -28.64
N SER C 21 27.50 -19.35 -28.38
CA SER C 21 26.68 -20.39 -28.97
C SER C 21 26.26 -21.43 -27.95
N TYR C 22 25.15 -22.08 -28.26
CA TYR C 22 24.58 -23.12 -27.42
C TYR C 22 23.71 -23.92 -28.37
N GLY C 23 24.00 -25.22 -28.51
CA GLY C 23 23.22 -26.03 -29.43
C GLY C 23 23.42 -25.49 -30.84
N ASN C 24 22.34 -25.17 -31.52
CA ASN C 24 22.43 -24.65 -32.88
C ASN C 24 22.32 -23.14 -32.91
N ASN C 25 22.22 -22.51 -31.75
CA ASN C 25 22.11 -21.06 -31.69
C ASN C 25 23.45 -20.36 -31.58
N VAL C 26 23.67 -19.42 -32.49
CA VAL C 26 24.90 -18.64 -32.49
C VAL C 26 24.57 -17.17 -32.59
N LEU C 27 24.94 -16.40 -31.56
CA LEU C 27 24.69 -14.97 -31.57
C LEU C 27 25.82 -14.23 -30.86
N ASN C 28 25.61 -12.94 -30.62
CA ASN C 28 26.63 -12.09 -29.99
C ASN C 28 26.39 -11.84 -28.51
N GLY C 29 27.49 -11.68 -27.77
CA GLY C 29 27.41 -11.39 -26.35
C GLY C 29 28.36 -10.26 -26.00
N LEU C 30 28.16 -9.65 -24.84
CA LEU C 30 29.01 -8.55 -24.40
C LEU C 30 29.81 -8.98 -23.17
N TRP C 31 31.12 -9.08 -23.36
CA TRP C 31 32.05 -9.50 -22.32
C TRP C 31 32.58 -8.32 -21.51
N LEU C 32 32.10 -8.20 -20.27
CA LEU C 32 32.51 -7.14 -19.36
C LEU C 32 32.98 -7.79 -18.05
N GLY C 33 34.16 -7.41 -17.58
CA GLY C 33 34.69 -7.99 -16.36
C GLY C 33 34.78 -9.50 -16.53
N ASP C 34 34.15 -10.25 -15.64
CA ASP C 34 34.15 -11.70 -15.73
C ASP C 34 32.73 -12.18 -16.09
N GLU C 35 31.98 -11.30 -16.75
CA GLU C 35 30.62 -11.64 -17.17
C GLU C 35 30.39 -11.45 -18.67
N VAL C 36 29.49 -12.27 -19.22
CA VAL C 36 29.13 -12.20 -20.61
C VAL C 36 27.61 -12.12 -20.67
N ILE C 37 27.09 -11.07 -21.31
CA ILE C 37 25.66 -10.87 -21.43
C ILE C 37 25.20 -11.05 -22.88
N CYS C 38 24.11 -11.79 -23.06
CA CYS C 38 23.57 -12.04 -24.39
C CYS C 38 22.10 -12.34 -24.24
N PRO C 39 21.34 -12.32 -25.36
CA PRO C 39 19.91 -12.62 -25.29
C PRO C 39 19.76 -14.02 -24.73
N ARG C 40 18.89 -14.20 -23.73
CA ARG C 40 18.71 -15.53 -23.15
C ARG C 40 18.09 -16.56 -24.10
N HIS C 41 17.51 -16.12 -25.21
CA HIS C 41 16.89 -17.07 -26.13
C HIS C 41 17.92 -17.97 -26.81
N VAL C 42 19.20 -17.73 -26.53
CA VAL C 42 20.27 -18.53 -27.11
C VAL C 42 20.25 -19.97 -26.59
N ILE C 43 19.70 -20.19 -25.38
CA ILE C 43 19.68 -21.54 -24.86
C ILE C 43 18.40 -22.31 -25.17
N ALA C 44 17.48 -21.68 -25.90
CA ALA C 44 16.23 -22.32 -26.26
C ALA C 44 16.42 -23.23 -27.48
N SER C 45 16.07 -24.50 -27.32
CA SER C 45 16.22 -25.49 -28.38
C SER C 45 15.24 -25.29 -29.54
N ASP C 46 14.08 -24.72 -29.27
CA ASP C 46 13.08 -24.47 -30.30
C ASP C 46 12.57 -23.04 -30.13
N THR C 47 12.94 -22.17 -31.05
CA THR C 47 12.51 -20.77 -30.97
C THR C 47 11.32 -20.47 -31.87
N THR C 48 10.62 -21.51 -32.33
CA THR C 48 9.46 -21.33 -33.18
C THR C 48 8.18 -21.45 -32.36
N ARG C 49 8.31 -22.05 -31.18
CA ARG C 49 7.17 -22.25 -30.28
C ARG C 49 7.41 -21.57 -28.94
N VAL C 50 6.34 -21.42 -28.16
CA VAL C 50 6.47 -20.80 -26.84
C VAL C 50 7.68 -21.40 -26.13
N ILE C 51 8.42 -20.57 -25.41
CA ILE C 51 9.61 -21.04 -24.72
C ILE C 51 9.42 -20.96 -23.21
N ASN C 52 9.70 -22.05 -22.53
CA ASN C 52 9.58 -22.09 -21.08
C ASN C 52 11.01 -21.87 -20.59
N TYR C 53 11.38 -20.61 -20.35
CA TYR C 53 12.74 -20.31 -19.91
C TYR C 53 13.13 -20.94 -18.61
N GLU C 54 12.15 -21.16 -17.74
CA GLU C 54 12.44 -21.78 -16.46
C GLU C 54 12.92 -23.21 -16.68
N ASN C 55 12.30 -23.91 -17.63
CA ASN C 55 12.70 -25.29 -17.92
C ASN C 55 13.98 -25.37 -18.73
N GLU C 56 14.22 -24.36 -19.58
CA GLU C 56 15.44 -24.34 -20.38
C GLU C 56 16.64 -24.13 -19.46
N MET C 57 16.44 -23.31 -18.42
CA MET C 57 17.50 -23.03 -17.45
C MET C 57 17.84 -24.28 -16.63
N SER C 58 16.82 -25.03 -16.24
CA SER C 58 17.04 -26.24 -15.45
C SER C 58 17.78 -27.32 -16.24
N SER C 59 17.58 -27.33 -17.55
CA SER C 59 18.20 -28.34 -18.41
C SER C 59 19.48 -27.87 -19.05
N VAL C 60 19.90 -26.65 -18.74
CA VAL C 60 21.12 -26.12 -19.34
C VAL C 60 22.36 -26.85 -18.83
N ARG C 61 23.26 -27.14 -19.77
CA ARG C 61 24.51 -27.80 -19.45
C ARG C 61 25.60 -26.77 -19.73
N LEU C 62 26.23 -26.26 -18.67
CA LEU C 62 27.25 -25.24 -18.80
C LEU C 62 28.31 -25.55 -19.84
N HIS C 63 28.71 -26.83 -19.94
CA HIS C 63 29.73 -27.23 -20.89
C HIS C 63 29.27 -27.11 -22.34
N ASN C 64 27.97 -26.98 -22.58
CA ASN C 64 27.49 -26.86 -23.95
C ASN C 64 27.60 -25.44 -24.52
N PHE C 65 27.86 -24.45 -23.67
CA PHE C 65 28.03 -23.09 -24.15
C PHE C 65 29.39 -23.00 -24.84
N SER C 66 29.51 -22.06 -25.76
CA SER C 66 30.77 -21.86 -26.46
C SER C 66 30.98 -20.36 -26.61
N VAL C 67 31.70 -19.77 -25.65
CA VAL C 67 31.98 -18.34 -25.66
C VAL C 67 33.41 -18.10 -26.12
N SER C 68 33.57 -17.29 -27.15
CA SER C 68 34.90 -17.02 -27.67
C SER C 68 35.07 -15.62 -28.21
N LYS C 69 36.31 -15.15 -28.22
CA LYS C 69 36.65 -13.83 -28.73
C LYS C 69 37.75 -14.10 -29.73
N ASN C 70 37.43 -13.99 -31.01
CA ASN C 70 38.42 -14.25 -32.06
C ASN C 70 38.83 -15.72 -31.95
N ASN C 71 40.13 -15.97 -31.78
CA ASN C 71 40.58 -17.35 -31.67
C ASN C 71 40.99 -17.67 -30.23
N VAL C 72 40.04 -17.46 -29.32
CA VAL C 72 40.27 -17.70 -27.91
C VAL C 72 38.94 -18.01 -27.22
N PHE C 73 38.89 -19.15 -26.53
CA PHE C 73 37.66 -19.54 -25.86
C PHE C 73 37.66 -19.13 -24.40
N LEU C 74 36.48 -19.14 -23.79
CA LEU C 74 36.32 -18.78 -22.40
C LEU C 74 35.46 -19.88 -21.80
N GLY C 75 35.71 -20.21 -20.53
CA GLY C 75 34.92 -21.23 -19.89
C GLY C 75 33.76 -20.66 -19.10
N VAL C 76 32.59 -21.26 -19.25
CA VAL C 76 31.41 -20.81 -18.53
C VAL C 76 31.36 -21.57 -17.19
N VAL C 77 31.29 -20.83 -16.09
CA VAL C 77 31.27 -21.45 -14.78
C VAL C 77 29.90 -21.28 -14.11
N SER C 78 29.20 -20.22 -14.49
CA SER C 78 27.90 -19.92 -13.91
C SER C 78 26.95 -19.32 -14.95
N ALA C 79 25.64 -19.54 -14.77
CA ALA C 79 24.66 -19.01 -15.70
C ALA C 79 23.36 -18.63 -14.98
N ARG C 80 22.86 -17.44 -15.28
CA ARG C 80 21.62 -16.97 -14.68
C ARG C 80 20.88 -16.05 -15.64
N TYR C 81 19.63 -15.75 -15.29
CA TYR C 81 18.80 -14.86 -16.08
C TYR C 81 18.74 -13.54 -15.36
N LYS C 82 18.81 -12.46 -16.13
CA LYS C 82 18.65 -11.14 -15.56
C LYS C 82 17.65 -10.51 -16.53
N GLY C 83 16.37 -10.64 -16.20
CA GLY C 83 15.35 -10.14 -17.09
C GLY C 83 15.40 -11.05 -18.30
N VAL C 84 15.42 -10.48 -19.50
CA VAL C 84 15.45 -11.29 -20.71
C VAL C 84 16.88 -11.53 -21.20
N ASN C 85 17.87 -11.16 -20.39
CA ASN C 85 19.27 -11.35 -20.74
C ASN C 85 19.88 -12.50 -19.98
N LEU C 86 20.71 -13.27 -20.67
CA LEU C 86 21.40 -14.38 -20.05
C LEU C 86 22.74 -13.82 -19.58
N VAL C 87 23.07 -14.05 -18.30
CA VAL C 87 24.34 -13.58 -17.75
C VAL C 87 25.20 -14.78 -17.40
N LEU C 88 26.34 -14.90 -18.09
CA LEU C 88 27.24 -16.00 -17.86
C LEU C 88 28.49 -15.55 -17.15
N LYS C 89 28.93 -16.35 -16.16
CA LYS C 89 30.17 -16.07 -15.44
C LYS C 89 31.22 -16.87 -16.20
N VAL C 90 32.34 -16.24 -16.52
CA VAL C 90 33.40 -16.94 -17.26
C VAL C 90 34.69 -17.02 -16.44
N ASN C 91 35.57 -17.95 -16.81
CA ASN C 91 36.84 -18.14 -16.10
C ASN C 91 37.92 -17.17 -16.48
N GLN C 92 37.54 -15.99 -16.96
CA GLN C 92 38.52 -15.00 -17.36
C GLN C 92 37.91 -13.61 -17.41
N VAL C 93 38.63 -12.66 -16.82
CA VAL C 93 38.21 -11.27 -16.80
C VAL C 93 38.66 -10.63 -18.12
N ASN C 94 37.77 -9.82 -18.71
CA ASN C 94 38.06 -9.14 -19.96
C ASN C 94 39.12 -8.06 -19.69
N PRO C 95 40.33 -8.24 -20.21
CA PRO C 95 41.41 -7.27 -20.01
C PRO C 95 41.11 -5.90 -20.62
N ASN C 96 40.16 -5.86 -21.54
CA ASN C 96 39.82 -4.60 -22.20
C ASN C 96 38.49 -4.01 -21.79
N THR C 97 38.00 -4.40 -20.61
CA THR C 97 36.74 -3.86 -20.14
C THR C 97 36.94 -2.37 -19.95
N PRO C 98 36.18 -1.53 -20.69
CA PRO C 98 36.34 -0.09 -20.53
C PRO C 98 35.50 0.39 -19.36
N GLU C 99 35.81 1.58 -18.84
CA GLU C 99 35.02 2.15 -17.76
C GLU C 99 33.67 2.36 -18.43
N HIS C 100 32.59 2.06 -17.74
CA HIS C 100 31.28 2.21 -18.37
C HIS C 100 30.14 2.23 -17.37
N LYS C 101 28.96 2.62 -17.87
CA LYS C 101 27.76 2.69 -17.07
C LYS C 101 26.59 2.13 -17.88
N PHE C 102 25.44 1.97 -17.22
CA PHE C 102 24.28 1.45 -17.91
C PHE C 102 23.11 2.40 -17.72
N LYS C 103 22.30 2.55 -18.75
CA LYS C 103 21.13 3.42 -18.68
C LYS C 103 20.19 3.07 -19.82
N SER C 104 18.96 3.56 -19.72
CA SER C 104 17.96 3.29 -20.75
C SER C 104 17.73 4.47 -21.68
N ILE C 105 17.49 4.19 -22.94
CA ILE C 105 17.22 5.22 -23.94
C ILE C 105 15.70 5.47 -23.91
N LYS C 106 15.28 6.72 -24.12
CA LYS C 106 13.85 7.07 -24.14
C LYS C 106 13.44 7.39 -25.58
N ALA C 107 12.13 7.35 -25.83
CA ALA C 107 11.61 7.65 -27.16
C ALA C 107 12.16 8.98 -27.67
N GLY C 108 12.54 9.00 -28.94
CA GLY C 108 13.06 10.22 -29.54
C GLY C 108 14.55 10.42 -29.41
N GLU C 109 15.20 9.66 -28.53
CA GLU C 109 16.63 9.80 -28.32
C GLU C 109 17.42 8.89 -29.25
N SER C 110 18.60 9.36 -29.64
CA SER C 110 19.46 8.60 -30.53
C SER C 110 20.52 7.85 -29.75
N PHE C 111 21.04 6.80 -30.36
CA PHE C 111 22.12 6.01 -29.79
C PHE C 111 22.82 5.29 -30.93
N ASN C 112 23.93 4.61 -30.61
CA ASN C 112 24.72 3.94 -31.64
C ASN C 112 24.58 2.44 -31.60
N ILE C 113 24.69 1.81 -32.77
CA ILE C 113 24.62 0.37 -32.84
C ILE C 113 25.86 -0.22 -33.48
N LEU C 114 26.44 -1.20 -32.80
CA LEU C 114 27.60 -1.91 -33.31
C LEU C 114 26.99 -3.26 -33.68
N ALA C 115 26.73 -3.46 -34.96
CA ALA C 115 26.17 -4.71 -35.44
C ALA C 115 27.30 -5.69 -35.65
N CYS C 116 27.16 -6.88 -35.06
CA CYS C 116 28.20 -7.89 -35.17
C CYS C 116 27.62 -9.17 -35.72
N TYR C 117 28.46 -9.91 -36.44
CA TYR C 117 28.05 -11.19 -37.00
C TYR C 117 28.90 -12.26 -36.33
N GLU C 118 28.25 -13.08 -35.51
CA GLU C 118 28.93 -14.16 -34.79
C GLU C 118 30.21 -13.74 -34.07
N GLY C 119 30.07 -12.81 -33.13
CA GLY C 119 31.21 -12.34 -32.36
C GLY C 119 32.12 -11.36 -33.06
N CYS C 120 31.88 -11.14 -34.36
CA CYS C 120 32.71 -10.23 -35.13
C CYS C 120 32.04 -8.89 -35.44
N PRO C 121 32.56 -7.79 -34.86
CA PRO C 121 32.00 -6.45 -35.11
C PRO C 121 32.04 -6.22 -36.62
N GLY C 122 30.90 -5.90 -37.22
CA GLY C 122 30.86 -5.70 -38.66
C GLY C 122 30.63 -4.28 -39.14
N SER C 123 29.70 -3.57 -38.52
CA SER C 123 29.41 -2.20 -38.91
C SER C 123 28.84 -1.36 -37.77
N VAL C 124 28.95 -0.04 -37.88
CA VAL C 124 28.46 0.85 -36.85
C VAL C 124 27.60 1.94 -37.46
N TYR C 125 26.47 2.23 -36.82
CA TYR C 125 25.56 3.25 -37.32
C TYR C 125 24.63 3.76 -36.24
N GLY C 126 24.11 4.96 -36.45
CA GLY C 126 23.22 5.56 -35.47
C GLY C 126 21.76 5.27 -35.74
N VAL C 127 20.98 5.19 -34.67
CA VAL C 127 19.55 4.94 -34.77
C VAL C 127 18.80 5.90 -33.85
N ASN C 128 17.48 5.82 -33.91
CA ASN C 128 16.66 6.68 -33.08
C ASN C 128 15.51 5.85 -32.52
N MET C 129 15.35 5.91 -31.20
CA MET C 129 14.31 5.16 -30.49
C MET C 129 12.90 5.64 -30.81
N ARG C 130 12.09 4.75 -31.40
CA ARG C 130 10.72 5.07 -31.75
C ARG C 130 9.84 5.12 -30.50
N SER C 131 8.66 5.73 -30.61
CA SER C 131 7.73 5.87 -29.50
C SER C 131 7.34 4.60 -28.76
N GLN C 132 7.28 3.46 -29.46
CA GLN C 132 6.87 2.22 -28.81
C GLN C 132 8.02 1.34 -28.31
N GLY C 133 9.23 1.88 -28.34
CA GLY C 133 10.38 1.14 -27.83
C GLY C 133 11.07 0.23 -28.84
N THR C 134 10.95 0.56 -30.12
CA THR C 134 11.59 -0.23 -31.16
C THR C 134 12.53 0.70 -31.91
N ILE C 135 13.25 0.13 -32.87
CA ILE C 135 14.13 0.92 -33.70
C ILE C 135 14.09 0.28 -35.08
N LYS C 136 14.37 1.07 -36.11
CA LYS C 136 14.41 0.55 -37.45
C LYS C 136 15.89 0.29 -37.64
N GLY C 137 16.30 -0.91 -37.28
CA GLY C 137 17.69 -1.28 -37.40
C GLY C 137 17.92 -1.95 -38.73
N SER C 138 19.09 -2.51 -38.92
CA SER C 138 19.40 -3.19 -40.17
C SER C 138 19.96 -4.55 -39.84
N PHE C 139 19.53 -5.10 -38.71
CA PHE C 139 20.00 -6.40 -38.25
C PHE C 139 19.54 -7.56 -39.12
N ILE C 140 20.49 -8.28 -39.70
CA ILE C 140 20.13 -9.44 -40.50
C ILE C 140 20.55 -10.68 -39.70
N ALA C 141 20.10 -11.85 -40.15
CA ALA C 141 20.42 -13.09 -39.46
C ALA C 141 21.85 -13.10 -38.92
N GLY C 142 22.00 -13.49 -37.66
CA GLY C 142 23.31 -13.55 -37.06
C GLY C 142 23.74 -12.31 -36.28
N THR C 143 22.88 -11.29 -36.24
CA THR C 143 23.23 -10.07 -35.52
C THR C 143 22.59 -9.97 -34.13
N CYS C 144 21.82 -10.98 -33.75
CA CYS C 144 21.19 -10.97 -32.42
C CYS C 144 22.30 -10.75 -31.41
N GLY C 145 22.00 -9.97 -30.38
CA GLY C 145 23.01 -9.70 -29.38
C GLY C 145 23.82 -8.44 -29.70
N SER C 146 23.65 -7.88 -30.89
CA SER C 146 24.39 -6.66 -31.23
C SER C 146 24.12 -5.62 -30.15
N VAL C 147 25.11 -4.78 -29.88
CA VAL C 147 25.02 -3.79 -28.81
C VAL C 147 24.81 -2.34 -29.22
N GLY C 148 23.96 -1.65 -28.46
CA GLY C 148 23.71 -0.24 -28.70
C GLY C 148 24.43 0.50 -27.58
N TYR C 149 24.90 1.71 -27.85
CA TYR C 149 25.62 2.47 -26.84
C TYR C 149 25.65 3.98 -27.09
N VAL C 150 25.92 4.75 -26.04
CA VAL C 150 26.02 6.20 -26.16
C VAL C 150 27.19 6.73 -25.36
N LEU C 151 27.85 7.74 -25.90
CA LEU C 151 28.98 8.37 -25.21
C LEU C 151 28.47 9.74 -24.82
N GLU C 152 28.37 9.98 -23.52
CA GLU C 152 27.89 11.26 -22.99
C GLU C 152 28.80 11.79 -21.91
N ASN C 153 29.24 13.05 -22.08
CA ASN C 153 30.11 13.70 -21.11
C ASN C 153 31.28 12.83 -20.69
N GLY C 154 31.98 12.27 -21.66
CA GLY C 154 33.13 11.44 -21.36
C GLY C 154 32.89 10.03 -20.84
N ILE C 155 31.64 9.63 -20.67
CA ILE C 155 31.39 8.27 -20.20
C ILE C 155 30.59 7.41 -21.17
N LEU C 156 31.01 6.16 -21.26
CA LEU C 156 30.40 5.18 -22.13
C LEU C 156 29.22 4.51 -21.45
N TYR C 157 28.05 4.63 -22.05
CA TYR C 157 26.85 4.00 -21.52
C TYR C 157 26.44 2.89 -22.47
N PHE C 158 26.15 1.72 -21.92
CA PHE C 158 25.67 0.61 -22.73
C PHE C 158 24.16 0.73 -22.52
N VAL C 159 23.39 0.68 -23.60
CA VAL C 159 21.95 0.88 -23.50
C VAL C 159 21.05 -0.11 -24.22
N TYR C 160 21.63 -0.95 -25.07
CA TYR C 160 20.79 -1.84 -25.86
C TYR C 160 21.48 -3.11 -26.31
N MET C 161 20.71 -4.18 -26.35
CA MET C 161 21.19 -5.46 -26.85
C MET C 161 20.04 -5.93 -27.73
N HIS C 162 20.36 -6.31 -28.96
CA HIS C 162 19.34 -6.76 -29.88
C HIS C 162 18.82 -8.16 -29.57
N HIS C 163 17.50 -8.31 -29.61
CA HIS C 163 16.84 -9.58 -29.32
C HIS C 163 16.04 -10.18 -30.47
N LEU C 164 15.22 -9.35 -31.11
CA LEU C 164 14.37 -9.88 -32.18
C LEU C 164 13.79 -8.82 -33.12
N GLU C 165 13.04 -9.30 -34.08
CA GLU C 165 12.42 -8.45 -35.08
C GLU C 165 10.93 -8.78 -35.09
N LEU C 166 10.09 -7.74 -35.02
CA LEU C 166 8.65 -7.95 -35.04
C LEU C 166 8.21 -8.28 -36.46
N GLY C 167 6.96 -8.73 -36.61
CA GLY C 167 6.46 -9.08 -37.93
C GLY C 167 6.48 -7.92 -38.91
N ASN C 168 6.42 -6.70 -38.39
CA ASN C 168 6.43 -5.53 -39.27
C ASN C 168 7.83 -5.00 -39.60
N GLY C 169 8.87 -5.72 -39.20
CA GLY C 169 10.22 -5.28 -39.50
C GLY C 169 10.92 -4.52 -38.39
N SER C 170 10.17 -3.97 -37.44
CA SER C 170 10.79 -3.24 -36.34
C SER C 170 11.66 -4.14 -35.45
N HIS C 171 12.73 -3.57 -34.90
CA HIS C 171 13.62 -4.34 -34.06
C HIS C 171 13.43 -4.10 -32.57
N VAL C 172 13.45 -5.20 -31.82
CA VAL C 172 13.25 -5.19 -30.40
C VAL C 172 14.48 -5.66 -29.63
N GLY C 173 14.88 -4.89 -28.63
CA GLY C 173 16.03 -5.23 -27.82
C GLY C 173 15.77 -4.84 -26.37
N SER C 174 16.76 -5.05 -25.50
CA SER C 174 16.59 -4.73 -24.08
C SER C 174 17.72 -3.85 -23.54
N ASN C 175 17.56 -3.41 -22.31
CA ASN C 175 18.59 -2.63 -21.66
C ASN C 175 19.38 -3.67 -20.86
N PHE C 176 20.47 -3.27 -20.21
CA PHE C 176 21.25 -4.26 -19.47
C PHE C 176 20.74 -4.58 -18.07
N GLU C 177 19.53 -4.11 -17.78
CA GLU C 177 18.87 -4.40 -16.52
C GLU C 177 18.04 -5.64 -16.85
N GLY C 178 17.93 -5.92 -18.16
CA GLY C 178 17.18 -7.07 -18.62
C GLY C 178 15.73 -6.74 -18.97
N GLU C 179 15.41 -5.45 -18.99
CA GLU C 179 14.05 -5.02 -19.33
C GLU C 179 13.97 -4.75 -20.83
N MET C 180 13.05 -5.44 -21.49
CA MET C 180 12.88 -5.28 -22.93
C MET C 180 12.21 -3.94 -23.25
N TYR C 181 12.76 -3.18 -24.19
CA TYR C 181 12.14 -1.91 -24.55
C TYR C 181 10.73 -2.19 -25.10
N GLY C 182 9.80 -1.28 -24.86
CA GLY C 182 8.45 -1.46 -25.33
C GLY C 182 7.73 -2.55 -24.58
N GLY C 183 8.46 -3.26 -23.71
CA GLY C 183 7.86 -4.33 -22.93
C GLY C 183 7.52 -5.58 -23.72
N TYR C 184 8.16 -5.78 -24.87
CA TYR C 184 7.90 -6.98 -25.66
C TYR C 184 8.50 -8.21 -24.96
N GLU C 185 7.92 -9.38 -25.23
CA GLU C 185 8.40 -10.61 -24.63
C GLU C 185 9.38 -11.28 -25.59
N ASP C 186 10.30 -12.09 -25.07
CA ASP C 186 11.24 -12.77 -25.95
C ASP C 186 10.68 -14.14 -26.28
N GLN C 187 9.58 -14.11 -27.03
CA GLN C 187 8.88 -15.31 -27.46
C GLN C 187 8.60 -15.15 -28.95
N PRO C 188 8.43 -16.27 -29.67
CA PRO C 188 8.13 -16.17 -31.09
C PRO C 188 6.64 -15.90 -31.25
N SER C 189 6.14 -14.92 -30.50
CA SER C 189 4.74 -14.57 -30.55
C SER C 189 4.55 -13.45 -31.57
N MET C 190 3.31 -13.27 -32.01
CA MET C 190 2.95 -12.26 -33.00
C MET C 190 2.63 -10.91 -32.37
N GLN C 191 3.65 -10.30 -31.79
CA GLN C 191 3.52 -9.03 -31.11
C GLN C 191 3.32 -7.86 -32.06
N LEU C 192 2.59 -6.86 -31.59
CA LEU C 192 2.26 -5.68 -32.37
C LEU C 192 2.89 -4.41 -31.86
N GLU C 193 3.38 -3.59 -32.78
CA GLU C 193 4.01 -2.33 -32.44
C GLU C 193 2.94 -1.24 -32.35
N GLY C 194 2.03 -1.25 -33.31
CA GLY C 194 0.98 -0.24 -33.33
C GLY C 194 1.37 0.99 -34.11
N THR C 195 0.57 2.05 -33.96
CA THR C 195 0.80 3.32 -34.63
C THR C 195 2.04 4.04 -34.11
N ASN C 196 2.97 4.32 -35.00
CA ASN C 196 4.18 5.02 -34.61
C ASN C 196 3.88 6.50 -34.36
N VAL C 197 4.43 7.04 -33.27
CA VAL C 197 4.21 8.45 -32.98
C VAL C 197 5.52 9.22 -33.22
N MET C 198 5.51 10.04 -34.26
CA MET C 198 6.65 10.85 -34.66
C MET C 198 7.09 11.87 -33.62
N SER C 199 8.39 12.05 -33.50
CA SER C 199 8.94 13.02 -32.57
C SER C 199 8.90 14.39 -33.25
N SER C 200 8.06 15.27 -32.74
CA SER C 200 7.94 16.61 -33.31
C SER C 200 9.24 17.40 -33.15
N ASP C 201 9.88 17.23 -32.00
CA ASP C 201 11.15 17.90 -31.70
C ASP C 201 12.17 17.54 -32.77
N ASN C 202 12.25 16.24 -33.07
CA ASN C 202 13.18 15.74 -34.06
C ASN C 202 12.86 16.21 -35.48
N VAL C 203 11.58 16.28 -35.82
CA VAL C 203 11.18 16.76 -37.13
C VAL C 203 11.53 18.24 -37.30
N VAL C 204 11.29 19.04 -36.27
CA VAL C 204 11.64 20.47 -36.36
C VAL C 204 13.16 20.58 -36.57
N ALA C 205 13.92 19.77 -35.86
CA ALA C 205 15.37 19.79 -35.97
C ALA C 205 15.79 19.53 -37.42
N PHE C 206 15.15 18.53 -38.02
CA PHE C 206 15.39 18.11 -39.38
C PHE C 206 15.12 19.25 -40.37
N LEU C 207 14.02 19.96 -40.16
CA LEU C 207 13.68 21.07 -41.04
C LEU C 207 14.72 22.19 -40.89
N TYR C 208 15.18 22.42 -39.67
CA TYR C 208 16.21 23.43 -39.45
C TYR C 208 17.46 22.99 -40.18
N ALA C 209 17.79 21.70 -40.05
CA ALA C 209 18.98 21.16 -40.70
C ALA C 209 18.88 21.44 -42.18
N ALA C 210 17.67 21.28 -42.72
CA ALA C 210 17.43 21.52 -44.13
C ALA C 210 17.60 23.00 -44.47
N LEU C 211 17.11 23.87 -43.61
CA LEU C 211 17.23 25.31 -43.84
C LEU C 211 18.72 25.68 -43.83
N ILE C 212 19.44 25.16 -42.82
CA ILE C 212 20.87 25.42 -42.71
C ILE C 212 21.57 25.03 -44.02
N ASN C 213 21.07 23.97 -44.66
CA ASN C 213 21.66 23.50 -45.91
C ASN C 213 21.07 24.13 -47.17
N GLY C 214 20.42 25.27 -47.01
CA GLY C 214 19.87 25.98 -48.16
C GLY C 214 18.54 25.62 -48.79
N GLU C 215 17.66 24.93 -48.05
CA GLU C 215 16.36 24.60 -48.61
C GLU C 215 15.30 25.34 -47.83
N ARG C 216 14.33 25.92 -48.52
CA ARG C 216 13.28 26.66 -47.82
C ARG C 216 11.94 26.73 -48.54
N TRP C 217 11.71 25.83 -49.50
CA TRP C 217 10.45 25.84 -50.23
C TRP C 217 9.26 25.49 -49.33
N PHE C 218 9.54 24.74 -48.27
CA PHE C 218 8.49 24.32 -47.33
C PHE C 218 8.13 25.41 -46.32
N VAL C 219 8.98 26.42 -46.21
CA VAL C 219 8.74 27.52 -45.29
C VAL C 219 7.76 28.52 -45.92
N THR C 220 6.61 28.71 -45.28
CA THR C 220 5.60 29.65 -45.76
C THR C 220 5.71 30.97 -45.01
N ASN C 221 4.73 31.85 -45.21
CA ASN C 221 4.74 33.14 -44.53
C ASN C 221 3.66 33.07 -43.47
N THR C 222 3.46 31.87 -42.92
CA THR C 222 2.46 31.65 -41.90
C THR C 222 3.01 30.81 -40.76
N SER C 223 2.59 31.13 -39.55
CA SER C 223 3.02 30.41 -38.37
C SER C 223 1.86 29.74 -37.67
N MET C 224 2.17 28.75 -36.84
CA MET C 224 1.17 28.04 -36.07
C MET C 224 1.65 28.05 -34.63
N SER C 225 0.78 28.50 -33.73
CA SER C 225 1.13 28.58 -32.31
C SER C 225 1.41 27.22 -31.71
N LEU C 226 2.25 27.20 -30.70
CA LEU C 226 2.61 25.97 -30.01
C LEU C 226 1.37 25.18 -29.59
N GLU C 227 0.40 25.86 -28.97
CA GLU C 227 -0.82 25.18 -28.52
C GLU C 227 -1.61 24.61 -29.69
N SER C 228 -1.74 25.39 -30.75
CA SER C 228 -2.48 24.93 -31.92
C SER C 228 -1.82 23.67 -32.46
N TYR C 229 -0.49 23.71 -32.55
CA TYR C 229 0.25 22.56 -33.06
C TYR C 229 0.14 21.34 -32.13
N ASN C 230 0.27 21.57 -30.82
CA ASN C 230 0.18 20.43 -29.90
C ASN C 230 -1.20 19.77 -29.97
N THR C 231 -2.24 20.56 -30.19
CA THR C 231 -3.58 20.03 -30.29
C THR C 231 -3.66 19.17 -31.54
N TRP C 232 -3.15 19.71 -32.65
CA TRP C 232 -3.16 19.01 -33.92
C TRP C 232 -2.38 17.69 -33.85
N ALA C 233 -1.28 17.70 -33.10
CA ALA C 233 -0.44 16.52 -32.95
C ALA C 233 -1.18 15.27 -32.44
N LYS C 234 -2.06 15.46 -31.45
CA LYS C 234 -2.83 14.36 -30.85
C LYS C 234 -3.60 13.50 -31.84
N THR C 235 -4.08 14.09 -32.92
CA THR C 235 -4.85 13.36 -33.91
C THR C 235 -4.05 13.12 -35.19
N ASN C 236 -2.73 13.31 -35.13
CA ASN C 236 -1.89 13.12 -36.32
C ASN C 236 -0.62 12.31 -36.10
N SER C 237 -0.52 11.63 -34.97
CA SER C 237 0.62 10.79 -34.64
C SER C 237 1.96 11.53 -34.48
N PHE C 238 1.92 12.64 -33.77
CA PHE C 238 3.12 13.42 -33.49
C PHE C 238 3.13 13.70 -32.00
N THR C 239 4.31 13.84 -31.42
CA THR C 239 4.39 14.15 -30.01
C THR C 239 4.16 15.64 -29.84
N GLU C 240 4.02 16.07 -28.59
CA GLU C 240 3.84 17.48 -28.32
C GLU C 240 5.21 18.12 -28.37
N LEU C 241 5.29 19.32 -28.94
CA LEU C 241 6.56 20.02 -29.01
C LEU C 241 6.88 20.45 -27.58
N SER C 242 8.02 20.00 -27.07
CA SER C 242 8.47 20.31 -25.72
C SER C 242 8.36 21.80 -25.40
N SER C 243 9.22 22.58 -26.06
CA SER C 243 9.27 24.02 -25.89
C SER C 243 10.11 24.56 -27.05
N THR C 244 9.86 25.81 -27.41
CA THR C 244 10.58 26.45 -28.51
C THR C 244 11.97 26.93 -28.11
N ASP C 245 12.11 27.37 -26.87
CA ASP C 245 13.40 27.88 -26.38
C ASP C 245 14.52 26.89 -26.71
N ALA C 246 14.19 25.61 -26.82
CA ALA C 246 15.17 24.57 -27.11
C ALA C 246 15.76 24.66 -28.52
N PHE C 247 15.16 25.49 -29.38
CA PHE C 247 15.64 25.66 -30.74
C PHE C 247 16.19 27.06 -30.96
N SER C 248 16.37 27.81 -29.87
CA SER C 248 16.86 29.18 -29.94
C SER C 248 18.06 29.37 -30.86
N MET C 249 19.09 28.56 -30.68
CA MET C 249 20.28 28.70 -31.52
C MET C 249 19.91 28.50 -33.00
N LEU C 250 19.19 27.42 -33.28
CA LEU C 250 18.79 27.10 -34.65
C LEU C 250 17.88 28.17 -35.26
N ALA C 251 16.91 28.63 -34.48
CA ALA C 251 15.99 29.66 -34.96
C ALA C 251 16.76 30.94 -35.26
N ALA C 252 17.72 31.28 -34.41
CA ALA C 252 18.53 32.49 -34.60
C ALA C 252 19.40 32.38 -35.86
N LYS C 253 20.05 31.24 -36.05
CA LYS C 253 20.93 31.05 -37.20
C LYS C 253 20.18 31.11 -38.52
N THR C 254 18.99 30.55 -38.57
CA THR C 254 18.20 30.51 -39.80
C THR C 254 17.18 31.63 -39.94
N GLY C 255 16.89 32.33 -38.85
CA GLY C 255 15.91 33.39 -38.92
C GLY C 255 14.50 32.84 -39.03
N GLN C 256 14.35 31.54 -38.83
CA GLN C 256 13.03 30.91 -38.89
C GLN C 256 12.62 30.44 -37.50
N SER C 257 11.58 31.07 -36.96
CA SER C 257 11.11 30.71 -35.62
C SER C 257 10.49 29.32 -35.65
N VAL C 258 10.45 28.67 -34.50
CA VAL C 258 9.88 27.35 -34.40
C VAL C 258 8.46 27.27 -34.94
N GLU C 259 7.61 28.21 -34.53
CA GLU C 259 6.21 28.22 -34.97
C GLU C 259 6.12 28.27 -36.48
N LYS C 260 7.19 28.71 -37.12
CA LYS C 260 7.22 28.78 -38.57
C LYS C 260 7.29 27.35 -39.12
N LEU C 261 8.15 26.53 -38.50
CA LEU C 261 8.31 25.14 -38.94
C LEU C 261 7.13 24.26 -38.51
N LEU C 262 6.46 24.63 -37.42
CA LEU C 262 5.32 23.84 -36.98
C LEU C 262 4.27 23.89 -38.08
N ASP C 263 4.03 25.09 -38.61
CA ASP C 263 3.05 25.25 -39.67
C ASP C 263 3.49 24.43 -40.90
N SER C 264 4.79 24.40 -41.18
CA SER C 264 5.34 23.64 -42.30
C SER C 264 5.06 22.14 -42.11
N ILE C 265 5.28 21.66 -40.88
CA ILE C 265 5.04 20.26 -40.57
C ILE C 265 3.60 19.87 -40.91
N VAL C 266 2.63 20.64 -40.44
CA VAL C 266 1.23 20.32 -40.72
C VAL C 266 0.96 20.23 -42.22
N ARG C 267 1.48 21.19 -42.99
CA ARG C 267 1.26 21.18 -44.43
C ARG C 267 2.00 20.04 -45.13
N LEU C 268 3.27 19.82 -44.75
CA LEU C 268 4.07 18.75 -45.36
C LEU C 268 3.52 17.38 -45.02
N ASN C 269 3.03 17.23 -43.80
CA ASN C 269 2.47 15.96 -43.35
C ASN C 269 1.36 15.54 -44.31
N LYS C 270 0.77 16.52 -44.97
CA LYS C 270 -0.30 16.26 -45.92
C LYS C 270 0.29 15.74 -47.23
N GLY C 271 1.50 16.21 -47.56
CA GLY C 271 2.16 15.78 -48.77
C GLY C 271 3.26 16.75 -49.19
N PHE C 272 4.26 16.25 -49.90
CA PHE C 272 5.36 17.11 -50.35
C PHE C 272 5.09 17.68 -51.73
N GLY C 273 4.03 17.20 -52.36
CA GLY C 273 3.70 17.70 -53.70
C GLY C 273 4.82 17.45 -54.69
N GLY C 274 5.50 16.31 -54.55
CA GLY C 274 6.57 15.99 -55.47
C GLY C 274 7.95 16.60 -55.19
N ARG C 275 8.03 17.56 -54.27
CA ARG C 275 9.34 18.15 -53.96
C ARG C 275 10.01 17.37 -52.84
N THR C 276 11.30 17.63 -52.62
CA THR C 276 12.04 16.94 -51.57
C THR C 276 12.70 17.89 -50.58
N ILE C 277 13.11 17.32 -49.45
CA ILE C 277 13.80 18.08 -48.41
C ILE C 277 15.02 17.22 -48.08
N LEU C 278 16.21 17.77 -48.34
CA LEU C 278 17.43 17.01 -48.11
C LEU C 278 17.27 15.68 -48.84
N SER C 279 16.54 15.73 -49.95
CA SER C 279 16.29 14.57 -50.81
C SER C 279 15.27 13.55 -50.29
N TYR C 280 14.78 13.72 -49.06
CA TYR C 280 13.77 12.80 -48.53
C TYR C 280 12.39 13.21 -49.07
N GLY C 281 11.48 12.24 -49.14
CA GLY C 281 10.15 12.51 -49.65
C GLY C 281 9.08 12.55 -48.58
N SER C 282 9.52 12.44 -47.32
CA SER C 282 8.61 12.48 -46.17
C SER C 282 9.37 13.07 -44.99
N LEU C 283 8.65 13.49 -43.97
CA LEU C 283 9.28 14.08 -42.79
C LEU C 283 10.17 13.04 -42.12
N CYS C 284 11.28 13.49 -41.54
CA CYS C 284 12.22 12.59 -40.86
C CYS C 284 12.39 12.95 -39.39
N ASP C 285 12.20 11.98 -38.50
CA ASP C 285 12.35 12.25 -37.08
C ASP C 285 13.50 11.45 -36.46
N GLU C 286 14.51 11.15 -37.26
CA GLU C 286 15.68 10.39 -36.82
C GLU C 286 16.75 11.24 -36.14
N PHE C 287 16.72 12.55 -36.34
CA PHE C 287 17.73 13.43 -35.74
C PHE C 287 17.19 14.29 -34.60
N THR C 288 17.92 14.34 -33.50
CA THR C 288 17.52 15.15 -32.36
C THR C 288 18.06 16.57 -32.53
N PRO C 289 17.47 17.54 -31.81
CA PRO C 289 17.95 18.93 -31.93
C PRO C 289 19.44 19.00 -31.57
N THR C 290 19.83 18.31 -30.50
CA THR C 290 21.21 18.27 -30.05
C THR C 290 22.07 17.72 -31.20
N GLU C 291 21.61 16.61 -31.76
CA GLU C 291 22.28 15.95 -32.87
C GLU C 291 22.51 16.91 -34.05
N VAL C 292 21.46 17.61 -34.44
CA VAL C 292 21.57 18.56 -35.56
C VAL C 292 22.48 19.75 -35.20
N ILE C 293 22.48 20.16 -33.94
CA ILE C 293 23.29 21.29 -33.52
C ILE C 293 24.78 20.93 -33.44
N ARG C 294 25.09 19.77 -32.87
CA ARG C 294 26.47 19.32 -32.76
C ARG C 294 27.07 19.06 -34.13
N GLN C 295 26.21 18.73 -35.09
CA GLN C 295 26.68 18.44 -36.44
C GLN C 295 26.73 19.67 -37.33
N MET C 296 25.95 20.69 -37.01
CA MET C 296 25.95 21.90 -37.81
C MET C 296 26.85 22.96 -37.18
N TYR C 297 27.08 22.86 -35.87
CA TYR C 297 27.90 23.83 -35.19
C TYR C 297 28.86 23.27 -34.14
N GLY C 298 28.86 21.94 -33.98
CA GLY C 298 29.74 21.32 -33.02
C GLY C 298 29.82 22.05 -31.70
N VAL C 299 28.69 22.56 -31.24
CA VAL C 299 28.61 23.30 -29.99
C VAL C 299 28.81 22.37 -28.79
N ASN C 300 29.21 22.97 -27.67
CA ASN C 300 29.46 22.27 -26.39
C ASN C 300 30.10 20.88 -26.51
N SER D 1 15.26 -3.61 -42.09
CA SER D 1 14.75 -2.32 -42.67
C SER D 1 15.19 -2.16 -44.13
N GLY D 2 15.05 -0.93 -44.63
CA GLY D 2 15.43 -0.65 -46.00
C GLY D 2 16.94 -0.57 -46.20
N LEU D 3 17.40 0.55 -46.73
CA LEU D 3 18.82 0.76 -47.00
C LEU D 3 19.36 1.96 -46.21
N ARG D 4 20.41 1.72 -45.44
CA ARG D 4 21.03 2.75 -44.63
C ARG D 4 22.55 2.74 -44.75
N LYS D 5 23.15 3.93 -44.77
CA LYS D 5 24.60 4.03 -44.86
C LYS D 5 25.22 3.57 -43.56
N MET D 6 26.21 2.69 -43.67
CA MET D 6 26.90 2.19 -42.49
C MET D 6 28.39 2.45 -42.61
N ALA D 7 29.09 2.24 -41.50
CA ALA D 7 30.53 2.44 -41.46
C ALA D 7 31.18 1.19 -40.84
N GLN D 8 32.41 0.93 -41.21
CA GLN D 8 33.15 -0.20 -40.65
C GLN D 8 33.68 0.32 -39.32
N PRO D 9 33.82 -0.59 -38.32
CA PRO D 9 34.33 -0.22 -36.99
C PRO D 9 35.54 0.70 -37.08
N SER D 10 35.64 1.64 -36.15
CA SER D 10 36.72 2.62 -36.15
C SER D 10 37.84 2.37 -35.12
N GLY D 11 37.68 1.34 -34.30
CA GLY D 11 38.67 1.01 -33.27
C GLY D 11 40.16 1.01 -33.63
N LEU D 12 40.50 0.62 -34.86
CA LEU D 12 41.89 0.59 -35.30
C LEU D 12 42.46 1.97 -35.64
N VAL D 13 41.58 2.94 -35.85
CA VAL D 13 42.02 4.29 -36.21
C VAL D 13 42.00 5.30 -35.06
N GLU D 14 41.05 5.15 -34.15
CA GLU D 14 40.89 6.06 -33.03
C GLU D 14 42.18 6.35 -32.28
N PRO D 15 42.97 5.31 -31.99
CA PRO D 15 44.22 5.58 -31.26
C PRO D 15 45.26 6.36 -32.06
N CYS D 16 45.01 6.58 -33.34
CA CYS D 16 45.97 7.32 -34.17
C CYS D 16 45.62 8.78 -34.37
N ILE D 17 44.46 9.19 -33.89
CA ILE D 17 44.05 10.58 -34.06
C ILE D 17 44.65 11.44 -32.95
N VAL D 18 45.29 12.52 -33.37
CA VAL D 18 45.89 13.43 -32.40
C VAL D 18 45.49 14.87 -32.68
N ARG D 19 45.54 15.70 -31.64
CA ARG D 19 45.22 17.10 -31.73
C ARG D 19 46.48 17.85 -32.12
N VAL D 20 46.40 18.57 -33.24
CA VAL D 20 47.53 19.34 -33.72
C VAL D 20 47.17 20.81 -33.75
N SER D 21 47.96 21.61 -33.06
CA SER D 21 47.71 23.04 -32.98
C SER D 21 48.93 23.87 -33.35
N TYR D 22 48.66 25.01 -33.97
CA TYR D 22 49.72 25.94 -34.37
C TYR D 22 49.10 27.33 -34.35
N GLY D 23 49.53 28.16 -33.42
CA GLY D 23 48.99 29.49 -33.32
C GLY D 23 47.50 29.43 -33.05
N ASN D 24 46.71 30.07 -33.90
CA ASN D 24 45.26 30.09 -33.74
C ASN D 24 44.57 28.90 -34.40
N ASN D 25 45.33 28.13 -35.18
CA ASN D 25 44.79 26.97 -35.88
C ASN D 25 44.79 25.69 -35.06
N VAL D 26 43.65 25.00 -35.07
CA VAL D 26 43.51 23.75 -34.32
C VAL D 26 42.78 22.73 -35.17
N LEU D 27 43.45 21.63 -35.51
CA LEU D 27 42.84 20.59 -36.32
C LEU D 27 43.30 19.20 -35.90
N ASN D 28 42.88 18.20 -36.68
CA ASN D 28 43.21 16.82 -36.39
C ASN D 28 44.43 16.33 -37.14
N GLY D 29 45.12 15.36 -36.53
CA GLY D 29 46.30 14.77 -37.15
C GLY D 29 46.24 13.25 -37.06
N LEU D 30 46.97 12.58 -37.95
CA LEU D 30 47.03 11.12 -37.94
C LEU D 30 48.43 10.71 -37.51
N TRP D 31 48.51 10.01 -36.37
CA TRP D 31 49.78 9.58 -35.80
C TRP D 31 50.06 8.09 -36.03
N LEU D 32 51.04 7.82 -36.90
CA LEU D 32 51.45 6.47 -37.25
C LEU D 32 52.96 6.38 -37.06
N GLY D 33 53.39 5.59 -36.09
CA GLY D 33 54.81 5.49 -35.82
C GLY D 33 55.27 6.77 -35.15
N ASP D 34 56.36 7.35 -35.66
CA ASP D 34 56.88 8.59 -35.10
C ASP D 34 56.50 9.79 -35.98
N GLU D 35 55.63 9.54 -36.95
CA GLU D 35 55.18 10.61 -37.84
C GLU D 35 53.73 11.00 -37.55
N VAL D 36 53.42 12.26 -37.81
CA VAL D 36 52.07 12.78 -37.61
C VAL D 36 51.75 13.56 -38.88
N ILE D 37 50.66 13.18 -39.53
CA ILE D 37 50.21 13.82 -40.76
C ILE D 37 48.96 14.66 -40.51
N CYS D 38 48.91 15.86 -41.11
CA CYS D 38 47.76 16.74 -40.97
C CYS D 38 47.73 17.70 -42.16
N PRO D 39 46.59 18.37 -42.39
CA PRO D 39 46.55 19.30 -43.53
C PRO D 39 47.58 20.39 -43.27
N ARG D 40 48.36 20.75 -44.29
CA ARG D 40 49.38 21.77 -44.09
C ARG D 40 48.86 23.17 -43.80
N HIS D 41 47.58 23.43 -44.06
CA HIS D 41 47.06 24.77 -43.80
C HIS D 41 46.96 25.12 -42.33
N VAL D 42 47.31 24.18 -41.46
CA VAL D 42 47.28 24.43 -40.01
C VAL D 42 48.39 25.44 -39.72
N ILE D 43 49.31 25.57 -40.66
CA ILE D 43 50.45 26.46 -40.57
C ILE D 43 50.11 27.90 -40.95
N ALA D 44 49.09 28.06 -41.81
CA ALA D 44 48.67 29.38 -42.29
C ALA D 44 48.22 30.38 -41.23
N SER D 45 48.65 31.62 -41.38
CA SER D 45 48.29 32.68 -40.44
C SER D 45 46.85 33.16 -40.60
N ASP D 46 46.45 33.41 -41.84
CA ASP D 46 45.11 33.89 -42.14
C ASP D 46 44.47 33.06 -43.23
N THR D 47 43.65 32.08 -42.83
CA THR D 47 42.99 31.18 -43.76
C THR D 47 41.81 31.80 -44.52
N THR D 48 41.56 33.08 -44.31
CA THR D 48 40.47 33.75 -45.00
C THR D 48 40.99 34.39 -46.29
N ARG D 49 42.31 34.49 -46.40
CA ARG D 49 42.94 35.06 -47.57
C ARG D 49 43.93 34.09 -48.18
N VAL D 50 44.46 34.43 -49.35
CA VAL D 50 45.43 33.58 -50.03
C VAL D 50 46.62 33.25 -49.14
N ILE D 51 47.03 31.99 -49.15
CA ILE D 51 48.15 31.54 -48.32
C ILE D 51 49.41 31.30 -49.13
N ASN D 52 50.53 31.85 -48.65
CA ASN D 52 51.82 31.64 -49.30
C ASN D 52 52.49 30.56 -48.44
N TYR D 53 52.42 29.31 -48.88
CA TYR D 53 52.98 28.21 -48.12
C TYR D 53 54.50 28.23 -47.96
N GLU D 54 55.20 28.66 -49.00
CA GLU D 54 56.65 28.72 -48.93
C GLU D 54 57.08 29.72 -47.84
N ASN D 55 56.50 30.90 -47.85
CA ASN D 55 56.83 31.92 -46.85
C ASN D 55 56.40 31.46 -45.46
N GLU D 56 55.31 30.70 -45.41
CA GLU D 56 54.78 30.21 -44.15
C GLU D 56 55.69 29.17 -43.51
N MET D 57 56.22 28.26 -44.33
CA MET D 57 57.12 27.22 -43.85
C MET D 57 58.44 27.85 -43.41
N SER D 58 59.00 28.70 -44.27
CA SER D 58 60.26 29.39 -44.00
C SER D 58 60.29 30.10 -42.66
N SER D 59 59.13 30.42 -42.12
CA SER D 59 59.07 31.12 -40.85
C SER D 59 58.51 30.26 -39.72
N VAL D 60 58.36 28.97 -39.96
CA VAL D 60 57.82 28.07 -38.94
C VAL D 60 58.85 27.73 -37.87
N ARG D 61 58.40 27.65 -36.63
CA ARG D 61 59.26 27.28 -35.51
C ARG D 61 58.59 26.08 -34.83
N LEU D 62 59.28 24.95 -34.90
CA LEU D 62 58.78 23.69 -34.35
C LEU D 62 58.11 23.75 -32.99
N HIS D 63 58.68 24.46 -32.03
CA HIS D 63 58.09 24.51 -30.71
C HIS D 63 56.77 25.25 -30.60
N ASN D 64 56.31 25.79 -31.72
CA ASN D 64 55.03 26.48 -31.75
C ASN D 64 53.92 25.48 -32.09
N PHE D 65 54.32 24.27 -32.46
CA PHE D 65 53.36 23.22 -32.77
C PHE D 65 52.92 22.60 -31.45
N SER D 66 51.69 22.11 -31.41
CA SER D 66 51.17 21.48 -30.22
C SER D 66 50.49 20.18 -30.63
N VAL D 67 51.20 19.07 -30.53
CA VAL D 67 50.67 17.76 -30.89
C VAL D 67 50.35 17.00 -29.62
N SER D 68 49.10 16.57 -29.48
CA SER D 68 48.71 15.83 -28.29
C SER D 68 47.64 14.76 -28.49
N LYS D 69 47.71 13.74 -27.65
CA LYS D 69 46.75 12.63 -27.66
C LYS D 69 46.25 12.63 -26.23
N ASN D 70 44.95 12.82 -26.04
CA ASN D 70 44.39 12.89 -24.70
C ASN D 70 45.02 14.14 -24.09
N ASN D 71 45.78 13.99 -23.01
CA ASN D 71 46.42 15.15 -22.40
C ASN D 71 47.94 14.98 -22.38
N VAL D 72 48.43 14.08 -23.22
CA VAL D 72 49.86 13.82 -23.32
C VAL D 72 50.41 14.49 -24.57
N PHE D 73 51.29 15.48 -24.37
CA PHE D 73 51.89 16.21 -25.48
C PHE D 73 53.14 15.51 -26.02
N LEU D 74 53.34 15.56 -27.33
CA LEU D 74 54.53 14.96 -27.93
C LEU D 74 55.37 16.04 -28.57
N GLY D 75 56.69 15.87 -28.49
CA GLY D 75 57.60 16.85 -29.06
C GLY D 75 57.83 16.72 -30.55
N VAL D 76 57.73 17.85 -31.25
CA VAL D 76 57.93 17.87 -32.69
C VAL D 76 59.41 18.12 -32.97
N VAL D 77 60.04 17.17 -33.66
CA VAL D 77 61.46 17.25 -33.97
C VAL D 77 61.72 17.76 -35.39
N SER D 78 60.79 17.47 -36.29
CA SER D 78 60.93 17.90 -37.69
C SER D 78 59.58 18.24 -38.31
N ALA D 79 59.62 18.95 -39.44
CA ALA D 79 58.42 19.35 -40.15
C ALA D 79 58.75 19.44 -41.64
N ARG D 80 57.82 19.01 -42.48
CA ARG D 80 58.03 19.06 -43.93
C ARG D 80 56.73 18.88 -44.69
N TYR D 81 56.69 19.40 -45.91
CA TYR D 81 55.51 19.28 -46.74
C TYR D 81 55.60 18.04 -47.61
N LYS D 82 54.46 17.38 -47.80
CA LYS D 82 54.39 16.23 -48.68
C LYS D 82 53.10 16.52 -49.43
N GLY D 83 53.22 17.24 -50.53
CA GLY D 83 52.04 17.61 -51.29
C GLY D 83 51.29 18.64 -50.46
N VAL D 84 50.02 18.37 -50.19
CA VAL D 84 49.24 19.30 -49.39
C VAL D 84 49.21 18.89 -47.91
N ASN D 85 49.95 17.84 -47.59
CA ASN D 85 50.00 17.37 -46.21
C ASN D 85 51.25 17.82 -45.49
N LEU D 86 51.10 18.08 -44.20
CA LEU D 86 52.20 18.49 -43.34
C LEU D 86 52.63 17.23 -42.59
N VAL D 87 53.89 16.85 -42.71
CA VAL D 87 54.39 15.66 -42.05
C VAL D 87 55.34 16.03 -40.92
N LEU D 88 54.91 15.76 -39.68
CA LEU D 88 55.71 16.07 -38.51
C LEU D 88 56.31 14.84 -37.85
N LYS D 89 57.60 14.92 -37.48
CA LYS D 89 58.27 13.83 -36.79
C LYS D 89 58.12 14.15 -35.31
N VAL D 90 57.79 13.14 -34.50
CA VAL D 90 57.64 13.37 -33.07
C VAL D 90 58.57 12.53 -32.21
N ASN D 91 58.82 12.97 -31.00
CA ASN D 91 59.74 12.27 -30.09
C ASN D 91 59.15 11.04 -29.41
N GLN D 92 58.16 10.43 -30.06
CA GLN D 92 57.53 9.23 -29.50
C GLN D 92 56.75 8.45 -30.55
N VAL D 93 56.95 7.14 -30.55
CA VAL D 93 56.27 6.26 -31.49
C VAL D 93 54.90 5.87 -30.93
N ASN D 94 53.89 5.89 -31.79
CA ASN D 94 52.54 5.52 -31.38
C ASN D 94 52.54 4.01 -31.19
N PRO D 95 52.41 3.56 -29.93
CA PRO D 95 52.41 2.13 -29.57
C PRO D 95 51.22 1.37 -30.14
N ASN D 96 50.17 2.09 -30.51
CA ASN D 96 49.00 1.45 -31.07
C ASN D 96 48.91 1.62 -32.58
N THR D 97 50.05 1.78 -33.25
CA THR D 97 50.06 1.92 -34.69
C THR D 97 49.60 0.61 -35.31
N PRO D 98 48.44 0.60 -35.97
CA PRO D 98 47.95 -0.63 -36.58
C PRO D 98 48.69 -0.95 -37.87
N GLU D 99 48.59 -2.21 -38.30
CA GLU D 99 49.20 -2.64 -39.54
C GLU D 99 48.36 -1.85 -40.55
N HIS D 100 48.99 -1.27 -41.57
CA HIS D 100 48.21 -0.48 -42.50
C HIS D 100 48.90 -0.24 -43.83
N LYS D 101 48.12 0.29 -44.78
CA LYS D 101 48.59 0.61 -46.11
C LYS D 101 47.93 1.91 -46.59
N PHE D 102 48.47 2.49 -47.65
CA PHE D 102 47.91 3.72 -48.19
C PHE D 102 47.53 3.52 -49.64
N LYS D 103 46.29 3.85 -49.98
CA LYS D 103 45.84 3.74 -51.36
C LYS D 103 44.85 4.86 -51.64
N SER D 104 44.58 5.11 -52.92
CA SER D 104 43.65 6.16 -53.30
C SER D 104 42.29 5.59 -53.67
N ILE D 105 41.24 6.27 -53.26
CA ILE D 105 39.87 5.86 -53.54
C ILE D 105 39.45 6.39 -54.91
N LYS D 106 38.67 5.59 -55.64
CA LYS D 106 38.21 5.96 -56.98
C LYS D 106 36.77 6.45 -56.96
N ALA D 107 36.37 7.13 -58.03
CA ALA D 107 35.01 7.63 -58.16
C ALA D 107 34.01 6.49 -58.05
N GLY D 108 33.00 6.66 -57.20
CA GLY D 108 32.00 5.62 -57.03
C GLY D 108 32.29 4.63 -55.92
N GLU D 109 33.51 4.65 -55.37
CA GLU D 109 33.86 3.72 -54.29
C GLU D 109 33.46 4.29 -52.94
N SER D 110 33.19 3.41 -51.99
CA SER D 110 32.79 3.85 -50.67
C SER D 110 33.92 3.69 -49.68
N PHE D 111 33.87 4.48 -48.61
CA PHE D 111 34.85 4.39 -47.55
C PHE D 111 34.30 5.03 -46.29
N ASN D 112 35.04 4.90 -45.19
CA ASN D 112 34.61 5.44 -43.90
C ASN D 112 35.32 6.72 -43.50
N ILE D 113 34.59 7.59 -42.81
CA ILE D 113 35.16 8.83 -42.31
C ILE D 113 35.10 8.79 -40.79
N LEU D 114 36.22 9.04 -40.15
CA LEU D 114 36.26 9.11 -38.70
C LEU D 114 36.40 10.62 -38.48
N ALA D 115 35.26 11.27 -38.26
CA ALA D 115 35.25 12.71 -38.05
C ALA D 115 35.72 13.03 -36.65
N CYS D 116 36.66 13.96 -36.56
CA CYS D 116 37.21 14.35 -35.28
C CYS D 116 37.15 15.86 -35.14
N TYR D 117 36.96 16.32 -33.91
CA TYR D 117 36.93 17.74 -33.64
C TYR D 117 38.11 18.08 -32.74
N GLU D 118 39.06 18.81 -33.32
CA GLU D 118 40.25 19.22 -32.61
C GLU D 118 40.89 18.07 -31.84
N GLY D 119 41.28 17.03 -32.56
CA GLY D 119 41.93 15.89 -31.95
C GLY D 119 41.08 14.84 -31.28
N CYS D 120 39.83 15.17 -31.01
CA CYS D 120 38.95 14.22 -30.35
C CYS D 120 38.00 13.51 -31.32
N PRO D 121 38.23 12.21 -31.59
CA PRO D 121 37.34 11.50 -32.51
C PRO D 121 35.89 11.63 -32.04
N GLY D 122 35.04 12.22 -32.88
CA GLY D 122 33.65 12.43 -32.51
C GLY D 122 32.61 11.57 -33.20
N SER D 123 32.83 11.19 -34.46
CA SER D 123 31.85 10.37 -35.14
C SER D 123 32.44 9.60 -36.33
N VAL D 124 31.70 8.57 -36.76
CA VAL D 124 32.12 7.77 -37.90
C VAL D 124 30.90 7.50 -38.79
N TYR D 125 31.10 7.62 -40.11
CA TYR D 125 30.01 7.42 -41.07
C TYR D 125 30.57 7.08 -42.45
N GLY D 126 29.75 6.44 -43.27
CA GLY D 126 30.21 6.08 -44.59
C GLY D 126 29.95 7.13 -45.65
N VAL D 127 30.85 7.21 -46.64
CA VAL D 127 30.72 8.17 -47.74
C VAL D 127 31.01 7.47 -49.07
N ASN D 128 30.95 8.21 -50.17
CA ASN D 128 31.21 7.65 -51.49
C ASN D 128 31.82 8.73 -52.38
N MET D 129 32.95 8.41 -53.00
CA MET D 129 33.68 9.33 -53.88
C MET D 129 32.88 9.76 -55.11
N ARG D 130 32.70 11.07 -55.25
CA ARG D 130 31.96 11.65 -56.38
C ARG D 130 32.88 11.71 -57.60
N SER D 131 32.30 11.87 -58.78
CA SER D 131 33.09 11.91 -60.01
C SER D 131 34.15 13.03 -60.04
N GLN D 132 33.87 14.16 -59.40
CA GLN D 132 34.82 15.27 -59.40
C GLN D 132 35.89 15.14 -58.32
N GLY D 133 35.85 14.04 -57.57
CA GLY D 133 36.84 13.82 -56.54
C GLY D 133 36.46 14.35 -55.18
N THR D 134 35.22 14.80 -55.03
CA THR D 134 34.75 15.32 -53.75
C THR D 134 33.82 14.29 -53.10
N ILE D 135 33.41 14.58 -51.87
CA ILE D 135 32.46 13.71 -51.20
C ILE D 135 31.48 14.61 -50.46
N LYS D 136 30.28 14.11 -50.22
CA LYS D 136 29.31 14.89 -49.48
C LYS D 136 29.32 14.33 -48.07
N GLY D 137 30.11 14.97 -47.21
CA GLY D 137 30.19 14.51 -45.83
C GLY D 137 29.51 15.46 -44.87
N SER D 138 30.05 15.55 -43.66
CA SER D 138 29.49 16.44 -42.66
C SER D 138 30.64 16.99 -41.87
N PHE D 139 31.35 17.94 -42.46
CA PHE D 139 32.50 18.55 -41.81
C PHE D 139 32.24 20.00 -41.48
N ILE D 140 32.64 20.39 -40.28
CA ILE D 140 32.49 21.77 -39.85
C ILE D 140 33.86 22.28 -39.48
N ALA D 141 33.93 23.48 -38.94
CA ALA D 141 35.21 24.05 -38.55
C ALA D 141 35.73 23.20 -37.39
N GLY D 142 36.97 22.74 -37.51
CA GLY D 142 37.54 21.91 -36.44
C GLY D 142 37.69 20.45 -36.79
N THR D 143 37.05 20.01 -37.87
CA THR D 143 37.14 18.61 -38.25
C THR D 143 38.16 18.41 -39.37
N CYS D 144 38.86 19.48 -39.73
CA CYS D 144 39.90 19.41 -40.76
C CYS D 144 40.88 18.37 -40.25
N GLY D 145 41.37 17.54 -41.16
CA GLY D 145 42.32 16.51 -40.76
C GLY D 145 41.66 15.17 -40.51
N SER D 146 40.33 15.14 -40.48
CA SER D 146 39.61 13.88 -40.26
C SER D 146 40.06 12.88 -41.31
N VAL D 147 40.15 11.62 -40.91
CA VAL D 147 40.63 10.57 -41.79
C VAL D 147 39.60 9.62 -42.41
N GLY D 148 39.87 9.24 -43.65
CA GLY D 148 39.02 8.31 -44.35
C GLY D 148 39.78 7.01 -44.42
N TYR D 149 39.12 5.89 -44.13
CA TYR D 149 39.78 4.59 -44.16
C TYR D 149 38.85 3.54 -44.74
N VAL D 150 39.44 2.40 -45.08
CA VAL D 150 38.69 1.28 -45.63
C VAL D 150 39.33 -0.01 -45.18
N LEU D 151 38.49 -0.95 -44.78
CA LEU D 151 38.97 -2.26 -44.35
C LEU D 151 38.63 -3.23 -45.47
N GLU D 152 39.67 -3.71 -46.15
CA GLU D 152 39.49 -4.65 -47.26
C GLU D 152 40.33 -5.90 -47.10
N ASN D 153 39.66 -7.04 -47.03
CA ASN D 153 40.35 -8.31 -46.91
C ASN D 153 41.34 -8.32 -45.75
N GLY D 154 40.87 -7.95 -44.57
CA GLY D 154 41.73 -7.92 -43.40
C GLY D 154 42.77 -6.82 -43.38
N ILE D 155 42.82 -6.00 -44.43
CA ILE D 155 43.80 -4.93 -44.49
C ILE D 155 43.19 -3.53 -44.30
N LEU D 156 43.82 -2.74 -43.45
CA LEU D 156 43.37 -1.37 -43.17
C LEU D 156 44.04 -0.41 -44.13
N TYR D 157 43.26 0.30 -44.93
CA TYR D 157 43.80 1.28 -45.86
C TYR D 157 43.41 2.69 -45.44
N PHE D 158 44.38 3.60 -45.45
CA PHE D 158 44.15 5.00 -45.14
C PHE D 158 44.02 5.62 -46.53
N VAL D 159 42.89 6.25 -46.80
CA VAL D 159 42.62 6.80 -48.12
C VAL D 159 42.30 8.28 -48.22
N TYR D 160 41.93 8.91 -47.11
CA TYR D 160 41.53 10.30 -47.16
C TYR D 160 41.79 11.13 -45.90
N MET D 161 42.18 12.39 -46.12
CA MET D 161 42.39 13.33 -45.02
C MET D 161 41.64 14.58 -45.45
N HIS D 162 40.70 15.03 -44.62
CA HIS D 162 39.91 16.21 -44.97
C HIS D 162 40.64 17.53 -44.92
N HIS D 163 40.55 18.31 -45.99
CA HIS D 163 41.20 19.61 -46.07
C HIS D 163 40.25 20.81 -46.06
N LEU D 164 39.21 20.79 -46.91
CA LEU D 164 38.29 21.92 -46.96
C LEU D 164 36.95 21.68 -47.65
N GLU D 165 36.10 22.71 -47.60
CA GLU D 165 34.79 22.64 -48.20
C GLU D 165 34.63 23.71 -49.28
N LEU D 166 34.20 23.30 -50.46
CA LEU D 166 34.00 24.23 -51.56
C LEU D 166 32.79 25.14 -51.31
N GLY D 167 32.76 26.26 -52.02
CA GLY D 167 31.67 27.20 -51.87
C GLY D 167 30.32 26.55 -52.09
N ASN D 168 30.29 25.50 -52.90
CA ASN D 168 29.05 24.79 -53.21
C ASN D 168 28.68 23.75 -52.15
N GLY D 169 29.52 23.60 -51.13
CA GLY D 169 29.22 22.64 -50.08
C GLY D 169 29.95 21.31 -50.14
N SER D 170 30.56 20.98 -51.27
CA SER D 170 31.29 19.71 -51.39
C SER D 170 32.56 19.69 -50.55
N HIS D 171 32.97 18.50 -50.14
CA HIS D 171 34.17 18.39 -49.31
C HIS D 171 35.37 17.86 -50.05
N VAL D 172 36.49 18.52 -49.81
CA VAL D 172 37.75 18.21 -50.46
C VAL D 172 38.81 17.72 -49.49
N GLY D 173 39.51 16.67 -49.90
CA GLY D 173 40.56 16.11 -49.09
C GLY D 173 41.62 15.52 -49.99
N SER D 174 42.60 14.88 -49.39
CA SER D 174 43.68 14.30 -50.17
C SER D 174 43.96 12.86 -49.75
N ASN D 175 44.85 12.20 -50.51
CA ASN D 175 45.25 10.84 -50.18
C ASN D 175 46.52 11.09 -49.37
N PHE D 176 47.18 10.04 -48.91
CA PHE D 176 48.37 10.27 -48.12
C PHE D 176 49.66 10.48 -48.89
N GLU D 177 49.55 10.49 -50.22
CA GLU D 177 50.72 10.78 -51.04
C GLU D 177 50.73 12.32 -51.11
N GLY D 178 49.77 12.94 -50.44
CA GLY D 178 49.68 14.39 -50.42
C GLY D 178 49.04 14.99 -51.66
N GLU D 179 48.29 14.17 -52.40
CA GLU D 179 47.64 14.62 -53.62
C GLU D 179 46.17 14.88 -53.31
N MET D 180 45.70 16.09 -53.65
CA MET D 180 44.32 16.45 -53.40
C MET D 180 43.39 15.79 -54.42
N TYR D 181 42.32 15.13 -53.96
CA TYR D 181 41.40 14.49 -54.90
C TYR D 181 40.76 15.60 -55.72
N GLY D 182 40.56 15.34 -57.01
CA GLY D 182 39.95 16.35 -57.86
C GLY D 182 40.90 17.47 -58.27
N GLY D 183 42.11 17.47 -57.71
CA GLY D 183 43.08 18.49 -58.04
C GLY D 183 42.84 19.88 -57.47
N TYR D 184 41.84 20.04 -56.62
CA TYR D 184 41.57 21.35 -56.04
C TYR D 184 42.77 21.82 -55.24
N GLU D 185 42.95 23.13 -55.14
CA GLU D 185 44.07 23.71 -54.39
C GLU D 185 43.67 23.96 -52.94
N ASP D 186 44.60 23.75 -52.01
CA ASP D 186 44.30 23.98 -50.61
C ASP D 186 44.44 25.46 -50.28
N GLN D 187 43.53 26.24 -50.86
CA GLN D 187 43.46 27.68 -50.69
C GLN D 187 42.00 28.02 -50.46
N PRO D 188 41.72 29.15 -49.81
CA PRO D 188 40.35 29.59 -49.54
C PRO D 188 39.78 30.31 -50.79
N SER D 189 39.96 29.69 -51.96
CA SER D 189 39.49 30.27 -53.21
C SER D 189 38.08 29.82 -53.58
N MET D 190 37.56 30.39 -54.65
CA MET D 190 36.23 30.07 -55.11
C MET D 190 36.23 29.02 -56.22
N GLN D 191 37.01 27.96 -56.04
CA GLN D 191 37.10 26.88 -56.99
C GLN D 191 35.74 26.24 -57.18
N LEU D 192 35.46 25.83 -58.41
CA LEU D 192 34.20 25.18 -58.70
C LEU D 192 34.44 23.69 -58.77
N GLU D 193 33.47 22.91 -58.31
CA GLU D 193 33.58 21.47 -58.33
C GLU D 193 33.52 20.93 -59.74
N GLY D 194 32.57 21.46 -60.51
CA GLY D 194 32.40 21.01 -61.87
C GLY D 194 31.12 20.19 -61.91
N THR D 195 30.79 19.62 -63.07
CA THR D 195 29.57 18.82 -63.19
C THR D 195 29.71 17.46 -62.53
N ASN D 196 28.70 17.09 -61.75
CA ASN D 196 28.67 15.81 -61.06
C ASN D 196 28.09 14.72 -61.96
N VAL D 197 28.86 13.66 -62.18
CA VAL D 197 28.41 12.54 -63.00
C VAL D 197 28.01 11.42 -62.04
N MET D 198 26.72 11.10 -62.02
CA MET D 198 26.19 10.05 -61.15
C MET D 198 26.78 8.70 -61.52
N SER D 199 26.93 7.84 -60.52
CA SER D 199 27.47 6.50 -60.75
C SER D 199 26.31 5.56 -61.07
N SER D 200 26.25 5.09 -62.32
CA SER D 200 25.19 4.19 -62.76
C SER D 200 25.20 2.87 -62.00
N ASP D 201 26.39 2.31 -61.80
CA ASP D 201 26.52 1.05 -61.08
C ASP D 201 25.84 1.17 -59.72
N ASN D 202 26.11 2.27 -59.03
CA ASN D 202 25.52 2.49 -57.70
C ASN D 202 24.00 2.69 -57.74
N VAL D 203 23.50 3.41 -58.75
CA VAL D 203 22.07 3.63 -58.85
C VAL D 203 21.34 2.31 -59.07
N VAL D 204 21.87 1.49 -59.97
CA VAL D 204 21.25 0.20 -60.22
C VAL D 204 21.16 -0.55 -58.90
N ALA D 205 22.27 -0.54 -58.16
CA ALA D 205 22.33 -1.21 -56.86
C ALA D 205 21.22 -0.67 -55.98
N PHE D 206 21.09 0.65 -55.96
CA PHE D 206 20.07 1.32 -55.18
C PHE D 206 18.69 0.79 -55.57
N LEU D 207 18.42 0.70 -56.87
CA LEU D 207 17.13 0.20 -57.34
C LEU D 207 16.85 -1.24 -56.91
N TYR D 208 17.85 -2.11 -56.97
CA TYR D 208 17.66 -3.50 -56.54
C TYR D 208 17.40 -3.50 -55.05
N ALA D 209 18.06 -2.60 -54.33
CA ALA D 209 17.87 -2.51 -52.91
C ALA D 209 16.39 -2.24 -52.69
N ALA D 210 15.86 -1.28 -53.45
CA ALA D 210 14.44 -0.93 -53.34
C ALA D 210 13.57 -2.14 -53.62
N LEU D 211 13.89 -2.88 -54.69
CA LEU D 211 13.13 -4.07 -55.04
C LEU D 211 13.16 -5.10 -53.93
N ILE D 212 14.34 -5.35 -53.38
CA ILE D 212 14.47 -6.32 -52.30
C ILE D 212 13.64 -5.88 -51.09
N ASN D 213 13.35 -4.59 -51.02
CA ASN D 213 12.58 -4.04 -49.92
C ASN D 213 11.08 -3.97 -50.21
N GLY D 214 10.67 -4.52 -51.35
CA GLY D 214 9.26 -4.52 -51.69
C GLY D 214 8.71 -3.37 -52.51
N GLU D 215 9.58 -2.47 -52.97
CA GLU D 215 9.12 -1.35 -53.78
C GLU D 215 9.45 -1.67 -55.22
N ARG D 216 8.46 -1.63 -56.10
CA ARG D 216 8.68 -1.95 -57.52
C ARG D 216 7.86 -1.12 -58.49
N TRP D 217 7.30 -0.01 -58.02
CA TRP D 217 6.48 0.86 -58.87
C TRP D 217 7.25 1.45 -60.03
N PHE D 218 8.57 1.55 -59.91
CA PHE D 218 9.40 2.14 -60.96
C PHE D 218 9.75 1.14 -62.06
N VAL D 219 9.31 -0.10 -61.89
CA VAL D 219 9.57 -1.13 -62.89
C VAL D 219 8.35 -1.26 -63.82
N THR D 220 8.59 -1.14 -65.12
CA THR D 220 7.51 -1.23 -66.10
C THR D 220 7.73 -2.37 -67.08
N ASN D 221 7.07 -2.27 -68.25
CA ASN D 221 7.19 -3.28 -69.29
C ASN D 221 8.41 -2.99 -70.16
N THR D 222 8.93 -1.77 -70.03
CA THR D 222 10.06 -1.35 -70.84
C THR D 222 11.43 -1.67 -70.25
N SER D 223 12.39 -1.91 -71.14
CA SER D 223 13.75 -2.22 -70.76
C SER D 223 14.65 -1.47 -71.72
N MET D 224 15.94 -1.41 -71.40
CA MET D 224 16.89 -0.72 -72.24
C MET D 224 18.19 -1.50 -72.21
N SER D 225 18.76 -1.76 -73.38
CA SER D 225 20.00 -2.51 -73.48
C SER D 225 21.18 -1.79 -72.86
N LEU D 226 22.20 -2.56 -72.50
CA LEU D 226 23.39 -2.00 -71.91
C LEU D 226 24.02 -0.95 -72.82
N GLU D 227 24.24 -1.30 -74.09
CA GLU D 227 24.85 -0.37 -75.03
C GLU D 227 23.99 0.86 -75.27
N SER D 228 22.67 0.71 -75.23
CA SER D 228 21.77 1.85 -75.41
C SER D 228 21.86 2.75 -74.19
N TYR D 229 21.85 2.13 -73.01
CA TYR D 229 21.94 2.88 -71.76
C TYR D 229 23.21 3.70 -71.70
N ASN D 230 24.33 3.10 -72.12
CA ASN D 230 25.60 3.80 -72.08
C ASN D 230 25.62 5.02 -72.99
N THR D 231 25.13 4.89 -74.21
CA THR D 231 25.11 6.01 -75.14
C THR D 231 24.30 7.15 -74.49
N TRP D 232 23.20 6.78 -73.85
CA TRP D 232 22.34 7.76 -73.18
C TRP D 232 23.03 8.43 -72.00
N ALA D 233 23.82 7.65 -71.26
CA ALA D 233 24.51 8.15 -70.08
C ALA D 233 25.54 9.25 -70.38
N LYS D 234 26.23 9.13 -71.50
CA LYS D 234 27.25 10.11 -71.88
C LYS D 234 26.65 11.51 -72.09
N THR D 235 25.35 11.57 -72.32
CA THR D 235 24.66 12.83 -72.57
C THR D 235 23.70 13.20 -71.43
N ASN D 236 23.79 12.47 -70.31
CA ASN D 236 22.90 12.74 -69.19
C ASN D 236 23.61 12.80 -67.84
N SER D 237 24.93 12.91 -67.87
CA SER D 237 25.71 13.01 -66.64
C SER D 237 25.68 11.75 -65.77
N PHE D 238 25.80 10.60 -66.42
CA PHE D 238 25.85 9.32 -65.74
C PHE D 238 27.01 8.57 -66.36
N THR D 239 27.73 7.79 -65.56
CA THR D 239 28.85 7.03 -66.08
C THR D 239 28.36 5.85 -66.90
N GLU D 240 29.27 5.19 -67.59
CA GLU D 240 28.92 4.01 -68.37
C GLU D 240 28.74 2.91 -67.33
N LEU D 241 27.85 1.96 -67.59
CA LEU D 241 27.66 0.88 -66.65
C LEU D 241 28.87 -0.02 -66.88
N SER D 242 29.55 -0.38 -65.81
CA SER D 242 30.72 -1.24 -65.92
C SER D 242 30.33 -2.54 -66.61
N SER D 243 29.30 -3.19 -66.11
CA SER D 243 28.84 -4.46 -66.66
C SER D 243 27.59 -4.92 -65.94
N THR D 244 26.77 -5.72 -66.62
CA THR D 244 25.55 -6.22 -66.02
C THR D 244 25.82 -7.44 -65.13
N ASP D 245 27.02 -8.01 -65.23
CA ASP D 245 27.38 -9.18 -64.43
C ASP D 245 27.42 -8.85 -62.94
N ALA D 246 27.84 -7.63 -62.63
CA ALA D 246 27.96 -7.18 -61.25
C ALA D 246 26.64 -7.25 -60.51
N PHE D 247 25.53 -7.31 -61.24
CA PHE D 247 24.22 -7.35 -60.61
C PHE D 247 23.47 -8.66 -60.76
N SER D 248 24.13 -9.66 -61.33
CA SER D 248 23.50 -10.95 -61.57
C SER D 248 22.77 -11.54 -60.35
N MET D 249 23.46 -11.58 -59.22
CA MET D 249 22.87 -12.12 -58.00
C MET D 249 21.61 -11.33 -57.62
N LEU D 250 21.69 -10.01 -57.73
CA LEU D 250 20.57 -9.15 -57.40
C LEU D 250 19.44 -9.37 -58.41
N ALA D 251 19.80 -9.56 -59.68
CA ALA D 251 18.81 -9.79 -60.72
C ALA D 251 18.14 -11.14 -60.46
N ALA D 252 18.95 -12.11 -60.06
CA ALA D 252 18.45 -13.45 -59.77
C ALA D 252 17.53 -13.47 -58.55
N LYS D 253 17.87 -12.68 -57.54
CA LYS D 253 17.08 -12.62 -56.31
C LYS D 253 15.71 -11.98 -56.51
N THR D 254 15.71 -10.85 -57.22
CA THR D 254 14.50 -10.08 -57.46
C THR D 254 13.74 -10.48 -58.71
N GLY D 255 14.38 -11.23 -59.60
CA GLY D 255 13.70 -11.63 -60.81
C GLY D 255 13.51 -10.50 -61.81
N GLN D 256 14.28 -9.42 -61.65
CA GLN D 256 14.24 -8.26 -62.53
C GLN D 256 15.59 -8.06 -63.22
N SER D 257 15.59 -7.97 -64.55
CA SER D 257 16.84 -7.79 -65.30
C SER D 257 17.44 -6.41 -65.09
N VAL D 258 18.73 -6.30 -65.38
CA VAL D 258 19.42 -5.02 -65.25
C VAL D 258 18.81 -4.09 -66.29
N GLU D 259 18.58 -4.63 -67.49
CA GLU D 259 18.00 -3.87 -68.59
C GLU D 259 16.73 -3.15 -68.16
N LYS D 260 15.91 -3.80 -67.35
CA LYS D 260 14.68 -3.19 -66.85
C LYS D 260 14.97 -1.94 -66.02
N LEU D 261 15.96 -2.04 -65.12
CA LEU D 261 16.32 -0.93 -64.26
C LEU D 261 17.05 0.19 -64.99
N LEU D 262 17.77 -0.15 -66.06
CA LEU D 262 18.48 0.88 -66.82
C LEU D 262 17.41 1.83 -67.38
N ASP D 263 16.30 1.26 -67.82
CA ASP D 263 15.19 2.04 -68.35
C ASP D 263 14.52 2.80 -67.21
N SER D 264 14.43 2.17 -66.04
CA SER D 264 13.83 2.83 -64.87
C SER D 264 14.60 4.12 -64.57
N ILE D 265 15.92 4.04 -64.64
CA ILE D 265 16.78 5.18 -64.39
C ILE D 265 16.37 6.33 -65.32
N VAL D 266 16.44 6.07 -66.61
CA VAL D 266 16.10 7.06 -67.63
C VAL D 266 14.74 7.72 -67.38
N ARG D 267 13.75 6.93 -66.95
CA ARG D 267 12.42 7.48 -66.66
C ARG D 267 12.42 8.23 -65.33
N LEU D 268 13.08 7.66 -64.32
CA LEU D 268 13.16 8.31 -63.01
C LEU D 268 14.03 9.57 -63.09
N ASN D 269 15.00 9.57 -64.00
CA ASN D 269 15.88 10.72 -64.18
C ASN D 269 15.05 11.94 -64.60
N LYS D 270 13.90 11.68 -65.21
CA LYS D 270 12.99 12.75 -65.63
C LYS D 270 12.18 13.22 -64.44
N GLY D 271 11.70 12.28 -63.63
CA GLY D 271 10.92 12.63 -62.47
C GLY D 271 10.31 11.44 -61.76
N PHE D 272 10.15 11.53 -60.45
CA PHE D 272 9.57 10.46 -59.66
C PHE D 272 8.05 10.56 -59.62
N GLY D 273 7.49 11.54 -60.31
CA GLY D 273 6.05 11.71 -60.32
C GLY D 273 5.49 11.86 -58.92
N GLY D 274 6.31 12.35 -57.99
CA GLY D 274 5.85 12.52 -56.63
C GLY D 274 5.87 11.28 -55.76
N ARG D 275 6.49 10.21 -56.25
CA ARG D 275 6.59 8.99 -55.46
C ARG D 275 8.00 8.91 -54.90
N THR D 276 8.25 7.90 -54.07
CA THR D 276 9.58 7.74 -53.51
C THR D 276 10.10 6.31 -53.61
N ILE D 277 11.40 6.18 -53.47
CA ILE D 277 12.07 4.89 -53.52
C ILE D 277 12.93 4.87 -52.27
N LEU D 278 12.62 3.99 -51.34
CA LEU D 278 13.36 3.90 -50.09
C LEU D 278 13.32 5.25 -49.37
N SER D 279 12.17 5.92 -49.50
CA SER D 279 11.94 7.23 -48.88
C SER D 279 12.64 8.40 -49.57
N TYR D 280 13.53 8.11 -50.50
CA TYR D 280 14.23 9.18 -51.21
C TYR D 280 13.38 9.66 -52.39
N GLY D 281 13.55 10.93 -52.74
CA GLY D 281 12.78 11.50 -53.83
C GLY D 281 13.57 11.65 -55.12
N SER D 282 14.80 11.17 -55.13
CA SER D 282 15.63 11.22 -56.32
C SER D 282 16.60 10.06 -56.32
N LEU D 283 17.26 9.83 -57.45
CA LEU D 283 18.19 8.71 -57.55
C LEU D 283 19.38 8.89 -56.62
N CYS D 284 19.75 7.80 -55.94
CA CYS D 284 20.86 7.80 -55.00
C CYS D 284 21.99 6.93 -55.53
N ASP D 285 23.21 7.47 -55.54
CA ASP D 285 24.36 6.71 -56.03
C ASP D 285 25.47 6.56 -54.98
N GLU D 286 25.10 6.46 -53.72
CA GLU D 286 26.10 6.34 -52.65
C GLU D 286 26.37 4.90 -52.21
N PHE D 287 25.55 3.96 -52.66
CA PHE D 287 25.77 2.57 -52.29
C PHE D 287 26.31 1.78 -53.47
N THR D 288 27.34 0.98 -53.23
CA THR D 288 27.92 0.16 -54.29
C THR D 288 27.16 -1.15 -54.35
N PRO D 289 27.33 -1.92 -55.43
CA PRO D 289 26.64 -3.21 -55.55
C PRO D 289 27.01 -4.11 -54.38
N THR D 290 28.30 -4.21 -54.12
CA THR D 290 28.80 -5.03 -53.04
C THR D 290 28.16 -4.58 -51.72
N GLU D 291 28.17 -3.27 -51.51
CA GLU D 291 27.61 -2.68 -50.30
C GLU D 291 26.15 -3.12 -50.09
N VAL D 292 25.36 -3.04 -51.16
CA VAL D 292 23.95 -3.43 -51.08
C VAL D 292 23.83 -4.93 -50.82
N ILE D 293 24.59 -5.71 -51.56
CA ILE D 293 24.55 -7.16 -51.39
C ILE D 293 24.89 -7.54 -49.95
N ARG D 294 26.01 -7.03 -49.45
CA ARG D 294 26.42 -7.32 -48.09
C ARG D 294 25.40 -6.90 -47.04
N GLN D 295 24.81 -5.72 -47.21
CA GLN D 295 23.82 -5.23 -46.25
C GLN D 295 22.47 -5.95 -46.33
N MET D 296 22.14 -6.52 -47.49
CA MET D 296 20.87 -7.22 -47.64
C MET D 296 21.00 -8.73 -47.46
N TYR D 297 22.22 -9.26 -47.47
CA TYR D 297 22.39 -10.72 -47.36
C TYR D 297 23.56 -11.23 -46.51
N GLY D 298 24.39 -10.34 -46.00
CA GLY D 298 25.52 -10.78 -45.20
C GLY D 298 26.76 -11.00 -46.02
N VAL D 299 27.88 -11.20 -45.35
CA VAL D 299 29.17 -11.42 -46.01
C VAL D 299 29.11 -12.49 -47.11
N ASN D 300 29.96 -12.31 -48.13
CA ASN D 300 30.03 -13.25 -49.26
C ASN D 300 30.39 -14.65 -48.80
N LEU D 301 29.39 -15.39 -48.34
CA LEU D 301 29.58 -16.76 -47.85
C LEU D 301 28.58 -17.70 -48.52
N SER E 1 -14.17 0.76 2.64
CA SER E 1 -14.95 1.67 1.74
C SER E 1 -15.82 2.62 2.56
N GLY E 2 -16.65 2.03 3.42
CA GLY E 2 -17.52 2.83 4.25
C GLY E 2 -18.87 3.08 3.59
N LEU E 3 -19.87 3.36 4.41
CA LEU E 3 -21.21 3.62 3.91
C LEU E 3 -21.45 5.12 3.87
N ARG E 4 -21.89 5.60 2.71
CA ARG E 4 -22.15 7.02 2.53
C ARG E 4 -23.55 7.20 1.96
N LYS E 5 -24.29 8.19 2.45
CA LYS E 5 -25.63 8.45 1.95
C LYS E 5 -25.49 9.14 0.59
N MET E 6 -26.20 8.64 -0.41
CA MET E 6 -26.10 9.23 -1.72
C MET E 6 -27.38 9.80 -2.29
N ALA E 7 -27.23 10.60 -3.32
CA ALA E 7 -28.36 11.19 -4.01
C ALA E 7 -28.22 10.82 -5.49
N GLN E 8 -29.34 10.75 -6.18
CA GLN E 8 -29.32 10.46 -7.59
C GLN E 8 -29.15 11.82 -8.26
N PRO E 9 -28.48 11.86 -9.42
CA PRO E 9 -28.24 13.11 -10.15
C PRO E 9 -29.48 14.00 -10.22
N SER E 10 -29.25 15.30 -10.17
CA SER E 10 -30.32 16.30 -10.17
C SER E 10 -30.63 16.96 -11.52
N GLY E 11 -29.83 16.64 -12.54
CA GLY E 11 -30.00 17.21 -13.87
C GLY E 11 -31.39 17.44 -14.41
N LEU E 12 -32.27 16.45 -14.28
CA LEU E 12 -33.64 16.58 -14.79
C LEU E 12 -34.49 17.58 -14.01
N VAL E 13 -34.17 17.74 -12.74
CA VAL E 13 -34.92 18.63 -11.86
C VAL E 13 -34.50 20.10 -11.86
N GLU E 14 -33.20 20.34 -11.89
CA GLU E 14 -32.69 21.71 -11.87
C GLU E 14 -33.40 22.74 -12.76
N PRO E 15 -33.69 22.38 -14.03
CA PRO E 15 -34.36 23.30 -14.96
C PRO E 15 -35.79 23.66 -14.55
N CYS E 16 -36.35 22.91 -13.62
CA CYS E 16 -37.72 23.16 -13.19
C CYS E 16 -37.83 24.06 -11.97
N ILE E 17 -36.71 24.36 -11.34
CA ILE E 17 -36.69 25.19 -10.14
C ILE E 17 -36.81 26.68 -10.43
N VAL E 18 -37.74 27.34 -9.75
CA VAL E 18 -37.93 28.76 -9.94
C VAL E 18 -38.10 29.44 -8.59
N ARG E 19 -37.83 30.74 -8.59
CA ARG E 19 -37.95 31.58 -7.40
C ARG E 19 -39.37 32.12 -7.37
N VAL E 20 -40.05 31.97 -6.24
CA VAL E 20 -41.39 32.49 -6.09
C VAL E 20 -41.43 33.37 -4.86
N SER E 21 -41.91 34.59 -5.03
CA SER E 21 -42.03 35.49 -3.90
C SER E 21 -43.38 36.16 -3.95
N TYR E 22 -43.83 36.63 -2.80
CA TYR E 22 -45.10 37.32 -2.69
C TYR E 22 -44.96 38.15 -1.42
N GLY E 23 -44.92 39.47 -1.58
CA GLY E 23 -44.74 40.31 -0.42
C GLY E 23 -43.33 40.05 0.06
N ASN E 24 -43.18 39.84 1.37
CA ASN E 24 -41.87 39.59 1.96
C ASN E 24 -41.47 38.11 1.95
N ASN E 25 -42.33 37.25 1.41
CA ASN E 25 -42.01 35.82 1.38
C ASN E 25 -41.29 35.43 0.10
N VAL E 26 -40.18 34.72 0.25
CA VAL E 26 -39.40 34.27 -0.89
C VAL E 26 -39.08 32.80 -0.70
N LEU E 27 -39.48 31.97 -1.67
CA LEU E 27 -39.17 30.55 -1.60
C LEU E 27 -39.07 29.95 -3.00
N ASN E 28 -39.01 28.62 -3.07
CA ASN E 28 -38.86 27.91 -4.35
C ASN E 28 -40.14 27.29 -4.87
N GLY E 29 -40.23 27.18 -6.20
CA GLY E 29 -41.39 26.57 -6.84
C GLY E 29 -40.95 25.59 -7.91
N LEU E 30 -41.83 24.68 -8.28
CA LEU E 30 -41.54 23.69 -9.31
C LEU E 30 -42.33 24.06 -10.57
N TRP E 31 -41.59 24.35 -11.64
CA TRP E 31 -42.18 24.75 -12.92
C TRP E 31 -42.25 23.59 -13.91
N LEU E 32 -43.45 23.04 -14.08
CA LEU E 32 -43.68 21.93 -15.01
C LEU E 32 -44.75 22.40 -16.00
N GLY E 33 -44.47 22.23 -17.29
CA GLY E 33 -45.43 22.68 -18.29
C GLY E 33 -45.69 24.17 -18.11
N ASP E 34 -46.96 24.55 -18.00
CA ASP E 34 -47.30 25.96 -17.84
C ASP E 34 -47.76 26.24 -16.40
N GLU E 35 -47.39 25.36 -15.47
CA GLU E 35 -47.77 25.53 -14.08
C GLU E 35 -46.57 25.59 -13.13
N VAL E 36 -46.69 26.41 -12.09
CA VAL E 36 -45.64 26.52 -11.07
C VAL E 36 -46.27 26.04 -9.76
N ILE E 37 -45.56 25.15 -9.06
CA ILE E 37 -46.06 24.63 -7.79
C ILE E 37 -45.13 24.99 -6.65
N CYS E 38 -45.70 25.58 -5.60
CA CYS E 38 -44.94 25.98 -4.43
C CYS E 38 -45.84 25.87 -3.22
N PRO E 39 -45.27 25.99 -2.00
CA PRO E 39 -46.09 25.89 -0.79
C PRO E 39 -46.98 27.12 -0.77
N ARG E 40 -48.24 26.96 -0.38
CA ARG E 40 -49.13 28.11 -0.38
C ARG E 40 -48.89 29.17 0.71
N HIS E 41 -48.04 28.86 1.69
CA HIS E 41 -47.80 29.84 2.74
C HIS E 41 -47.01 31.06 2.27
N VAL E 42 -46.65 31.07 0.99
CA VAL E 42 -45.92 32.19 0.40
C VAL E 42 -46.88 33.40 0.32
N ILE E 43 -48.17 33.09 0.25
CA ILE E 43 -49.23 34.09 0.15
C ILE E 43 -49.57 34.74 1.50
N ALA E 44 -49.13 34.13 2.60
CA ALA E 44 -49.43 34.66 3.93
C ALA E 44 -48.75 35.98 4.23
N SER E 45 -49.54 36.94 4.70
CA SER E 45 -49.04 38.26 5.04
C SER E 45 -48.13 38.21 6.26
N ASP E 46 -48.43 37.30 7.18
CA ASP E 46 -47.64 37.13 8.40
C ASP E 46 -47.52 35.65 8.72
N THR E 47 -46.32 35.11 8.54
CA THR E 47 -46.08 33.68 8.77
C THR E 47 -45.83 33.26 10.21
N THR E 48 -45.94 34.20 11.15
CA THR E 48 -45.73 33.87 12.56
C THR E 48 -47.07 33.65 13.26
N ARG E 49 -48.15 34.11 12.64
CA ARG E 49 -49.48 33.94 13.22
C ARG E 49 -50.40 33.13 12.32
N VAL E 50 -51.49 32.63 12.90
CA VAL E 50 -52.45 31.82 12.16
C VAL E 50 -52.81 32.43 10.81
N ILE E 51 -52.79 31.59 9.78
CA ILE E 51 -53.10 32.02 8.42
C ILE E 51 -54.51 31.62 8.01
N ASN E 52 -55.27 32.57 7.49
CA ASN E 52 -56.60 32.26 6.99
C ASN E 52 -56.39 32.20 5.48
N TYR E 53 -56.12 31.01 4.97
CA TYR E 53 -55.85 30.84 3.55
C TYR E 53 -57.00 31.28 2.66
N GLU E 54 -58.23 31.11 3.13
CA GLU E 54 -59.40 31.51 2.36
C GLU E 54 -59.37 33.01 2.12
N ASN E 55 -59.12 33.79 3.17
CA ASN E 55 -59.07 35.24 3.03
C ASN E 55 -57.89 35.66 2.19
N GLU E 56 -56.73 35.07 2.46
CA GLU E 56 -55.52 35.41 1.70
C GLU E 56 -55.71 35.20 0.20
N MET E 57 -56.41 34.14 -0.19
CA MET E 57 -56.63 33.87 -1.60
C MET E 57 -57.66 34.81 -2.23
N SER E 58 -58.78 35.02 -1.54
CA SER E 58 -59.82 35.89 -2.08
C SER E 58 -59.34 37.33 -2.24
N SER E 59 -58.26 37.68 -1.56
CA SER E 59 -57.73 39.04 -1.66
C SER E 59 -56.37 39.03 -2.34
N VAL E 60 -56.04 37.92 -2.99
CA VAL E 60 -54.75 37.81 -3.66
C VAL E 60 -54.67 38.70 -4.89
N ARG E 61 -53.51 39.30 -5.10
CA ARG E 61 -53.26 40.16 -6.25
C ARG E 61 -52.24 39.41 -7.11
N LEU E 62 -52.66 38.90 -8.26
CA LEU E 62 -51.75 38.17 -9.14
C LEU E 62 -50.46 38.92 -9.49
N HIS E 63 -50.56 40.21 -9.76
CA HIS E 63 -49.39 41.00 -10.10
C HIS E 63 -48.43 41.14 -8.94
N ASN E 64 -48.83 40.64 -7.78
CA ASN E 64 -47.99 40.72 -6.60
C ASN E 64 -47.03 39.55 -6.55
N PHE E 65 -47.33 38.50 -7.32
CA PHE E 65 -46.45 37.35 -7.38
C PHE E 65 -45.24 37.68 -8.22
N SER E 66 -44.12 37.06 -7.86
CA SER E 66 -42.89 37.23 -8.60
C SER E 66 -42.38 35.82 -8.80
N VAL E 67 -42.42 35.37 -10.04
CA VAL E 67 -41.96 34.04 -10.41
C VAL E 67 -40.88 34.22 -11.46
N SER E 68 -39.71 33.65 -11.20
CA SER E 68 -38.63 33.78 -12.16
C SER E 68 -37.67 32.60 -12.13
N LYS E 69 -36.99 32.39 -13.24
CA LYS E 69 -36.01 31.33 -13.40
C LYS E 69 -34.80 32.13 -13.88
N ASN E 70 -33.87 32.37 -12.96
CA ASN E 70 -32.68 33.16 -13.25
C ASN E 70 -33.18 34.60 -13.38
N ASN E 71 -32.85 35.29 -14.46
CA ASN E 71 -33.33 36.66 -14.59
C ASN E 71 -34.53 36.79 -15.53
N VAL E 72 -35.15 35.67 -15.83
CA VAL E 72 -36.31 35.64 -16.72
C VAL E 72 -37.57 35.48 -15.89
N PHE E 73 -38.49 36.43 -16.01
CA PHE E 73 -39.72 36.40 -15.25
C PHE E 73 -40.89 35.72 -15.97
N LEU E 74 -41.61 34.91 -15.21
CA LEU E 74 -42.77 34.22 -15.75
C LEU E 74 -43.98 34.98 -15.22
N GLY E 75 -44.91 35.32 -16.10
CA GLY E 75 -46.10 36.04 -15.67
C GLY E 75 -47.18 35.12 -15.17
N VAL E 76 -47.76 35.46 -14.02
CA VAL E 76 -48.81 34.64 -13.42
C VAL E 76 -50.18 35.01 -13.99
N VAL E 77 -50.87 34.03 -14.58
CA VAL E 77 -52.19 34.27 -15.16
C VAL E 77 -53.30 33.80 -14.24
N SER E 78 -52.99 32.85 -13.37
CA SER E 78 -53.98 32.31 -12.45
C SER E 78 -53.33 31.63 -11.25
N ALA E 79 -54.03 31.66 -10.11
CA ALA E 79 -53.54 31.06 -8.87
C ALA E 79 -54.66 30.28 -8.20
N ARG E 80 -54.33 29.12 -7.63
CA ARG E 80 -55.32 28.30 -6.96
C ARG E 80 -54.62 27.35 -5.98
N TYR E 81 -55.37 26.87 -4.98
CA TYR E 81 -54.80 25.94 -4.02
C TYR E 81 -55.15 24.53 -4.44
N LYS E 82 -54.24 23.60 -4.14
CA LYS E 82 -54.49 22.19 -4.36
C LYS E 82 -53.94 21.63 -3.06
N GLY E 83 -54.84 21.43 -2.09
CA GLY E 83 -54.40 20.95 -0.80
C GLY E 83 -53.63 22.09 -0.17
N VAL E 84 -52.42 21.80 0.30
CA VAL E 84 -51.60 22.83 0.92
C VAL E 84 -50.61 23.43 -0.09
N ASN E 85 -50.75 23.04 -1.35
CA ASN E 85 -49.89 23.55 -2.40
C ASN E 85 -50.58 24.64 -3.20
N LEU E 86 -49.81 25.63 -3.62
CA LEU E 86 -50.32 26.72 -4.43
C LEU E 86 -49.97 26.38 -5.87
N VAL E 87 -50.95 26.46 -6.77
CA VAL E 87 -50.69 26.18 -8.18
C VAL E 87 -50.87 27.46 -8.98
N LEU E 88 -49.80 27.88 -9.65
CA LEU E 88 -49.83 29.10 -10.44
C LEU E 88 -49.73 28.81 -11.93
N LYS E 89 -50.77 29.16 -12.69
CA LYS E 89 -50.72 28.99 -14.13
C LYS E 89 -49.88 30.18 -14.57
N VAL E 90 -48.80 29.92 -15.29
CA VAL E 90 -47.95 30.99 -15.76
C VAL E 90 -48.13 31.16 -17.26
N ASN E 91 -47.58 32.24 -17.81
CA ASN E 91 -47.72 32.52 -19.24
C ASN E 91 -46.58 32.00 -20.10
N GLN E 92 -45.92 30.95 -19.64
CA GLN E 92 -44.83 30.40 -20.42
C GLN E 92 -44.58 28.95 -20.06
N VAL E 93 -44.68 28.08 -21.06
CA VAL E 93 -44.45 26.66 -20.87
C VAL E 93 -42.98 26.43 -20.66
N ASN E 94 -42.64 25.56 -19.71
CA ASN E 94 -41.24 25.25 -19.43
C ASN E 94 -40.72 24.31 -20.53
N PRO E 95 -39.85 24.83 -21.43
CA PRO E 95 -39.31 24.01 -22.51
C PRO E 95 -38.48 22.82 -22.01
N ASN E 96 -38.07 22.87 -20.75
CA ASN E 96 -37.26 21.78 -20.20
C ASN E 96 -38.03 20.86 -19.26
N THR E 97 -39.34 20.78 -19.43
CA THR E 97 -40.14 19.91 -18.58
C THR E 97 -39.76 18.46 -18.89
N PRO E 98 -39.26 17.73 -17.88
CA PRO E 98 -38.88 16.32 -18.11
C PRO E 98 -40.10 15.43 -18.01
N GLU E 99 -40.03 14.24 -18.60
CA GLU E 99 -41.14 13.30 -18.51
C GLU E 99 -41.15 12.94 -17.03
N HIS E 100 -42.33 12.89 -16.43
CA HIS E 100 -42.39 12.59 -15.00
C HIS E 100 -43.72 12.06 -14.57
N LYS E 101 -43.77 11.65 -13.31
CA LYS E 101 -44.99 11.15 -12.68
C LYS E 101 -44.95 11.61 -11.23
N PHE E 102 -46.08 11.53 -10.56
CA PHE E 102 -46.16 11.91 -9.16
C PHE E 102 -46.57 10.67 -8.35
N LYS E 103 -45.97 10.51 -7.18
CA LYS E 103 -46.32 9.39 -6.31
C LYS E 103 -45.85 9.75 -4.92
N SER E 104 -46.45 9.13 -3.92
CA SER E 104 -46.11 9.41 -2.53
C SER E 104 -45.05 8.43 -2.01
N ILE E 105 -44.12 8.93 -1.22
CA ILE E 105 -43.08 8.10 -0.64
C ILE E 105 -43.63 7.51 0.66
N LYS E 106 -43.20 6.30 0.99
CA LYS E 106 -43.63 5.62 2.21
C LYS E 106 -42.54 5.59 3.27
N ALA E 107 -42.96 5.46 4.53
CA ALA E 107 -42.03 5.40 5.65
C ALA E 107 -40.97 4.36 5.34
N GLY E 108 -39.71 4.71 5.58
CA GLY E 108 -38.62 3.78 5.33
C GLY E 108 -38.05 3.86 3.93
N GLU E 109 -38.74 4.52 3.02
CA GLU E 109 -38.25 4.64 1.66
C GLU E 109 -37.32 5.84 1.51
N SER E 110 -36.30 5.70 0.69
CA SER E 110 -35.36 6.78 0.46
C SER E 110 -35.72 7.59 -0.78
N PHE E 111 -35.32 8.86 -0.78
CA PHE E 111 -35.55 9.72 -1.92
C PHE E 111 -34.55 10.87 -1.92
N ASN E 112 -34.61 11.69 -2.95
CA ASN E 112 -33.65 12.78 -3.09
C ASN E 112 -34.21 14.17 -2.85
N ILE E 113 -33.38 15.03 -2.29
CA ILE E 113 -33.76 16.41 -2.04
C ILE E 113 -32.83 17.32 -2.83
N LEU E 114 -33.42 18.21 -3.61
CA LEU E 114 -32.62 19.20 -4.33
C LEU E 114 -32.92 20.46 -3.53
N ALA E 115 -32.04 20.79 -2.58
CA ALA E 115 -32.22 21.97 -1.76
C ALA E 115 -31.88 23.23 -2.55
N CYS E 116 -32.83 24.14 -2.61
CA CYS E 116 -32.63 25.36 -3.38
C CYS E 116 -32.82 26.59 -2.52
N TYR E 117 -32.07 27.64 -2.85
CA TYR E 117 -32.16 28.89 -2.13
C TYR E 117 -32.74 29.96 -3.03
N GLU E 118 -33.94 30.40 -2.71
CA GLU E 118 -34.62 31.42 -3.49
C GLU E 118 -34.54 31.21 -5.01
N GLY E 119 -34.91 30.01 -5.45
CA GLY E 119 -34.92 29.72 -6.89
C GLY E 119 -33.65 29.20 -7.52
N CYS E 120 -32.60 29.00 -6.74
CA CYS E 120 -31.35 28.50 -7.28
C CYS E 120 -30.94 27.18 -6.65
N PRO E 121 -30.72 26.14 -7.47
CA PRO E 121 -30.32 24.83 -6.94
C PRO E 121 -28.97 24.99 -6.24
N GLY E 122 -28.91 24.57 -4.99
CA GLY E 122 -27.68 24.70 -4.23
C GLY E 122 -27.03 23.37 -3.91
N SER E 123 -27.84 22.40 -3.47
CA SER E 123 -27.29 21.10 -3.13
C SER E 123 -28.29 19.97 -3.32
N VAL E 124 -27.77 18.76 -3.38
CA VAL E 124 -28.58 17.57 -3.54
C VAL E 124 -28.06 16.57 -2.52
N TYR E 125 -28.98 15.93 -1.81
CA TYR E 125 -28.62 14.95 -0.80
C TYR E 125 -29.76 13.99 -0.56
N GLY E 126 -29.43 12.79 -0.10
CA GLY E 126 -30.45 11.79 0.13
C GLY E 126 -31.02 11.83 1.53
N VAL E 127 -32.32 11.54 1.63
CA VAL E 127 -33.02 11.51 2.89
C VAL E 127 -33.86 10.22 2.96
N ASN E 128 -34.52 9.99 4.08
CA ASN E 128 -35.35 8.80 4.21
C ASN E 128 -36.59 9.18 5.02
N MET E 129 -37.74 8.78 4.52
CA MET E 129 -39.02 9.10 5.15
C MET E 129 -39.17 8.43 6.51
N ARG E 130 -39.48 9.22 7.54
CA ARG E 130 -39.68 8.69 8.89
C ARG E 130 -41.14 8.23 9.04
N SER E 131 -41.39 7.34 9.98
CA SER E 131 -42.74 6.80 10.22
C SER E 131 -43.83 7.85 10.36
N GLN E 132 -43.51 9.00 10.96
CA GLN E 132 -44.54 10.01 11.13
C GLN E 132 -44.69 10.95 9.93
N GLY E 133 -44.01 10.64 8.83
CA GLY E 133 -44.12 11.47 7.64
C GLY E 133 -43.20 12.67 7.59
N THR E 134 -42.18 12.69 8.45
CA THR E 134 -41.23 13.79 8.48
C THR E 134 -39.90 13.26 7.95
N ILE E 135 -38.94 14.15 7.74
CA ILE E 135 -37.63 13.74 7.29
C ILE E 135 -36.63 14.61 8.04
N LYS E 136 -35.42 14.11 8.19
CA LYS E 136 -34.38 14.87 8.85
C LYS E 136 -33.53 15.39 7.72
N GLY E 137 -33.90 16.57 7.21
CA GLY E 137 -33.16 17.16 6.13
C GLY E 137 -32.37 18.33 6.66
N SER E 138 -31.86 19.16 5.77
CA SER E 138 -31.09 20.33 6.16
C SER E 138 -31.68 21.49 5.40
N PHE E 139 -32.66 22.14 6.00
CA PHE E 139 -33.31 23.27 5.37
C PHE E 139 -33.08 24.53 6.18
N ILE E 140 -32.88 25.65 5.49
CA ILE E 140 -32.66 26.92 6.15
C ILE E 140 -33.52 27.97 5.46
N ALA E 141 -33.58 29.16 6.05
CA ALA E 141 -34.38 30.25 5.49
C ALA E 141 -34.23 30.34 3.98
N GLY E 142 -35.34 30.19 3.27
CA GLY E 142 -35.30 30.27 1.82
C GLY E 142 -35.28 28.95 1.07
N THR E 143 -35.31 27.83 1.80
CA THR E 143 -35.29 26.53 1.13
C THR E 143 -36.68 25.90 1.03
N CYS E 144 -37.69 26.63 1.49
CA CYS E 144 -39.06 26.13 1.43
C CYS E 144 -39.37 25.90 -0.05
N GLY E 145 -40.10 24.82 -0.33
CA GLY E 145 -40.43 24.53 -1.71
C GLY E 145 -39.38 23.63 -2.35
N SER E 146 -38.29 23.35 -1.62
CA SER E 146 -37.26 22.49 -2.15
C SER E 146 -37.94 21.19 -2.59
N VAL E 147 -37.39 20.57 -3.62
CA VAL E 147 -38.00 19.39 -4.20
C VAL E 147 -37.42 18.02 -3.93
N GLY E 148 -38.33 17.07 -3.71
CA GLY E 148 -37.95 15.70 -3.46
C GLY E 148 -38.36 14.86 -4.65
N TYR E 149 -37.45 13.99 -5.10
CA TYR E 149 -37.71 13.16 -6.26
C TYR E 149 -36.98 11.84 -6.18
N VAL E 150 -37.41 10.89 -7.00
CA VAL E 150 -36.78 9.59 -7.06
C VAL E 150 -36.78 9.12 -8.50
N LEU E 151 -35.68 8.49 -8.89
CA LEU E 151 -35.56 7.93 -10.23
C LEU E 151 -35.72 6.43 -10.04
N GLU E 152 -36.76 5.87 -10.63
CA GLU E 152 -37.02 4.43 -10.53
C GLU E 152 -37.26 3.81 -11.90
N ASN E 153 -36.48 2.79 -12.22
CA ASN E 153 -36.59 2.10 -13.50
C ASN E 153 -36.88 3.09 -14.62
N GLY E 154 -35.91 3.97 -14.87
CA GLY E 154 -36.06 4.95 -15.93
C GLY E 154 -37.11 6.03 -15.74
N ILE E 155 -37.88 5.98 -14.65
CA ILE E 155 -38.92 6.98 -14.42
C ILE E 155 -38.59 8.01 -13.33
N LEU E 156 -38.83 9.28 -13.63
CA LEU E 156 -38.60 10.36 -12.68
C LEU E 156 -39.88 10.64 -11.92
N TYR E 157 -39.83 10.52 -10.59
CA TYR E 157 -41.02 10.81 -9.77
C TYR E 157 -40.81 12.01 -8.88
N PHE E 158 -41.80 12.90 -8.87
CA PHE E 158 -41.76 14.06 -7.98
C PHE E 158 -42.57 13.55 -6.80
N VAL E 159 -41.96 13.56 -5.62
CA VAL E 159 -42.62 13.02 -4.45
C VAL E 159 -42.71 13.93 -3.23
N TYR E 160 -41.90 14.98 -3.19
CA TYR E 160 -41.90 15.84 -2.02
C TYR E 160 -41.63 17.31 -2.27
N MET E 161 -42.30 18.15 -1.51
CA MET E 161 -42.10 19.59 -1.57
C MET E 161 -42.06 20.08 -0.13
N HIS E 162 -40.92 20.63 0.26
CA HIS E 162 -40.74 21.12 1.61
C HIS E 162 -41.60 22.30 1.99
N HIS E 163 -42.20 22.23 3.18
CA HIS E 163 -43.06 23.30 3.67
C HIS E 163 -42.54 23.98 4.94
N LEU E 164 -42.29 23.20 5.98
CA LEU E 164 -41.82 23.78 7.24
C LEU E 164 -41.05 22.86 8.13
N GLU E 165 -40.60 23.42 9.25
CA GLU E 165 -39.83 22.68 10.24
C GLU E 165 -40.60 22.73 11.56
N LEU E 166 -40.89 21.57 12.13
CA LEU E 166 -41.61 21.49 13.39
C LEU E 166 -40.70 21.95 14.53
N GLY E 167 -41.32 22.28 15.65
CA GLY E 167 -40.58 22.74 16.81
C GLY E 167 -39.46 21.80 17.23
N ASN E 168 -39.63 20.51 17.02
CA ASN E 168 -38.60 19.56 17.40
C ASN E 168 -37.51 19.45 16.34
N GLY E 169 -37.61 20.27 15.30
CA GLY E 169 -36.60 20.24 14.25
C GLY E 169 -36.84 19.30 13.07
N SER E 170 -37.94 18.56 13.11
CA SER E 170 -38.26 17.63 12.02
C SER E 170 -38.81 18.41 10.82
N HIS E 171 -38.53 17.92 9.62
CA HIS E 171 -38.99 18.61 8.41
C HIS E 171 -40.25 18.04 7.80
N VAL E 172 -41.20 18.94 7.54
CA VAL E 172 -42.51 18.60 7.00
C VAL E 172 -42.77 19.18 5.61
N GLY E 173 -43.27 18.31 4.73
CA GLY E 173 -43.59 18.69 3.37
C GLY E 173 -44.81 17.92 2.87
N SER E 174 -45.16 18.10 1.60
CA SER E 174 -46.32 17.44 1.02
C SER E 174 -45.99 16.75 -0.29
N ASN E 175 -46.94 15.96 -0.80
CA ASN E 175 -46.74 15.31 -2.08
C ASN E 175 -47.33 16.28 -3.09
N PHE E 176 -47.35 15.93 -4.37
CA PHE E 176 -47.90 16.89 -5.32
C PHE E 176 -49.41 16.85 -5.53
N GLU E 177 -50.10 16.05 -4.72
CA GLU E 177 -51.56 15.99 -4.76
C GLU E 177 -52.00 17.02 -3.71
N GLY E 178 -51.02 17.68 -3.11
CA GLY E 178 -51.31 18.69 -2.10
C GLY E 178 -51.58 18.18 -0.70
N GLU E 179 -51.26 16.91 -0.45
CA GLU E 179 -51.45 16.29 0.85
C GLU E 179 -50.17 16.39 1.67
N MET E 180 -50.27 16.92 2.88
CA MET E 180 -49.10 17.04 3.72
C MET E 180 -48.75 15.68 4.31
N TYR E 181 -47.50 15.25 4.19
CA TYR E 181 -47.10 13.98 4.78
C TYR E 181 -47.27 14.07 6.30
N GLY E 182 -47.82 13.03 6.92
CA GLY E 182 -48.02 13.06 8.36
C GLY E 182 -49.30 13.76 8.78
N GLY E 183 -49.89 14.53 7.87
CA GLY E 183 -51.13 15.24 8.20
C GLY E 183 -50.94 16.54 8.95
N TYR E 184 -49.70 17.02 9.06
CA TYR E 184 -49.46 18.28 9.74
C TYR E 184 -50.08 19.44 8.97
N GLU E 185 -50.47 20.49 9.69
CA GLU E 185 -51.07 21.64 9.04
C GLU E 185 -50.00 22.64 8.63
N ASP E 186 -50.25 23.36 7.53
CA ASP E 186 -49.30 24.36 7.08
C ASP E 186 -49.58 25.67 7.80
N GLN E 187 -49.37 25.62 9.11
CA GLN E 187 -49.57 26.76 10.00
C GLN E 187 -48.39 26.85 10.94
N PRO E 188 -48.12 28.05 11.48
CA PRO E 188 -46.99 28.17 12.40
C PRO E 188 -47.42 27.78 13.82
N SER E 189 -48.02 26.61 13.93
CA SER E 189 -48.50 26.11 15.22
C SER E 189 -47.46 25.21 15.87
N MET E 190 -47.66 24.93 17.16
CA MET E 190 -46.74 24.11 17.93
C MET E 190 -47.11 22.63 17.88
N GLN E 191 -47.58 22.17 16.73
CA GLN E 191 -47.97 20.78 16.57
C GLN E 191 -46.81 19.81 16.82
N LEU E 192 -47.15 18.66 17.38
CA LEU E 192 -46.15 17.65 17.73
C LEU E 192 -46.02 16.58 16.66
N GLU E 193 -44.82 16.04 16.52
CA GLU E 193 -44.56 15.01 15.52
C GLU E 193 -45.15 13.68 15.91
N GLY E 194 -44.86 13.25 17.13
CA GLY E 194 -45.35 11.97 17.58
C GLY E 194 -44.17 11.02 17.67
N THR E 195 -44.40 9.87 18.29
CA THR E 195 -43.36 8.87 18.47
C THR E 195 -42.79 8.33 17.15
N ASN E 196 -41.47 8.37 17.06
CA ASN E 196 -40.76 7.89 15.88
C ASN E 196 -40.62 6.36 15.90
N VAL E 197 -40.92 5.72 14.78
CA VAL E 197 -40.80 4.27 14.67
C VAL E 197 -39.71 3.93 13.67
N MET E 198 -38.60 3.39 14.17
CA MET E 198 -37.45 3.01 13.36
C MET E 198 -37.78 1.89 12.37
N SER E 199 -37.15 1.95 11.19
CA SER E 199 -37.32 0.94 10.17
C SER E 199 -36.35 -0.21 10.46
N SER E 200 -36.88 -1.35 10.90
CA SER E 200 -36.04 -2.50 11.21
C SER E 200 -35.23 -2.94 10.00
N ASP E 201 -35.90 -3.00 8.84
CA ASP E 201 -35.27 -3.38 7.57
C ASP E 201 -34.02 -2.56 7.32
N ASN E 202 -34.15 -1.25 7.48
CA ASN E 202 -33.04 -0.33 7.26
C ASN E 202 -31.92 -0.53 8.27
N VAL E 203 -32.28 -0.74 9.53
CA VAL E 203 -31.24 -0.95 10.55
C VAL E 203 -30.47 -2.24 10.27
N VAL E 204 -31.17 -3.29 9.88
CA VAL E 204 -30.48 -4.54 9.58
C VAL E 204 -29.51 -4.33 8.41
N ALA E 205 -29.91 -3.53 7.43
CA ALA E 205 -29.06 -3.25 6.28
C ALA E 205 -27.81 -2.51 6.78
N PHE E 206 -28.03 -1.54 7.65
CA PHE E 206 -26.96 -0.73 8.22
C PHE E 206 -25.94 -1.60 8.95
N LEU E 207 -26.42 -2.58 9.70
CA LEU E 207 -25.52 -3.46 10.44
C LEU E 207 -24.69 -4.34 9.50
N TYR E 208 -25.30 -4.82 8.41
CA TYR E 208 -24.56 -5.63 7.47
C TYR E 208 -23.43 -4.81 6.85
N ALA E 209 -23.72 -3.55 6.52
CA ALA E 209 -22.72 -2.64 5.93
C ALA E 209 -21.54 -2.53 6.88
N ALA E 210 -21.82 -2.41 8.16
CA ALA E 210 -20.77 -2.32 9.17
C ALA E 210 -19.96 -3.62 9.23
N LEU E 211 -20.66 -4.75 9.04
CA LEU E 211 -19.98 -6.04 9.05
C LEU E 211 -19.02 -6.07 7.86
N ILE E 212 -19.55 -5.75 6.70
CA ILE E 212 -18.78 -5.71 5.46
C ILE E 212 -17.59 -4.76 5.63
N ASN E 213 -17.76 -3.73 6.45
CA ASN E 213 -16.69 -2.76 6.65
C ASN E 213 -15.68 -3.19 7.70
N GLY E 214 -15.90 -4.35 8.31
CA GLY E 214 -14.96 -4.84 9.30
C GLY E 214 -15.35 -4.73 10.76
N GLU E 215 -16.43 -4.01 11.07
CA GLU E 215 -16.86 -3.87 12.45
C GLU E 215 -17.71 -5.06 12.82
N ARG E 216 -17.41 -5.69 13.95
CA ARG E 216 -18.17 -6.85 14.39
C ARG E 216 -18.34 -6.98 15.90
N TRP E 217 -18.02 -5.92 16.63
CA TRP E 217 -18.13 -5.96 18.07
C TRP E 217 -19.57 -6.23 18.55
N PHE E 218 -20.55 -5.91 17.71
CA PHE E 218 -21.95 -6.09 18.09
C PHE E 218 -22.56 -7.47 17.83
N VAL E 219 -21.79 -8.38 17.25
CA VAL E 219 -22.29 -9.73 17.01
C VAL E 219 -21.83 -10.63 18.15
N THR E 220 -22.78 -11.25 18.85
CA THR E 220 -22.46 -12.15 19.96
C THR E 220 -22.82 -13.59 19.58
N ASN E 221 -23.02 -14.46 20.56
CA ASN E 221 -23.37 -15.83 20.25
C ASN E 221 -24.89 -16.03 20.35
N THR E 222 -25.62 -14.96 20.62
CA THR E 222 -27.07 -15.05 20.72
C THR E 222 -27.79 -14.57 19.46
N SER E 223 -28.91 -15.23 19.15
CA SER E 223 -29.72 -14.89 17.98
C SER E 223 -31.17 -14.74 18.37
N MET E 224 -31.98 -14.24 17.45
CA MET E 224 -33.40 -14.04 17.69
C MET E 224 -34.19 -14.27 16.40
N SER E 225 -35.20 -15.13 16.48
CA SER E 225 -36.03 -15.46 15.32
C SER E 225 -36.84 -14.27 14.81
N LEU E 226 -37.26 -14.36 13.55
CA LEU E 226 -38.05 -13.33 12.93
C LEU E 226 -39.32 -13.05 13.73
N GLU E 227 -40.03 -14.11 14.12
CA GLU E 227 -41.26 -13.92 14.90
C GLU E 227 -40.98 -13.25 16.26
N SER E 228 -39.96 -13.70 16.97
CA SER E 228 -39.64 -13.08 18.26
C SER E 228 -39.24 -11.61 18.09
N TYR E 229 -38.39 -11.33 17.10
CA TYR E 229 -37.97 -9.96 16.87
C TYR E 229 -39.17 -9.10 16.54
N ASN E 230 -40.05 -9.59 15.67
CA ASN E 230 -41.21 -8.80 15.29
C ASN E 230 -42.13 -8.45 16.47
N THR E 231 -42.24 -9.34 17.45
CA THR E 231 -43.06 -9.05 18.61
C THR E 231 -42.32 -8.00 19.43
N TRP E 232 -41.01 -8.14 19.51
CA TRP E 232 -40.19 -7.16 20.24
C TRP E 232 -40.26 -5.79 19.54
N ALA E 233 -40.16 -5.79 18.22
CA ALA E 233 -40.18 -4.53 17.46
C ALA E 233 -41.47 -3.74 17.65
N LYS E 234 -42.61 -4.41 17.50
CA LYS E 234 -43.91 -3.74 17.66
C LYS E 234 -44.14 -3.15 19.06
N THR E 235 -43.36 -3.62 20.03
CA THR E 235 -43.51 -3.10 21.39
C THR E 235 -42.29 -2.30 21.82
N ASN E 236 -41.47 -1.91 20.85
CA ASN E 236 -40.25 -1.13 21.12
C ASN E 236 -40.00 -0.05 20.07
N SER E 237 -41.06 0.39 19.40
CA SER E 237 -40.96 1.44 18.39
C SER E 237 -40.13 1.09 17.16
N PHE E 238 -40.23 -0.15 16.70
CA PHE E 238 -39.53 -0.59 15.50
C PHE E 238 -40.58 -1.25 14.62
N THR E 239 -40.36 -1.21 13.31
CA THR E 239 -41.31 -1.84 12.38
C THR E 239 -41.00 -3.33 12.34
N GLU E 240 -41.94 -4.12 11.87
CA GLU E 240 -41.71 -5.54 11.76
C GLU E 240 -40.73 -5.69 10.60
N LEU E 241 -39.87 -6.70 10.66
CA LEU E 241 -38.94 -6.93 9.56
C LEU E 241 -39.84 -7.48 8.47
N SER E 242 -39.71 -6.95 7.26
CA SER E 242 -40.55 -7.40 6.15
C SER E 242 -40.32 -8.88 5.88
N SER E 243 -39.06 -9.30 5.87
CA SER E 243 -38.67 -10.67 5.60
C SER E 243 -37.17 -10.81 5.74
N THR E 244 -36.70 -12.02 6.00
CA THR E 244 -35.27 -12.21 6.13
C THR E 244 -34.65 -12.48 4.75
N ASP E 245 -35.51 -12.73 3.75
CA ASP E 245 -34.98 -13.00 2.41
C ASP E 245 -34.29 -11.80 1.81
N ALA E 246 -34.87 -10.62 2.04
CA ALA E 246 -34.33 -9.38 1.51
C ALA E 246 -32.86 -9.18 1.84
N PHE E 247 -32.36 -9.93 2.82
CA PHE E 247 -30.96 -9.80 3.25
C PHE E 247 -30.09 -11.00 2.93
N SER E 248 -30.64 -11.98 2.23
CA SER E 248 -29.88 -13.19 1.92
C SER E 248 -28.47 -12.96 1.39
N MET E 249 -28.31 -12.11 0.38
CA MET E 249 -26.99 -11.82 -0.20
C MET E 249 -26.03 -11.38 0.89
N LEU E 250 -26.47 -10.41 1.68
CA LEU E 250 -25.68 -9.85 2.77
C LEU E 250 -25.29 -10.93 3.77
N ALA E 251 -26.24 -11.80 4.11
CA ALA E 251 -25.96 -12.86 5.06
C ALA E 251 -24.91 -13.80 4.47
N ALA E 252 -25.06 -14.11 3.18
CA ALA E 252 -24.11 -15.00 2.50
C ALA E 252 -22.71 -14.42 2.45
N LYS E 253 -22.60 -13.12 2.18
CA LYS E 253 -21.30 -12.49 2.08
C LYS E 253 -20.60 -12.31 3.41
N THR E 254 -21.35 -11.93 4.44
CA THR E 254 -20.73 -11.73 5.75
C THR E 254 -20.70 -12.97 6.61
N GLY E 255 -21.44 -14.00 6.21
CA GLY E 255 -21.49 -15.23 7.00
C GLY E 255 -22.30 -15.07 8.28
N GLN E 256 -23.02 -13.97 8.43
CA GLN E 256 -23.82 -13.77 9.63
C GLN E 256 -25.30 -13.82 9.29
N SER E 257 -26.04 -14.65 10.01
CA SER E 257 -27.47 -14.80 9.79
C SER E 257 -28.19 -13.52 10.18
N VAL E 258 -29.34 -13.29 9.57
CA VAL E 258 -30.16 -12.14 9.87
C VAL E 258 -30.52 -12.20 11.33
N GLU E 259 -30.85 -13.41 11.79
CA GLU E 259 -31.23 -13.67 13.16
C GLU E 259 -30.19 -13.15 14.16
N LYS E 260 -28.91 -13.27 13.82
CA LYS E 260 -27.85 -12.77 14.70
C LYS E 260 -27.96 -11.24 14.83
N LEU E 261 -28.26 -10.57 13.72
CA LEU E 261 -28.37 -9.12 13.75
C LEU E 261 -29.66 -8.65 14.40
N LEU E 262 -30.71 -9.46 14.36
CA LEU E 262 -31.97 -9.06 14.99
C LEU E 262 -31.72 -8.99 16.48
N ASP E 263 -30.99 -9.98 17.00
CA ASP E 263 -30.65 -9.99 18.41
C ASP E 263 -29.78 -8.75 18.70
N SER E 264 -28.90 -8.41 17.77
CA SER E 264 -28.03 -7.24 17.94
C SER E 264 -28.86 -5.97 18.12
N ILE E 265 -29.95 -5.85 17.36
CA ILE E 265 -30.81 -4.67 17.46
C ILE E 265 -31.30 -4.53 18.89
N VAL E 266 -31.87 -5.61 19.43
CA VAL E 266 -32.40 -5.62 20.78
C VAL E 266 -31.40 -5.14 21.83
N ARG E 267 -30.14 -5.53 21.70
CA ARG E 267 -29.13 -5.13 22.66
C ARG E 267 -28.61 -3.73 22.40
N LEU E 268 -28.35 -3.41 21.14
CA LEU E 268 -27.82 -2.10 20.77
C LEU E 268 -28.85 -1.00 21.04
N ASN E 269 -30.12 -1.37 21.02
CA ASN E 269 -31.20 -0.42 21.25
C ASN E 269 -31.17 0.13 22.66
N LYS E 270 -30.57 -0.61 23.59
CA LYS E 270 -30.50 -0.14 24.96
C LYS E 270 -29.25 0.72 25.20
N GLY E 271 -28.43 0.90 24.16
CA GLY E 271 -27.24 1.73 24.30
C GLY E 271 -25.98 1.15 23.70
N PHE E 272 -25.21 2.00 23.01
CA PHE E 272 -23.95 1.57 22.39
C PHE E 272 -22.82 1.47 23.42
N GLY E 273 -23.09 1.89 24.65
CA GLY E 273 -22.09 1.81 25.69
C GLY E 273 -20.81 2.53 25.35
N GLY E 274 -20.94 3.65 24.65
CA GLY E 274 -19.78 4.44 24.28
C GLY E 274 -19.09 4.06 22.98
N ARG E 275 -19.52 2.96 22.36
CA ARG E 275 -18.90 2.54 21.11
C ARG E 275 -19.63 3.14 19.92
N THR E 276 -19.11 2.91 18.72
CA THR E 276 -19.75 3.43 17.51
C THR E 276 -19.80 2.40 16.39
N ILE E 277 -20.75 2.60 15.49
CA ILE E 277 -20.89 1.71 14.34
C ILE E 277 -20.81 2.61 13.11
N LEU E 278 -19.72 2.46 12.37
CA LEU E 278 -19.51 3.27 11.18
C LEU E 278 -19.43 4.72 11.62
N SER E 279 -18.80 4.94 12.76
CA SER E 279 -18.62 6.29 13.31
C SER E 279 -19.86 6.89 13.93
N TYR E 280 -20.98 6.20 13.83
CA TYR E 280 -22.25 6.69 14.37
C TYR E 280 -22.41 6.17 15.81
N GLY E 281 -23.09 6.93 16.66
CA GLY E 281 -23.28 6.53 18.04
C GLY E 281 -24.61 5.91 18.42
N SER E 282 -25.41 5.55 17.42
CA SER E 282 -26.71 4.93 17.67
C SER E 282 -27.20 4.25 16.41
N LEU E 283 -28.22 3.40 16.53
CA LEU E 283 -28.74 2.71 15.35
C LEU E 283 -29.16 3.69 14.28
N CYS E 284 -28.78 3.41 13.03
CA CYS E 284 -29.12 4.29 11.91
C CYS E 284 -30.07 3.58 10.96
N ASP E 285 -31.19 4.22 10.62
CA ASP E 285 -32.14 3.61 9.71
C ASP E 285 -32.41 4.47 8.47
N GLU E 286 -31.40 5.21 8.03
CA GLU E 286 -31.52 6.08 6.87
C GLU E 286 -31.30 5.30 5.55
N PHE E 287 -30.69 4.11 5.66
CA PHE E 287 -30.39 3.32 4.48
C PHE E 287 -31.29 2.11 4.30
N THR E 288 -31.85 1.96 3.10
CA THR E 288 -32.71 0.80 2.82
C THR E 288 -31.81 -0.38 2.43
N PRO E 289 -32.36 -1.61 2.45
CA PRO E 289 -31.56 -2.77 2.09
C PRO E 289 -30.98 -2.63 0.68
N THR E 290 -31.78 -2.05 -0.21
CA THR E 290 -31.35 -1.85 -1.60
C THR E 290 -30.14 -0.92 -1.70
N GLU E 291 -30.20 0.24 -1.05
CA GLU E 291 -29.06 1.16 -1.09
C GLU E 291 -27.81 0.43 -0.61
N VAL E 292 -27.91 -0.24 0.54
CA VAL E 292 -26.78 -0.96 1.10
C VAL E 292 -26.25 -2.02 0.13
N ILE E 293 -27.14 -2.79 -0.48
CA ILE E 293 -26.72 -3.84 -1.41
C ILE E 293 -26.00 -3.28 -2.63
N ARG E 294 -26.58 -2.28 -3.28
CA ARG E 294 -25.94 -1.68 -4.46
C ARG E 294 -24.56 -1.16 -4.05
N GLN E 295 -24.58 -0.14 -3.21
CA GLN E 295 -23.38 0.52 -2.71
C GLN E 295 -22.33 -0.43 -2.14
N MET E 296 -22.72 -1.66 -1.82
CA MET E 296 -21.77 -2.60 -1.25
C MET E 296 -21.18 -3.54 -2.31
N TYR E 297 -21.95 -3.86 -3.34
CA TYR E 297 -21.45 -4.76 -4.37
C TYR E 297 -21.83 -4.40 -5.80
N GLY E 298 -23.09 -4.61 -6.17
CA GLY E 298 -23.50 -4.29 -7.53
C GLY E 298 -24.91 -3.74 -7.66
N VAL E 299 -25.24 -3.29 -8.87
CA VAL E 299 -26.56 -2.73 -9.15
C VAL E 299 -27.70 -3.63 -8.69
N SER F 1 -31.38 21.80 9.05
CA SER F 1 -31.38 21.73 10.55
C SER F 1 -30.38 20.67 11.05
N GLY F 2 -29.42 20.32 10.20
CA GLY F 2 -28.43 19.32 10.57
C GLY F 2 -27.23 19.32 9.64
N LEU F 3 -26.07 18.92 10.17
CA LEU F 3 -24.84 18.89 9.37
C LEU F 3 -24.62 17.56 8.65
N ARG F 4 -24.93 17.54 7.35
CA ARG F 4 -24.76 16.35 6.53
C ARG F 4 -24.02 16.69 5.23
N LYS F 5 -23.20 15.77 4.74
CA LYS F 5 -22.47 16.02 3.51
C LYS F 5 -23.45 16.22 2.38
N MET F 6 -23.26 17.30 1.64
CA MET F 6 -24.14 17.58 0.51
C MET F 6 -23.29 17.62 -0.74
N ALA F 7 -23.95 17.56 -1.89
CA ALA F 7 -23.25 17.63 -3.16
C ALA F 7 -23.85 18.82 -3.92
N GLN F 8 -23.05 19.42 -4.79
CA GLN F 8 -23.55 20.54 -5.57
C GLN F 8 -24.30 19.91 -6.74
N PRO F 9 -25.29 20.62 -7.29
CA PRO F 9 -26.07 20.07 -8.42
C PRO F 9 -25.13 19.53 -9.49
N SER F 10 -25.54 18.45 -10.15
CA SER F 10 -24.73 17.79 -11.16
C SER F 10 -25.13 17.96 -12.65
N GLY F 11 -26.17 18.74 -12.90
CA GLY F 11 -26.63 18.94 -14.27
C GLY F 11 -25.59 19.30 -15.33
N LEU F 12 -24.60 20.10 -14.98
CA LEU F 12 -23.58 20.49 -15.96
C LEU F 12 -22.64 19.36 -16.33
N VAL F 13 -22.45 18.41 -15.41
CA VAL F 13 -21.54 17.31 -15.64
C VAL F 13 -22.16 16.11 -16.33
N GLU F 14 -23.39 15.80 -15.93
CA GLU F 14 -24.13 14.65 -16.46
C GLU F 14 -24.03 14.40 -17.97
N PRO F 15 -24.28 15.44 -18.79
CA PRO F 15 -24.20 15.24 -20.24
C PRO F 15 -22.79 14.99 -20.79
N CYS F 16 -21.80 15.02 -19.91
CA CYS F 16 -20.41 14.80 -20.31
C CYS F 16 -19.94 13.38 -20.02
N ILE F 17 -20.71 12.65 -19.24
CA ILE F 17 -20.33 11.28 -18.87
C ILE F 17 -20.69 10.27 -19.94
N VAL F 18 -19.71 9.47 -20.34
CA VAL F 18 -19.94 8.44 -21.34
C VAL F 18 -19.46 7.09 -20.85
N ARG F 19 -19.91 6.03 -21.51
CA ARG F 19 -19.54 4.67 -21.19
C ARG F 19 -18.36 4.31 -22.07
N VAL F 20 -17.31 3.78 -21.46
CA VAL F 20 -16.11 3.40 -22.19
C VAL F 20 -15.81 1.94 -21.88
N SER F 21 -15.71 1.11 -22.90
CA SER F 21 -15.38 -0.30 -22.70
C SER F 21 -14.27 -0.72 -23.66
N TYR F 22 -13.52 -1.73 -23.24
CA TYR F 22 -12.42 -2.29 -24.01
C TYR F 22 -12.19 -3.67 -23.41
N GLY F 23 -12.18 -4.70 -24.25
CA GLY F 23 -12.00 -6.05 -23.74
C GLY F 23 -13.11 -6.34 -22.76
N ASN F 24 -12.76 -6.77 -21.54
CA ASN F 24 -13.77 -7.04 -20.53
C ASN F 24 -13.96 -5.90 -19.54
N ASN F 25 -13.31 -4.77 -19.82
CA ASN F 25 -13.41 -3.60 -18.94
C ASN F 25 -14.47 -2.59 -19.35
N VAL F 26 -15.25 -2.13 -18.38
CA VAL F 26 -16.29 -1.13 -18.63
C VAL F 26 -16.27 -0.10 -17.50
N LEU F 27 -15.96 1.14 -17.86
CA LEU F 27 -15.92 2.20 -16.86
C LEU F 27 -16.45 3.52 -17.42
N ASN F 28 -16.26 4.59 -16.68
CA ASN F 28 -16.73 5.92 -17.07
C ASN F 28 -15.66 6.80 -17.70
N GLY F 29 -16.10 7.69 -18.59
CA GLY F 29 -15.20 8.61 -19.25
C GLY F 29 -15.79 10.00 -19.27
N LEU F 30 -14.93 11.01 -19.40
CA LEU F 30 -15.37 12.41 -19.43
C LEU F 30 -15.24 12.94 -20.87
N TRP F 31 -16.38 13.27 -21.47
CA TRP F 31 -16.43 13.74 -22.84
C TRP F 31 -16.55 15.26 -22.94
N LEU F 32 -15.44 15.92 -23.24
CA LEU F 32 -15.38 17.37 -23.37
C LEU F 32 -14.82 17.69 -24.75
N GLY F 33 -15.55 18.45 -25.54
CA GLY F 33 -15.09 18.79 -26.87
C GLY F 33 -15.02 17.52 -27.71
N ASP F 34 -13.88 17.31 -28.35
CA ASP F 34 -13.68 16.13 -29.19
C ASP F 34 -12.82 15.07 -28.50
N GLU F 35 -12.76 15.14 -27.17
CA GLU F 35 -11.95 14.19 -26.39
C GLU F 35 -12.73 13.47 -25.30
N VAL F 36 -12.26 12.27 -24.98
CA VAL F 36 -12.85 11.47 -23.93
C VAL F 36 -11.72 11.04 -23.03
N ILE F 37 -11.83 11.36 -21.74
CA ILE F 37 -10.80 11.00 -20.77
C ILE F 37 -11.32 9.92 -19.81
N CYS F 38 -10.46 8.94 -19.56
CA CYS F 38 -10.83 7.85 -18.66
C CYS F 38 -9.55 7.21 -18.12
N PRO F 39 -9.69 6.37 -17.09
CA PRO F 39 -8.53 5.69 -16.50
C PRO F 39 -7.89 4.83 -17.60
N ARG F 40 -6.58 4.95 -17.77
CA ARG F 40 -5.93 4.19 -18.81
C ARG F 40 -5.98 2.67 -18.59
N HIS F 41 -6.15 2.23 -17.34
CA HIS F 41 -6.18 0.79 -17.07
C HIS F 41 -7.34 0.07 -17.75
N VAL F 42 -8.22 0.80 -18.41
CA VAL F 42 -9.34 0.18 -19.12
C VAL F 42 -8.80 -0.65 -20.28
N ILE F 43 -7.62 -0.27 -20.74
CA ILE F 43 -6.93 -0.92 -21.86
C ILE F 43 -6.12 -2.13 -21.39
N ALA F 44 -5.91 -2.26 -20.09
CA ALA F 44 -5.12 -3.37 -19.56
C ALA F 44 -5.78 -4.73 -19.77
N SER F 45 -4.99 -5.69 -20.26
CA SER F 45 -5.49 -7.04 -20.52
C SER F 45 -5.73 -7.83 -19.24
N ASP F 46 -5.00 -7.49 -18.18
CA ASP F 46 -5.17 -8.16 -16.89
C ASP F 46 -4.87 -7.17 -15.76
N THR F 47 -5.93 -6.56 -15.26
CA THR F 47 -5.84 -5.59 -14.18
C THR F 47 -5.38 -6.17 -12.84
N THR F 48 -5.32 -7.50 -12.73
CA THR F 48 -4.91 -8.12 -11.47
C THR F 48 -3.40 -8.32 -11.32
N ARG F 49 -2.65 -8.30 -12.41
CA ARG F 49 -1.20 -8.47 -12.35
C ARG F 49 -0.51 -7.19 -12.79
N VAL F 50 0.79 -7.09 -12.55
CA VAL F 50 1.53 -5.89 -12.93
C VAL F 50 1.25 -5.57 -14.40
N ILE F 51 1.05 -4.30 -14.70
CA ILE F 51 0.74 -3.87 -16.06
C ILE F 51 1.85 -3.07 -16.73
N ASN F 52 2.10 -3.38 -18.00
CA ASN F 52 3.09 -2.63 -18.76
C ASN F 52 2.25 -1.79 -19.74
N TYR F 53 1.94 -0.57 -19.32
CA TYR F 53 1.14 0.33 -20.13
C TYR F 53 1.74 0.66 -21.47
N GLU F 54 3.06 0.62 -21.57
CA GLU F 54 3.73 0.90 -22.84
C GLU F 54 3.33 -0.19 -23.82
N ASN F 55 3.43 -1.44 -23.38
CA ASN F 55 3.09 -2.58 -24.21
C ASN F 55 1.58 -2.68 -24.51
N GLU F 56 0.74 -2.33 -23.54
CA GLU F 56 -0.70 -2.38 -23.75
C GLU F 56 -1.11 -1.35 -24.81
N MET F 57 -0.39 -0.23 -24.88
CA MET F 57 -0.71 0.80 -25.86
C MET F 57 -0.35 0.31 -27.25
N SER F 58 0.81 -0.31 -27.37
CA SER F 58 1.29 -0.82 -28.65
C SER F 58 0.34 -1.82 -29.31
N SER F 59 -0.38 -2.60 -28.50
CA SER F 59 -1.30 -3.58 -29.07
C SER F 59 -2.76 -3.12 -29.02
N VAL F 60 -2.98 -1.83 -28.78
CA VAL F 60 -4.33 -1.33 -28.73
C VAL F 60 -4.91 -1.27 -30.13
N ARG F 61 -6.20 -1.53 -30.24
CA ARG F 61 -6.90 -1.48 -31.52
C ARG F 61 -8.12 -0.60 -31.31
N LEU F 62 -8.09 0.57 -31.94
CA LEU F 62 -9.16 1.54 -31.81
C LEU F 62 -10.56 0.97 -31.98
N HIS F 63 -10.76 0.05 -32.92
CA HIS F 63 -12.08 -0.52 -33.15
C HIS F 63 -12.59 -1.33 -31.96
N ASN F 64 -11.67 -1.79 -31.11
CA ASN F 64 -12.05 -2.57 -29.94
C ASN F 64 -12.68 -1.70 -28.88
N PHE F 65 -12.53 -0.39 -29.04
CA PHE F 65 -13.12 0.56 -28.09
C PHE F 65 -14.60 0.68 -28.37
N SER F 66 -15.35 0.97 -27.32
CA SER F 66 -16.77 1.19 -27.41
C SER F 66 -17.04 2.38 -26.49
N VAL F 67 -17.29 3.53 -27.08
CA VAL F 67 -17.56 4.74 -26.33
C VAL F 67 -18.94 5.22 -26.72
N SER F 68 -19.84 5.31 -25.75
CA SER F 68 -21.20 5.74 -26.05
C SER F 68 -21.86 6.63 -24.99
N LYS F 69 -22.89 7.34 -25.43
CA LYS F 69 -23.65 8.23 -24.57
C LYS F 69 -25.11 8.04 -24.94
N ASN F 70 -25.84 7.32 -24.09
CA ASN F 70 -27.26 7.06 -24.36
C ASN F 70 -27.38 6.39 -25.71
N ASN F 71 -26.65 5.27 -25.86
CA ASN F 71 -26.65 4.48 -27.09
C ASN F 71 -26.04 5.21 -28.30
N VAL F 72 -25.67 6.47 -28.12
CA VAL F 72 -25.03 7.24 -29.19
C VAL F 72 -23.55 6.83 -29.16
N PHE F 73 -23.08 6.24 -30.26
CA PHE F 73 -21.70 5.77 -30.35
C PHE F 73 -20.68 6.72 -30.96
N LEU F 74 -19.54 6.86 -30.30
CA LEU F 74 -18.45 7.71 -30.76
C LEU F 74 -17.33 6.83 -31.30
N GLY F 75 -16.70 7.26 -32.39
CA GLY F 75 -15.61 6.51 -32.94
C GLY F 75 -14.33 7.08 -32.37
N VAL F 76 -13.36 6.21 -32.08
CA VAL F 76 -12.09 6.66 -31.55
C VAL F 76 -11.12 6.84 -32.71
N VAL F 77 -10.58 8.04 -32.85
CA VAL F 77 -9.65 8.31 -33.93
C VAL F 77 -8.20 8.12 -33.50
N SER F 78 -7.92 8.28 -32.20
CA SER F 78 -6.58 8.07 -31.67
C SER F 78 -6.61 7.95 -30.16
N ALA F 79 -5.65 7.21 -29.62
CA ALA F 79 -5.55 6.99 -28.19
C ALA F 79 -4.17 7.31 -27.67
N ARG F 80 -4.10 8.07 -26.58
CA ARG F 80 -2.83 8.42 -25.97
C ARG F 80 -2.95 8.53 -24.47
N TYR F 81 -1.82 8.33 -23.79
CA TYR F 81 -1.78 8.44 -22.35
C TYR F 81 -1.45 9.89 -22.04
N LYS F 82 -1.84 10.33 -20.86
CA LYS F 82 -1.51 11.66 -20.36
C LYS F 82 -1.46 11.35 -18.88
N GLY F 83 -0.26 11.06 -18.39
CA GLY F 83 -0.10 10.68 -17.00
C GLY F 83 -0.76 9.32 -16.89
N VAL F 84 -1.59 9.11 -15.88
CA VAL F 84 -2.25 7.82 -15.72
C VAL F 84 -3.59 7.82 -16.45
N ASN F 85 -3.86 8.90 -17.18
CA ASN F 85 -5.10 9.05 -17.92
C ASN F 85 -5.01 8.60 -19.37
N LEU F 86 -6.09 8.01 -19.86
CA LEU F 86 -6.15 7.62 -21.25
C LEU F 86 -6.95 8.75 -21.92
N VAL F 87 -6.42 9.30 -22.99
CA VAL F 87 -7.12 10.37 -23.70
C VAL F 87 -7.50 9.89 -25.10
N LEU F 88 -8.80 9.81 -25.36
CA LEU F 88 -9.28 9.37 -26.65
C LEU F 88 -9.81 10.53 -27.45
N LYS F 89 -9.25 10.73 -28.65
CA LYS F 89 -9.75 11.78 -29.54
C LYS F 89 -10.86 11.06 -30.28
N VAL F 90 -12.08 11.58 -30.18
CA VAL F 90 -13.22 10.95 -30.83
C VAL F 90 -13.70 11.73 -32.05
N ASN F 91 -14.52 11.09 -32.88
CA ASN F 91 -14.99 11.72 -34.10
C ASN F 91 -16.16 12.69 -33.97
N GLN F 92 -16.48 13.08 -32.74
CA GLN F 92 -17.56 14.04 -32.53
C GLN F 92 -17.29 14.97 -31.36
N VAL F 93 -17.84 16.17 -31.43
CA VAL F 93 -17.69 17.15 -30.36
C VAL F 93 -18.92 17.07 -29.47
N ASN F 94 -18.71 17.02 -28.16
CA ASN F 94 -19.84 16.97 -27.24
C ASN F 94 -20.58 18.29 -27.36
N PRO F 95 -21.81 18.27 -27.88
CA PRO F 95 -22.57 19.52 -28.03
C PRO F 95 -22.89 20.17 -26.68
N ASN F 96 -22.92 19.36 -25.63
CA ASN F 96 -23.24 19.90 -24.29
C ASN F 96 -22.01 20.19 -23.45
N THR F 97 -20.86 20.39 -24.08
CA THR F 97 -19.64 20.67 -23.33
C THR F 97 -19.83 22.00 -22.58
N PRO F 98 -19.76 21.96 -21.25
CA PRO F 98 -19.92 23.19 -20.48
C PRO F 98 -18.62 23.97 -20.36
N GLU F 99 -18.75 25.26 -20.03
CA GLU F 99 -17.58 26.11 -19.84
C GLU F 99 -16.92 25.48 -18.62
N HIS F 100 -15.59 25.30 -18.65
CA HIS F 100 -14.92 24.66 -17.52
C HIS F 100 -13.42 24.91 -17.46
N LYS F 101 -12.82 24.53 -16.34
CA LYS F 101 -11.39 24.65 -16.13
C LYS F 101 -10.92 23.40 -15.38
N PHE F 102 -9.62 23.18 -15.31
CA PHE F 102 -9.08 22.02 -14.61
C PHE F 102 -8.13 22.45 -13.52
N LYS F 103 -8.35 21.98 -12.30
CA LYS F 103 -7.46 22.32 -11.19
C LYS F 103 -7.35 21.15 -10.24
N SER F 104 -6.30 21.15 -9.43
CA SER F 104 -6.09 20.08 -8.47
C SER F 104 -6.65 20.49 -7.12
N ILE F 105 -7.34 19.55 -6.48
CA ILE F 105 -7.90 19.79 -5.16
C ILE F 105 -6.77 19.58 -4.17
N LYS F 106 -6.77 20.39 -3.10
CA LYS F 106 -5.74 20.28 -2.07
C LYS F 106 -6.30 19.66 -0.78
N ALA F 107 -5.40 19.09 0.01
CA ALA F 107 -5.78 18.46 1.28
C ALA F 107 -6.77 19.34 2.05
N GLY F 108 -7.77 18.71 2.65
CA GLY F 108 -8.77 19.47 3.39
C GLY F 108 -9.84 20.13 2.54
N GLU F 109 -9.67 20.17 1.22
CA GLU F 109 -10.67 20.78 0.38
C GLU F 109 -11.77 19.78 0.00
N SER F 110 -12.98 20.28 -0.20
CA SER F 110 -14.10 19.43 -0.56
C SER F 110 -14.51 19.59 -2.02
N PHE F 111 -15.10 18.53 -2.57
CA PHE F 111 -15.58 18.53 -3.93
C PHE F 111 -16.66 17.47 -4.11
N ASN F 112 -17.27 17.44 -5.30
CA ASN F 112 -18.36 16.51 -5.58
C ASN F 112 -17.96 15.34 -6.48
N ILE F 113 -18.54 14.18 -6.20
CA ILE F 113 -18.30 12.99 -7.01
C ILE F 113 -19.58 12.64 -7.73
N LEU F 114 -19.53 12.56 -9.05
CA LEU F 114 -20.69 12.14 -9.82
C LEU F 114 -20.32 10.71 -10.13
N ALA F 115 -20.88 9.78 -9.37
CA ALA F 115 -20.59 8.36 -9.57
C ALA F 115 -21.54 7.77 -10.59
N CYS F 116 -20.98 7.17 -11.62
CA CYS F 116 -21.79 6.59 -12.66
C CYS F 116 -21.42 5.12 -12.79
N TYR F 117 -22.40 4.32 -13.19
CA TYR F 117 -22.18 2.90 -13.38
C TYR F 117 -22.10 2.65 -14.88
N GLU F 118 -20.91 2.33 -15.36
CA GLU F 118 -20.70 2.05 -16.77
C GLU F 118 -21.26 3.15 -17.67
N GLY F 119 -20.68 4.35 -17.54
CA GLY F 119 -21.10 5.48 -18.34
C GLY F 119 -22.52 5.91 -18.08
N CYS F 120 -23.01 5.62 -16.88
CA CYS F 120 -24.36 5.96 -16.52
C CYS F 120 -24.46 6.68 -15.16
N PRO F 121 -24.82 7.96 -15.17
CA PRO F 121 -24.96 8.76 -13.94
C PRO F 121 -25.90 8.09 -12.93
N GLY F 122 -25.33 7.55 -11.86
CA GLY F 122 -26.12 6.88 -10.85
C GLY F 122 -26.30 7.66 -9.56
N SER F 123 -25.21 8.22 -9.04
CA SER F 123 -25.30 8.98 -7.80
C SER F 123 -24.26 10.10 -7.70
N VAL F 124 -24.53 11.04 -6.81
CA VAL F 124 -23.66 12.17 -6.58
C VAL F 124 -23.60 12.46 -5.08
N TYR F 125 -22.40 12.65 -4.55
CA TYR F 125 -22.23 12.91 -3.13
C TYR F 125 -20.97 13.74 -2.88
N GLY F 126 -20.91 14.38 -1.72
CA GLY F 126 -19.75 15.22 -1.41
C GLY F 126 -18.61 14.49 -0.73
N VAL F 127 -17.38 14.90 -1.01
CA VAL F 127 -16.21 14.29 -0.40
C VAL F 127 -15.22 15.36 0.04
N ASN F 128 -14.12 14.92 0.65
CA ASN F 128 -13.10 15.85 1.13
C ASN F 128 -11.73 15.20 0.96
N MET F 129 -10.80 15.91 0.34
CA MET F 129 -9.46 15.40 0.09
C MET F 129 -8.65 15.20 1.37
N ARG F 130 -8.08 14.02 1.54
CA ARG F 130 -7.28 13.69 2.70
C ARG F 130 -5.80 13.99 2.45
N SER F 131 -5.05 14.16 3.54
CA SER F 131 -3.63 14.50 3.46
C SER F 131 -2.81 13.57 2.57
N GLN F 132 -3.11 12.28 2.59
CA GLN F 132 -2.37 11.33 1.77
C GLN F 132 -2.85 11.24 0.32
N GLY F 133 -3.71 12.17 -0.09
CA GLY F 133 -4.19 12.18 -1.46
C GLY F 133 -5.38 11.29 -1.78
N THR F 134 -5.97 10.67 -0.77
CA THR F 134 -7.10 9.78 -0.97
C THR F 134 -8.41 10.38 -0.50
N ILE F 135 -9.49 9.63 -0.68
CA ILE F 135 -10.82 10.05 -0.24
C ILE F 135 -11.59 8.80 0.13
N LYS F 136 -12.67 8.98 0.88
CA LYS F 136 -13.50 7.86 1.27
C LYS F 136 -14.84 7.97 0.56
N GLY F 137 -14.98 7.20 -0.52
CA GLY F 137 -16.21 7.19 -1.28
C GLY F 137 -16.91 5.86 -1.15
N SER F 138 -17.48 5.37 -2.25
CA SER F 138 -18.17 4.09 -2.25
C SER F 138 -17.99 3.34 -3.56
N PHE F 139 -17.18 3.91 -4.44
CA PHE F 139 -16.91 3.34 -5.74
C PHE F 139 -16.96 1.81 -5.78
N ILE F 140 -17.94 1.28 -6.50
CA ILE F 140 -18.10 -0.15 -6.67
C ILE F 140 -17.59 -0.48 -8.06
N ALA F 141 -17.31 -1.75 -8.32
CA ALA F 141 -16.81 -2.17 -9.62
C ALA F 141 -17.66 -1.56 -10.71
N GLY F 142 -17.03 -0.76 -11.58
CA GLY F 142 -17.76 -0.13 -12.66
C GLY F 142 -17.89 1.37 -12.49
N THR F 143 -17.62 1.85 -11.28
CA THR F 143 -17.70 3.29 -10.99
C THR F 143 -16.36 3.94 -11.30
N CYS F 144 -15.46 3.15 -11.87
CA CYS F 144 -14.15 3.62 -12.25
C CYS F 144 -14.35 4.73 -13.26
N GLY F 145 -13.53 5.76 -13.16
CA GLY F 145 -13.64 6.88 -14.08
C GLY F 145 -14.60 7.93 -13.58
N SER F 146 -15.22 7.69 -12.42
CA SER F 146 -16.16 8.64 -11.86
C SER F 146 -15.46 9.98 -11.73
N VAL F 147 -16.22 11.03 -11.96
CA VAL F 147 -15.68 12.38 -11.98
C VAL F 147 -15.93 13.24 -10.76
N GLY F 148 -14.86 13.90 -10.32
CA GLY F 148 -14.95 14.80 -9.19
C GLY F 148 -14.94 16.21 -9.77
N TYR F 149 -15.81 17.07 -9.26
CA TYR F 149 -15.90 18.44 -9.75
C TYR F 149 -16.34 19.39 -8.63
N VAL F 150 -16.07 20.68 -8.83
CA VAL F 150 -16.44 21.72 -7.87
C VAL F 150 -16.96 22.94 -8.62
N LEU F 151 -17.98 23.58 -8.06
CA LEU F 151 -18.54 24.80 -8.64
C LEU F 151 -18.12 25.92 -7.68
N GLU F 152 -17.33 26.86 -8.17
CA GLU F 152 -16.87 27.99 -7.35
C GLU F 152 -16.99 29.29 -8.13
N ASN F 153 -17.65 30.29 -7.55
CA ASN F 153 -17.82 31.59 -8.20
C ASN F 153 -18.27 31.48 -9.65
N GLY F 154 -19.25 30.62 -9.90
CA GLY F 154 -19.76 30.46 -11.26
C GLY F 154 -18.85 29.67 -12.20
N ILE F 155 -17.75 29.13 -11.66
CA ILE F 155 -16.81 28.37 -12.48
C ILE F 155 -16.86 26.87 -12.18
N LEU F 156 -17.06 26.08 -13.23
CA LEU F 156 -17.08 24.63 -13.11
C LEU F 156 -15.68 24.08 -13.23
N TYR F 157 -15.19 23.43 -12.17
CA TYR F 157 -13.85 22.85 -12.20
C TYR F 157 -13.89 21.33 -12.15
N PHE F 158 -13.14 20.69 -13.04
CA PHE F 158 -13.05 19.24 -13.05
C PHE F 158 -11.76 19.02 -12.27
N VAL F 159 -11.80 18.20 -11.22
CA VAL F 159 -10.62 18.00 -10.40
C VAL F 159 -10.20 16.57 -10.13
N TYR F 160 -11.11 15.63 -10.33
CA TYR F 160 -10.80 14.24 -9.99
C TYR F 160 -11.45 13.20 -10.91
N MET F 161 -10.72 12.12 -11.13
CA MET F 161 -11.22 11.00 -11.91
C MET F 161 -10.75 9.78 -11.14
N HIS F 162 -11.70 8.92 -10.75
CA HIS F 162 -11.39 7.75 -9.96
C HIS F 162 -10.62 6.63 -10.68
N HIS F 163 -9.63 6.07 -9.99
CA HIS F 163 -8.80 5.01 -10.56
C HIS F 163 -8.82 3.67 -9.85
N LEU F 164 -8.55 3.68 -8.55
CA LEU F 164 -8.47 2.44 -7.81
C LEU F 164 -8.78 2.58 -6.32
N GLU F 165 -8.79 1.44 -5.65
CA GLU F 165 -9.04 1.39 -4.22
C GLU F 165 -7.83 0.74 -3.57
N LEU F 166 -7.29 1.36 -2.52
CA LEU F 166 -6.15 0.79 -1.81
C LEU F 166 -6.63 -0.41 -1.00
N GLY F 167 -5.73 -1.35 -0.72
CA GLY F 167 -6.10 -2.51 0.06
C GLY F 167 -6.82 -2.13 1.36
N ASN F 168 -6.56 -0.91 1.84
CA ASN F 168 -7.19 -0.44 3.08
C ASN F 168 -8.55 0.21 2.83
N GLY F 169 -9.07 0.06 1.62
CA GLY F 169 -10.38 0.63 1.31
C GLY F 169 -10.38 2.08 0.85
N SER F 170 -9.26 2.78 1.02
CA SER F 170 -9.18 4.18 0.62
C SER F 170 -9.17 4.33 -0.91
N HIS F 171 -9.78 5.39 -1.42
CA HIS F 171 -9.87 5.60 -2.86
C HIS F 171 -8.85 6.55 -3.48
N VAL F 172 -8.25 6.08 -4.57
CA VAL F 172 -7.24 6.83 -5.30
C VAL F 172 -7.72 7.29 -6.67
N GLY F 173 -7.39 8.53 -7.00
CA GLY F 173 -7.75 9.10 -8.28
C GLY F 173 -6.67 10.05 -8.77
N SER F 174 -6.91 10.67 -9.92
CA SER F 174 -5.95 11.60 -10.49
C SER F 174 -6.64 12.90 -10.86
N ASN F 175 -5.84 13.90 -11.22
CA ASN F 175 -6.39 15.17 -11.66
C ASN F 175 -6.38 15.05 -13.18
N PHE F 176 -6.85 16.05 -13.91
CA PHE F 176 -6.86 15.91 -15.35
C PHE F 176 -5.58 16.23 -16.09
N GLU F 177 -4.49 16.27 -15.34
CA GLU F 177 -3.15 16.48 -15.88
C GLU F 177 -2.58 15.07 -15.96
N GLY F 178 -3.36 14.12 -15.46
CA GLY F 178 -2.92 12.73 -15.47
C GLY F 178 -2.05 12.43 -14.26
N GLU F 179 -2.04 13.36 -13.30
CA GLU F 179 -1.26 13.20 -12.08
C GLU F 179 -2.14 12.52 -11.04
N MET F 180 -1.65 11.42 -10.48
CA MET F 180 -2.41 10.69 -9.47
C MET F 180 -2.21 11.35 -8.09
N TYR F 181 -3.30 11.73 -7.44
CA TYR F 181 -3.18 12.35 -6.12
C TYR F 181 -2.45 11.40 -5.19
N GLY F 182 -1.59 11.95 -4.33
CA GLY F 182 -0.85 11.12 -3.39
C GLY F 182 0.32 10.38 -4.01
N GLY F 183 0.45 10.45 -5.32
CA GLY F 183 1.54 9.78 -6.00
C GLY F 183 1.42 8.28 -6.22
N TYR F 184 0.27 7.69 -5.90
CA TYR F 184 0.10 6.25 -6.10
C TYR F 184 0.17 5.85 -7.56
N GLU F 185 0.51 4.59 -7.81
CA GLU F 185 0.60 4.09 -9.17
C GLU F 185 -0.66 3.29 -9.50
N ASP F 186 -1.00 3.21 -10.78
CA ASP F 186 -2.18 2.47 -11.20
C ASP F 186 -1.81 1.03 -11.50
N GLN F 187 -1.44 0.31 -10.45
CA GLN F 187 -1.05 -1.09 -10.51
C GLN F 187 -1.71 -1.82 -9.36
N PRO F 188 -1.96 -3.13 -9.52
CA PRO F 188 -2.60 -3.92 -8.45
C PRO F 188 -1.55 -4.31 -7.40
N SER F 189 -0.64 -3.41 -7.10
CA SER F 189 0.44 -3.66 -6.14
C SER F 189 0.02 -3.35 -4.71
N MET F 190 0.98 -3.41 -3.78
CA MET F 190 0.69 -3.13 -2.39
C MET F 190 1.20 -1.77 -1.93
N GLN F 191 0.37 -0.76 -2.13
CA GLN F 191 0.68 0.61 -1.76
C GLN F 191 -0.05 0.90 -0.46
N LEU F 192 0.60 1.62 0.45
CA LEU F 192 0.01 1.96 1.73
C LEU F 192 -0.35 3.44 1.72
N GLU F 193 -1.48 3.78 2.34
CA GLU F 193 -1.89 5.17 2.39
C GLU F 193 -0.91 5.98 3.22
N GLY F 194 -0.66 5.52 4.44
CA GLY F 194 0.25 6.22 5.31
C GLY F 194 -0.50 6.85 6.47
N THR F 195 0.20 7.75 7.18
CA THR F 195 -0.39 8.43 8.32
C THR F 195 -1.26 9.59 7.86
N ASN F 196 -2.52 9.57 8.27
CA ASN F 196 -3.46 10.59 7.89
C ASN F 196 -3.45 11.80 8.83
N VAL F 197 -3.13 12.97 8.28
CA VAL F 197 -3.09 14.21 9.04
C VAL F 197 -4.45 14.88 9.02
N MET F 198 -5.05 15.04 10.19
CA MET F 198 -6.37 15.66 10.31
C MET F 198 -6.26 17.13 9.91
N SER F 199 -7.29 17.65 9.24
CA SER F 199 -7.29 19.04 8.82
C SER F 199 -7.98 19.88 9.89
N SER F 200 -7.19 20.65 10.63
CA SER F 200 -7.69 21.49 11.73
C SER F 200 -8.82 22.47 11.41
N ASP F 201 -8.70 23.17 10.29
CA ASP F 201 -9.72 24.13 9.88
C ASP F 201 -11.09 23.48 9.81
N ASN F 202 -11.13 22.27 9.24
CA ASN F 202 -12.39 21.56 9.08
C ASN F 202 -12.95 21.07 10.41
N VAL F 203 -12.07 20.64 11.30
CA VAL F 203 -12.51 20.15 12.61
C VAL F 203 -13.13 21.31 13.36
N VAL F 204 -12.45 22.46 13.36
CA VAL F 204 -12.97 23.64 14.03
C VAL F 204 -14.33 23.96 13.44
N ALA F 205 -14.43 23.90 12.12
CA ALA F 205 -15.70 24.20 11.45
C ALA F 205 -16.76 23.21 11.93
N PHE F 206 -16.35 21.97 12.13
CA PHE F 206 -17.25 20.92 12.59
C PHE F 206 -17.88 21.31 13.93
N LEU F 207 -17.04 21.65 14.90
CA LEU F 207 -17.52 22.04 16.22
C LEU F 207 -18.51 23.20 16.19
N TYR F 208 -18.21 24.25 15.42
CA TYR F 208 -19.13 25.37 15.33
C TYR F 208 -20.47 24.87 14.82
N ALA F 209 -20.43 23.98 13.84
CA ALA F 209 -21.65 23.43 13.27
C ALA F 209 -22.43 22.78 14.39
N ALA F 210 -21.69 22.18 15.33
CA ALA F 210 -22.30 21.52 16.47
C ALA F 210 -23.01 22.56 17.34
N LEU F 211 -22.28 23.59 17.75
CA LEU F 211 -22.85 24.65 18.58
C LEU F 211 -24.14 25.21 17.97
N ILE F 212 -24.05 25.63 16.71
CA ILE F 212 -25.21 26.17 16.01
C ILE F 212 -26.35 25.16 16.01
N ASN F 213 -26.02 23.90 16.26
CA ASN F 213 -27.02 22.83 16.29
C ASN F 213 -27.51 22.56 17.71
N GLY F 214 -26.75 23.00 18.71
CA GLY F 214 -27.15 22.80 20.09
C GLY F 214 -26.23 21.92 20.91
N GLU F 215 -25.17 21.40 20.28
CA GLU F 215 -24.23 20.54 20.99
C GLU F 215 -23.65 21.25 22.20
N ARG F 216 -23.94 20.69 23.36
CA ARG F 216 -23.51 21.23 24.65
C ARG F 216 -22.19 20.71 25.19
N TRP F 217 -22.29 19.66 26.01
CA TRP F 217 -21.18 19.02 26.68
C TRP F 217 -19.73 19.42 26.39
N PHE F 218 -19.27 19.27 25.16
CA PHE F 218 -17.88 19.60 24.84
C PHE F 218 -17.54 21.07 25.02
N VAL F 219 -18.55 21.88 25.34
CA VAL F 219 -18.34 23.32 25.55
C VAL F 219 -17.38 23.49 26.72
N THR F 220 -16.11 23.70 26.40
CA THR F 220 -15.06 23.85 27.42
C THR F 220 -15.11 25.15 28.21
N ASN F 221 -14.02 25.44 28.89
CA ASN F 221 -13.89 26.64 29.71
C ASN F 221 -12.45 27.14 29.64
N THR F 222 -11.77 26.82 28.55
CA THR F 222 -10.38 27.24 28.37
C THR F 222 -10.14 27.78 26.97
N SER F 223 -8.96 28.33 26.74
CA SER F 223 -8.60 28.89 25.45
C SER F 223 -7.13 28.61 25.15
N MET F 224 -6.88 27.72 24.20
CA MET F 224 -5.52 27.39 23.82
C MET F 224 -5.02 28.32 22.72
N SER F 225 -3.77 28.75 22.86
CA SER F 225 -3.15 29.64 21.89
C SER F 225 -3.00 28.97 20.53
N LEU F 226 -2.94 29.79 19.49
CA LEU F 226 -2.78 29.29 18.14
C LEU F 226 -1.36 28.75 17.98
N GLU F 227 -0.42 29.45 18.57
CA GLU F 227 0.99 29.06 18.51
C GLU F 227 1.18 27.80 19.35
N SER F 228 0.34 27.63 20.35
CA SER F 228 0.43 26.46 21.23
C SER F 228 -0.35 25.29 20.63
N TYR F 229 -1.19 25.59 19.65
CA TYR F 229 -1.97 24.56 18.98
C TYR F 229 -1.18 24.02 17.80
N ASN F 230 -0.57 24.93 17.04
CA ASN F 230 0.23 24.55 15.88
C ASN F 230 1.41 23.69 16.33
N THR F 231 1.94 24.00 17.51
CA THR F 231 3.07 23.25 18.06
C THR F 231 2.57 21.87 18.48
N TRP F 232 1.35 21.83 18.98
CA TRP F 232 0.72 20.59 19.43
C TRP F 232 0.40 19.69 18.23
N ALA F 233 -0.26 20.27 17.24
CA ALA F 233 -0.64 19.56 16.03
C ALA F 233 0.57 18.95 15.32
N LYS F 234 1.64 19.73 15.19
CA LYS F 234 2.85 19.29 14.52
C LYS F 234 3.25 17.85 14.86
N THR F 235 2.83 17.37 16.02
CA THR F 235 3.19 16.01 16.42
C THR F 235 1.98 15.16 16.79
N ASN F 236 0.79 15.63 16.42
CA ASN F 236 -0.44 14.89 16.71
C ASN F 236 -1.26 14.56 15.47
N SER F 237 -0.65 14.76 14.30
CA SER F 237 -1.32 14.50 13.03
C SER F 237 -2.47 15.45 12.76
N PHE F 238 -2.19 16.74 12.91
CA PHE F 238 -3.17 17.79 12.66
C PHE F 238 -2.43 18.94 11.97
N THR F 239 -3.06 19.54 10.97
CA THR F 239 -2.42 20.63 10.24
C THR F 239 -2.37 21.89 11.09
N GLU F 240 -1.47 22.81 10.72
CA GLU F 240 -1.34 24.08 11.43
C GLU F 240 -2.53 24.96 11.06
N LEU F 241 -3.05 25.70 12.04
CA LEU F 241 -4.18 26.58 11.80
C LEU F 241 -3.62 27.96 11.45
N SER F 242 -3.45 28.23 10.16
CA SER F 242 -2.91 29.49 9.67
C SER F 242 -3.42 30.74 10.39
N SER F 243 -4.74 30.88 10.47
CA SER F 243 -5.35 32.04 11.11
C SER F 243 -6.58 31.64 11.92
N THR F 244 -7.42 32.63 12.23
CA THR F 244 -8.64 32.40 12.98
C THR F 244 -9.72 33.34 12.47
N ASP F 245 -9.28 34.32 11.69
CA ASP F 245 -10.18 35.32 11.11
C ASP F 245 -11.07 34.66 10.07
N ALA F 246 -10.87 33.37 9.87
CA ALA F 246 -11.65 32.61 8.91
C ALA F 246 -12.88 32.00 9.60
N PHE F 247 -13.08 32.37 10.87
CA PHE F 247 -14.22 31.85 11.62
C PHE F 247 -15.01 32.99 12.25
N SER F 248 -14.64 34.22 11.91
CA SER F 248 -15.30 35.41 12.44
C SER F 248 -16.82 35.29 12.51
N MET F 249 -17.47 35.00 11.38
CA MET F 249 -18.92 34.88 11.36
C MET F 249 -19.36 33.84 12.38
N LEU F 250 -18.72 32.68 12.34
CA LEU F 250 -19.04 31.58 13.24
C LEU F 250 -18.89 31.96 14.72
N ALA F 251 -17.70 32.41 15.09
CA ALA F 251 -17.45 32.79 16.48
C ALA F 251 -18.49 33.79 16.99
N ALA F 252 -18.77 34.82 16.19
CA ALA F 252 -19.75 35.84 16.56
C ALA F 252 -21.17 35.28 16.55
N LYS F 253 -21.39 34.23 15.76
CA LYS F 253 -22.71 33.63 15.67
C LYS F 253 -23.05 32.81 16.89
N THR F 254 -22.10 31.98 17.34
CA THR F 254 -22.33 31.13 18.50
C THR F 254 -21.74 31.73 19.77
N GLY F 255 -20.93 32.77 19.60
CA GLY F 255 -20.32 33.41 20.76
C GLY F 255 -19.14 32.68 21.34
N GLN F 256 -18.55 31.78 20.56
CA GLN F 256 -17.38 31.02 21.01
C GLN F 256 -16.19 31.28 20.09
N SER F 257 -15.04 31.52 20.70
CA SER F 257 -13.82 31.82 19.95
C SER F 257 -13.12 30.57 19.43
N VAL F 258 -12.23 30.77 18.47
CA VAL F 258 -11.46 29.68 17.88
C VAL F 258 -10.51 29.13 18.93
N GLU F 259 -9.93 30.02 19.73
CA GLU F 259 -9.01 29.61 20.79
C GLU F 259 -9.71 28.69 21.77
N LYS F 260 -11.00 28.93 22.01
CA LYS F 260 -11.75 28.09 22.94
C LYS F 260 -11.87 26.70 22.33
N LEU F 261 -12.23 26.64 21.04
CA LEU F 261 -12.40 25.37 20.35
C LEU F 261 -11.10 24.60 20.09
N LEU F 262 -10.02 25.32 19.81
CA LEU F 262 -8.74 24.65 19.58
C LEU F 262 -8.38 23.87 20.82
N ASP F 263 -8.88 24.33 21.97
CA ASP F 263 -8.62 23.70 23.25
C ASP F 263 -9.43 22.42 23.39
N SER F 264 -10.74 22.51 23.12
CA SER F 264 -11.62 21.36 23.21
C SER F 264 -11.20 20.24 22.27
N ILE F 265 -10.62 20.62 21.13
CA ILE F 265 -10.15 19.64 20.17
C ILE F 265 -9.07 18.76 20.80
N VAL F 266 -8.05 19.40 21.36
CA VAL F 266 -6.95 18.67 21.99
C VAL F 266 -7.43 17.72 23.08
N ARG F 267 -8.52 18.09 23.75
CA ARG F 267 -9.06 17.25 24.80
C ARG F 267 -10.08 16.24 24.26
N LEU F 268 -10.50 16.43 23.01
CA LEU F 268 -11.45 15.53 22.39
C LEU F 268 -10.70 14.45 21.60
N ASN F 269 -9.52 14.80 21.12
CA ASN F 269 -8.71 13.87 20.35
C ASN F 269 -8.17 12.76 21.23
N LYS F 270 -8.45 12.83 22.53
CA LYS F 270 -7.99 11.81 23.47
C LYS F 270 -9.10 10.81 23.76
N GLY F 271 -10.35 11.26 23.61
CA GLY F 271 -11.49 10.40 23.84
C GLY F 271 -12.77 11.19 24.03
N PHE F 272 -13.89 10.65 23.55
CA PHE F 272 -15.18 11.32 23.67
C PHE F 272 -15.94 10.79 24.89
N GLY F 273 -15.28 9.92 25.65
CA GLY F 273 -15.90 9.35 26.83
C GLY F 273 -17.32 8.88 26.57
N GLY F 274 -17.50 8.06 25.54
CA GLY F 274 -18.83 7.56 25.22
C GLY F 274 -19.82 8.59 24.74
N ARG F 275 -19.34 9.81 24.46
CA ARG F 275 -20.22 10.86 23.99
C ARG F 275 -20.10 11.02 22.47
N THR F 276 -21.10 11.65 21.86
CA THR F 276 -21.13 11.86 20.41
C THR F 276 -21.48 13.28 19.96
N ILE F 277 -20.51 13.96 19.37
CA ILE F 277 -20.71 15.32 18.87
C ILE F 277 -21.42 15.25 17.53
N LEU F 278 -22.59 15.86 17.44
CA LEU F 278 -23.37 15.82 16.21
C LEU F 278 -23.58 14.37 15.78
N SER F 279 -23.78 13.50 16.76
CA SER F 279 -24.02 12.08 16.55
C SER F 279 -22.81 11.24 16.11
N TYR F 280 -21.64 11.86 16.00
CA TYR F 280 -20.45 11.12 15.59
C TYR F 280 -19.55 10.85 16.80
N GLY F 281 -18.86 9.70 16.76
CA GLY F 281 -18.01 9.31 17.86
C GLY F 281 -16.56 9.75 17.84
N SER F 282 -16.19 10.61 16.90
CA SER F 282 -14.82 11.11 16.82
C SER F 282 -14.75 12.38 15.98
N LEU F 283 -13.65 13.12 16.11
CA LEU F 283 -13.48 14.37 15.37
C LEU F 283 -13.61 14.18 13.87
N CYS F 284 -14.43 15.01 13.25
CA CYS F 284 -14.67 14.95 11.81
C CYS F 284 -14.08 16.16 11.09
N ASP F 285 -13.28 15.90 10.05
CA ASP F 285 -12.66 16.97 9.28
C ASP F 285 -13.08 16.95 7.81
N GLU F 286 -14.33 16.60 7.54
CA GLU F 286 -14.81 16.54 6.16
C GLU F 286 -15.59 17.77 5.70
N PHE F 287 -15.83 18.70 6.63
CA PHE F 287 -16.55 19.91 6.30
C PHE F 287 -15.61 21.10 6.44
N THR F 288 -15.62 21.99 5.46
CA THR F 288 -14.78 23.17 5.49
C THR F 288 -15.55 24.33 6.13
N PRO F 289 -14.83 25.34 6.64
CA PRO F 289 -15.52 26.47 7.25
C PRO F 289 -16.62 26.98 6.31
N THR F 290 -16.27 27.09 5.04
CA THR F 290 -17.21 27.56 4.02
C THR F 290 -18.44 26.66 3.90
N GLU F 291 -18.25 25.35 3.93
CA GLU F 291 -19.38 24.42 3.84
C GLU F 291 -20.37 24.66 4.95
N VAL F 292 -19.86 24.84 6.17
CA VAL F 292 -20.72 25.08 7.32
C VAL F 292 -21.44 26.41 7.13
N ILE F 293 -20.68 27.46 6.84
CA ILE F 293 -21.25 28.78 6.64
C ILE F 293 -22.47 28.71 5.70
N ARG F 294 -22.27 28.08 4.54
CA ARG F 294 -23.33 27.95 3.53
C ARG F 294 -24.52 27.08 3.94
N GLN F 295 -24.25 25.97 4.61
CA GLN F 295 -25.33 25.09 5.04
C GLN F 295 -26.17 25.71 6.15
N MET F 296 -25.50 26.44 7.03
CA MET F 296 -26.15 27.08 8.17
C MET F 296 -26.74 28.45 7.87
N TYR F 297 -26.10 29.22 7.01
CA TYR F 297 -26.59 30.56 6.69
C TYR F 297 -26.69 30.85 5.19
N GLY F 298 -26.29 29.88 4.38
CA GLY F 298 -26.35 30.02 2.93
C GLY F 298 -26.24 31.41 2.35
N VAL F 299 -25.01 31.90 2.24
CA VAL F 299 -24.79 33.23 1.69
C VAL F 299 -23.65 33.17 0.68
N ASN F 300 -22.48 32.69 1.11
CA ASN F 300 -21.32 32.61 0.23
C ASN F 300 -20.47 31.40 0.57
N VAL G 2 8.61 6.56 29.29
CA VAL G 2 8.82 5.87 30.55
C VAL G 2 9.75 4.69 30.35
N ASN G 3 10.55 4.39 31.37
CA ASN G 3 11.06 3.03 31.55
C ASN G 3 11.72 2.87 32.93
N SER G 4 12.82 2.13 32.99
CA SER G 4 12.92 0.93 33.82
C SER G 4 12.95 1.25 35.30
N THR G 5 12.42 0.33 36.10
CA THR G 5 12.69 0.30 37.54
C THR G 5 13.44 -0.98 37.89
N LEU G 6 14.65 -0.82 38.43
CA LEU G 6 15.34 -1.92 39.10
C LEU G 6 14.68 -2.23 40.44
N GLN G 7 13.70 -3.11 40.38
CA GLN G 7 13.25 -3.82 41.56
C GLN G 7 14.38 -4.73 42.00
C1 0QE G 8 14.67 -4.67 43.48
N VAL H 2 -2.77 -7.56 1.97
CA VAL H 2 -3.70 -7.16 0.92
C VAL H 2 -3.31 -5.76 0.41
N ASN H 3 -3.47 -5.56 -0.90
CA ASN H 3 -3.67 -4.22 -1.46
C ASN H 3 -4.17 -4.28 -2.90
N SER H 4 -3.69 -3.38 -3.74
CA SER H 4 -4.56 -2.50 -4.52
C SER H 4 -5.51 -3.24 -5.44
N THR H 5 -6.64 -2.59 -5.71
CA THR H 5 -7.55 -3.02 -6.77
C THR H 5 -7.75 -1.89 -7.78
N LEU H 6 -7.18 -2.07 -8.97
CA LEU H 6 -7.64 -1.34 -10.15
C LEU H 6 -9.05 -1.77 -10.52
N GLN H 7 -9.98 -1.52 -9.61
CA GLN H 7 -11.20 -0.82 -9.98
C GLN H 7 -10.99 -0.08 -11.30
C1 0QE H 8 -11.59 1.29 -11.29
S SO4 I . -27.27 -24.21 37.62
O1 SO4 I . -26.29 -23.26 37.04
O2 SO4 I . -28.16 -24.71 36.54
O3 SO4 I . -26.57 -25.34 38.25
O4 SO4 I . -28.08 -23.51 38.64
S SO4 J . -20.67 -17.92 35.99
O1 SO4 J . -21.85 -17.64 36.84
O2 SO4 J . -21.01 -17.63 34.58
O3 SO4 J . -19.55 -17.07 36.40
O4 SO4 J . -20.31 -19.35 36.11
S SO4 K . -8.44 1.82 26.93
O1 SO4 K . -9.66 2.59 26.61
O2 SO4 K . -8.77 0.70 27.82
O3 SO4 K . -7.88 1.27 25.67
O4 SO4 K . -7.46 2.71 27.57
S SO4 L . -15.58 -20.89 61.73
O1 SO4 L . -15.08 -20.93 63.12
O2 SO4 L . -16.89 -20.22 61.69
O3 SO4 L . -14.62 -20.12 60.91
O4 SO4 L . -15.71 -22.27 61.24
S SO4 M . -5.27 -49.45 45.05
O1 SO4 M . -6.11 -50.66 45.19
O2 SO4 M . -6.10 -48.33 44.57
O3 SO4 M . -4.68 -49.11 46.35
O4 SO4 M . -4.19 -49.72 44.08
C1 MRD N . -16.88 -38.73 41.34
C2 MRD N . -17.56 -38.33 42.65
O2 MRD N . -17.48 -39.30 43.52
CM MRD N . -16.90 -37.07 43.18
C3 MRD N . -19.02 -38.02 42.35
C4 MRD N . -19.75 -37.69 43.65
O4 MRD N . -19.70 -38.81 44.54
C5 MRD N . -21.20 -37.36 43.34
S SO4 O . 7.40 -0.99 24.38
O1 SO4 O . 7.04 0.39 24.01
O2 SO4 O . 8.51 -0.96 25.34
O3 SO4 O . 6.22 -1.64 24.99
O4 SO4 O . 7.82 -1.75 23.18
S SO4 P . 25.70 -21.43 40.01
O1 SO4 P . 26.55 -22.52 40.53
O2 SO4 P . 24.51 -21.29 40.86
O3 SO4 P . 26.47 -20.16 40.03
O4 SO4 P . 25.30 -21.74 38.62
S SO4 Q . 2.91 12.99 -26.57
O1 SO4 Q . 1.96 12.22 -25.74
O2 SO4 Q . 2.34 14.31 -26.85
O3 SO4 Q . 4.18 13.15 -25.84
O4 SO4 Q . 3.15 12.27 -27.82
S SO4 R . 6.57 3.48 -39.81
O1 SO4 R . 5.64 2.93 -38.81
O2 SO4 R . 5.83 4.43 -40.67
O3 SO4 R . 7.66 4.19 -39.13
O4 SO4 R . 7.12 2.39 -40.64
S SO4 S . 1.99 -3.59 -36.29
O1 SO4 S . 2.85 -2.53 -36.85
O2 SO4 S . 0.85 -2.98 -35.59
O3 SO4 S . 1.52 -4.44 -37.40
O4 SO4 S . 2.75 -4.41 -35.33
S SO4 T . 14.50 25.83 -52.42
O1 SO4 T . 13.82 26.10 -51.14
O2 SO4 T . 13.92 26.70 -53.47
O3 SO4 T . 15.95 26.11 -52.29
O4 SO4 T . 14.33 24.41 -52.79
C1 MRD U . 15.71 -15.13 -32.70
C2 MRD U . 14.27 -14.96 -32.20
O2 MRD U . 14.07 -13.73 -31.85
CM MRD U . 13.32 -15.36 -33.32
C3 MRD U . 14.07 -15.90 -31.01
C4 MRD U . 12.64 -15.83 -30.49
O4 MRD U . 12.34 -14.50 -30.06
C5 MRD U . 12.46 -16.77 -29.31
S SO4 V . 24.99 17.35 -56.76
O1 SO4 V . 24.71 18.11 -55.52
O2 SO4 V . 23.79 17.35 -57.62
O3 SO4 V . 26.11 17.99 -57.47
O4 SO4 V . 25.33 15.96 -56.41
S SO4 W . 29.93 24.25 -58.67
O1 SO4 W . 29.07 23.33 -57.89
O2 SO4 W . 29.24 25.56 -58.80
O3 SO4 W . 31.21 24.44 -57.96
O4 SO4 W . 30.18 23.68 -60.01
S SO4 X . 4.86 -0.72 -55.02
O1 SO4 X . 3.42 -0.45 -55.11
O2 SO4 X . 5.57 0.52 -54.64
O3 SO4 X . 5.10 -1.76 -54.01
O4 SO4 X . 5.36 -1.18 -56.33
S SO4 Y . 5.18 6.93 -52.41
O1 SO4 Y . 4.78 6.07 -51.28
O2 SO4 Y . 4.01 7.23 -53.24
O3 SO4 Y . 5.74 8.18 -51.89
O4 SO4 Y . 6.19 6.22 -53.21
S SO4 Z . 31.13 15.52 -35.25
O1 SO4 Z . 30.66 14.82 -34.04
O2 SO4 Z . 31.14 16.97 -35.02
O3 SO4 Z . 32.48 15.05 -35.60
O4 SO4 Z . 30.18 15.22 -36.34
C1 MRD AA . 38.64 27.05 -43.74
C2 MRD AA . 39.88 26.32 -44.24
O2 MRD AA . 40.88 26.53 -43.45
CM MRD AA . 39.56 24.83 -44.32
C3 MRD AA . 40.20 26.82 -45.65
C4 MRD AA . 41.59 26.38 -46.11
O4 MRD AA . 42.58 26.92 -45.22
C5 MRD AA . 41.88 26.87 -47.51
S SO4 BA . -42.59 15.74 19.44
O1 SO4 BA . -42.25 16.42 20.70
O2 SO4 BA . -43.00 16.75 18.43
O3 SO4 BA . -41.43 14.99 18.96
O4 SO4 BA . -43.70 14.79 19.65
S SO4 CA . -35.81 10.74 16.97
O1 SO4 CA . -37.10 10.37 17.58
O2 SO4 CA . -35.65 12.21 17.03
O3 SO4 CA . -34.71 10.10 17.71
O4 SO4 CA . -35.77 10.30 15.57
S SO4 DA . -15.52 2.40 18.78
O1 SO4 DA . -14.87 2.27 20.09
O2 SO4 DA . -14.55 2.05 17.71
O3 SO4 DA . -16.67 1.49 18.70
O4 SO4 DA . -15.95 3.79 18.59
S SO4 EA . -54.98 41.10 -10.05
O1 SO4 EA . -55.94 41.68 -11.01
O2 SO4 EA . -55.33 39.69 -9.79
O3 SO4 EA . -53.62 41.17 -10.61
O4 SO4 EA . -55.03 41.86 -8.79
S SO4 FA . -27.51 25.06 0.72
O1 SO4 FA . -28.08 24.89 -0.62
O2 SO4 FA . -26.07 24.72 0.69
O3 SO4 FA . -27.68 26.46 1.16
O4 SO4 FA . -28.20 24.16 1.67
C1 MRD GA . -41.84 29.81 6.65
C2 MRD GA . -42.78 29.08 7.59
O2 MRD GA . -42.88 27.82 7.24
CM MRD GA . -42.23 29.19 9.01
C3 MRD GA . -44.15 29.75 7.55
C4 MRD GA . -45.16 29.05 8.46
O4 MRD GA . -45.32 27.68 8.05
C5 MRD GA . -46.50 29.75 8.39
S SO4 HA . -2.24 1.90 5.31
O1 SO4 HA . -2.70 2.01 3.91
O2 SO4 HA . -1.78 3.21 5.78
O3 SO4 HA . -3.36 1.43 6.15
O4 SO4 HA . -1.13 0.93 5.37
S SO4 IA . -7.15 -0.09 -35.36
O1 SO4 IA . -8.36 -0.82 -34.99
O2 SO4 IA . -7.50 0.97 -36.33
O3 SO4 IA . -6.54 0.52 -34.17
O4 SO4 IA . -6.19 -1.02 -35.98
S SO4 JA . -7.96 6.65 8.97
O1 SO4 JA . -7.13 7.86 8.97
O2 SO4 JA . -7.17 5.50 8.49
O3 SO4 JA . -8.43 6.38 10.34
O4 SO4 JA . -9.13 6.84 8.09
#